data_7YAA
# 
_entry.id   7YAA 
# 
_audit_conform.dict_name       mmcif_pdbx.dic 
_audit_conform.dict_version    5.397 
_audit_conform.dict_location   http://mmcif.pdb.org/dictionaries/ascii/mmcif_pdbx.dic 
# 
loop_
_database_2.database_id 
_database_2.database_code 
_database_2.pdbx_database_accession 
_database_2.pdbx_DOI 
PDB   7YAA         pdb_00007yaa 10.2210/pdb7yaa/pdb 
WWPDB D_1300030567 ?            ?                   
# 
loop_
_pdbx_audit_revision_history.ordinal 
_pdbx_audit_revision_history.data_content_type 
_pdbx_audit_revision_history.major_revision 
_pdbx_audit_revision_history.minor_revision 
_pdbx_audit_revision_history.revision_date 
1 'Structure model' 1 0 2023-11-15 
2 'Structure model' 1 1 2024-02-28 
3 'Structure model' 1 2 2024-10-16 
# 
_pdbx_audit_revision_details.ordinal             1 
_pdbx_audit_revision_details.revision_ordinal    1 
_pdbx_audit_revision_details.data_content_type   'Structure model' 
_pdbx_audit_revision_details.provider            repository 
_pdbx_audit_revision_details.type                'Initial release' 
_pdbx_audit_revision_details.description         ? 
_pdbx_audit_revision_details.details             ? 
# 
loop_
_pdbx_audit_revision_group.ordinal 
_pdbx_audit_revision_group.revision_ordinal 
_pdbx_audit_revision_group.data_content_type 
_pdbx_audit_revision_group.group 
1 2 'Structure model' 'Database references' 
2 3 'Structure model' 'Structure summary'   
# 
loop_
_pdbx_audit_revision_category.ordinal 
_pdbx_audit_revision_category.revision_ordinal 
_pdbx_audit_revision_category.data_content_type 
_pdbx_audit_revision_category.category 
1 2 'Structure model' citation                  
2 2 'Structure model' citation_author           
3 3 'Structure model' pdbx_entry_details        
4 3 'Structure model' pdbx_modification_feature 
# 
loop_
_pdbx_audit_revision_item.ordinal 
_pdbx_audit_revision_item.revision_ordinal 
_pdbx_audit_revision_item.data_content_type 
_pdbx_audit_revision_item.item 
1  2 'Structure model' '_citation.country'                            
2  2 'Structure model' '_citation.journal_abbrev'                     
3  2 'Structure model' '_citation.journal_id_CSD'                     
4  2 'Structure model' '_citation.journal_id_ISSN'                    
5  2 'Structure model' '_citation.journal_volume'                     
6  2 'Structure model' '_citation.page_first'                         
7  2 'Structure model' '_citation.page_last'                          
8  2 'Structure model' '_citation.pdbx_database_id_DOI'               
9  2 'Structure model' '_citation.pdbx_database_id_PubMed'            
10 2 'Structure model' '_citation.title'                              
11 2 'Structure model' '_citation.year'                               
12 3 'Structure model' '_pdbx_entry_details.has_protein_modification' 
# 
_pdbx_database_status.status_code                     REL 
_pdbx_database_status.status_code_sf                  REL 
_pdbx_database_status.status_code_mr                  ? 
_pdbx_database_status.entry_id                        7YAA 
_pdbx_database_status.recvd_initial_deposition_date   2022-06-27 
_pdbx_database_status.SG_entry                        N 
_pdbx_database_status.deposit_site                    PDBJ 
_pdbx_database_status.process_site                    PDBJ 
_pdbx_database_status.status_code_cs                  ? 
_pdbx_database_status.status_code_nmr_data            ? 
_pdbx_database_status.methods_development_category    ? 
_pdbx_database_status.pdb_format_compatible           Y 
# 
_pdbx_contact_author.id                 2 
_pdbx_contact_author.email              dlwu@sdu.edu.cn 
_pdbx_contact_author.name_first         Dalei 
_pdbx_contact_author.name_last          Wu 
_pdbx_contact_author.name_mi            ? 
_pdbx_contact_author.role               'principal investigator/group leader' 
_pdbx_contact_author.identifier_ORCID   0000-0003-1817-7229 
# 
loop_
_audit_author.name 
_audit_author.pdbx_ordinal 
_audit_author.identifier_ORCID 
'Li, F.W.' 1 ? 
'Liu, C.'  2 ? 
'Wu, C.L.' 3 ? 
'Wu, D.L.' 4 ? 
# 
_citation.abstract                  ? 
_citation.abstract_id_CAS           ? 
_citation.book_id_ISBN              ? 
_citation.book_publisher            ? 
_citation.book_publisher_city       ? 
_citation.book_title                ? 
_citation.coordinate_linkage        ? 
_citation.country                   UK 
_citation.database_id_Medline       ? 
_citation.details                   ? 
_citation.id                        primary 
_citation.journal_abbrev            'Nat Commun' 
_citation.journal_id_ASTM           ? 
_citation.journal_id_CSD            ? 
_citation.journal_id_ISSN           2041-1723 
_citation.journal_full              ? 
_citation.journal_issue             ? 
_citation.journal_volume            15 
_citation.language                  ? 
_citation.page_first                1476 
_citation.page_last                 1476 
_citation.title                     
'Cyclic peptides discriminate BCL-2 and its clinical mutants from BCL-X L by engaging a single-residue discrepancy.' 
_citation.year                      2024 
_citation.database_id_CSD           ? 
_citation.pdbx_database_id_DOI      10.1038/s41467-024-45848-1 
_citation.pdbx_database_id_PubMed   38368459 
_citation.pdbx_database_id_patent   ? 
_citation.unpublished_flag          ? 
# 
loop_
_citation_author.citation_id 
_citation_author.name 
_citation_author.ordinal 
_citation_author.identifier_ORCID 
primary 'Li, F.'     1  0000-0002-7143-4151 
primary 'Liu, J.'    2  ?                   
primary 'Liu, C.'    3  ?                   
primary 'Liu, Z.'    4  ?                   
primary 'Peng, X.'   5  ?                   
primary 'Huang, Y.'  6  ?                   
primary 'Chen, X.'   7  ?                   
primary 'Sun, X.'    8  ?                   
primary 'Wang, S.'   9  ?                   
primary 'Chen, W.'   10 ?                   
primary 'Xiong, D.'  11 ?                   
primary 'Diao, X.'   12 0000-0001-8449-6688 
primary 'Wang, S.'   13 ?                   
primary 'Zhuang, J.' 14 ?                   
primary 'Wu, C.'     15 0000-0003-2946-7299 
primary 'Wu, D.'     16 0000-0003-1817-7229 
# 
loop_
_entity.id 
_entity.type 
_entity.src_method 
_entity.pdbx_description 
_entity.formula_weight 
_entity.pdbx_number_of_molecules 
_entity.pdbx_ec 
_entity.pdbx_mutation 
_entity.pdbx_fragment 
_entity.details 
1 polymer     man 'Bcl-2-like protein 1'                                           16190.101 1   ? ? ? ? 
2 polymer     syn 'cp3 peptide'                                                    1278.455  1   ? ? ? ? 
3 non-polymer syn GLYCEROL                                                         92.094    1   ? ? ? ? 
4 non-polymer syn 'N-(2-acetamidoethyl)-4-(4-methanoyl-1,3-thiazol-2-yl)benzamide' 317.363   1   ? ? ? ? 
5 water       nat water                                                            18.015    159 ? ? ? ? 
# 
_entity_name_com.entity_id   1 
_entity_name_com.name        'Bcl2-L-1,Apoptosis regulator Bcl-X' 
# 
loop_
_entity_poly.entity_id 
_entity_poly.type 
_entity_poly.nstd_linkage 
_entity_poly.nstd_monomer 
_entity_poly.pdbx_seq_one_letter_code 
_entity_poly.pdbx_seq_one_letter_code_can 
_entity_poly.pdbx_strand_id 
_entity_poly.pdbx_target_identifier 
1 'polypeptide(L)' no no 
;MSQSNRELVVDFLSYKLSQKGYSWSQPMAAVKQALREAGDEFELRYRRAFSDLTSQLHITPGTAYQSFEQVVNELFRDGV
NWGRIVAFFSFGGALCVESVDKEMQVLVSRIASWMATYLNDHLEPWIQENGGWDTFVDLYG
;
;MSQSNRELVVDFLSYKLSQKGYSWSQPMAAVKQALREAGDEFELRYRRAFSDLTSQLHITPGTAYQSFEQVVNELFRDGV
NWGRIVAFFSFGGALCVESVDKEMQVLVSRIASWMATYLNDHLEPWIQENGGWDTFVDLYG
;
A ? 
2 'polypeptide(L)' no no PIRYPWDVEC PIRYPWDVEC B ? 
# 
loop_
_pdbx_entity_nonpoly.entity_id 
_pdbx_entity_nonpoly.name 
_pdbx_entity_nonpoly.comp_id 
3 GLYCEROL                                                         GOL 
4 'N-(2-acetamidoethyl)-4-(4-methanoyl-1,3-thiazol-2-yl)benzamide' JJ9 
5 water                                                            HOH 
# 
loop_
_entity_poly_seq.entity_id 
_entity_poly_seq.num 
_entity_poly_seq.mon_id 
_entity_poly_seq.hetero 
1 1   MET n 
1 2   SER n 
1 3   GLN n 
1 4   SER n 
1 5   ASN n 
1 6   ARG n 
1 7   GLU n 
1 8   LEU n 
1 9   VAL n 
1 10  VAL n 
1 11  ASP n 
1 12  PHE n 
1 13  LEU n 
1 14  SER n 
1 15  TYR n 
1 16  LYS n 
1 17  LEU n 
1 18  SER n 
1 19  GLN n 
1 20  LYS n 
1 21  GLY n 
1 22  TYR n 
1 23  SER n 
1 24  TRP n 
1 25  SER n 
1 26  GLN n 
1 27  PRO n 
1 28  MET n 
1 29  ALA n 
1 30  ALA n 
1 31  VAL n 
1 32  LYS n 
1 33  GLN n 
1 34  ALA n 
1 35  LEU n 
1 36  ARG n 
1 37  GLU n 
1 38  ALA n 
1 39  GLY n 
1 40  ASP n 
1 41  GLU n 
1 42  PHE n 
1 43  GLU n 
1 44  LEU n 
1 45  ARG n 
1 46  TYR n 
1 47  ARG n 
1 48  ARG n 
1 49  ALA n 
1 50  PHE n 
1 51  SER n 
1 52  ASP n 
1 53  LEU n 
1 54  THR n 
1 55  SER n 
1 56  GLN n 
1 57  LEU n 
1 58  HIS n 
1 59  ILE n 
1 60  THR n 
1 61  PRO n 
1 62  GLY n 
1 63  THR n 
1 64  ALA n 
1 65  TYR n 
1 66  GLN n 
1 67  SER n 
1 68  PHE n 
1 69  GLU n 
1 70  GLN n 
1 71  VAL n 
1 72  VAL n 
1 73  ASN n 
1 74  GLU n 
1 75  LEU n 
1 76  PHE n 
1 77  ARG n 
1 78  ASP n 
1 79  GLY n 
1 80  VAL n 
1 81  ASN n 
1 82  TRP n 
1 83  GLY n 
1 84  ARG n 
1 85  ILE n 
1 86  VAL n 
1 87  ALA n 
1 88  PHE n 
1 89  PHE n 
1 90  SER n 
1 91  PHE n 
1 92  GLY n 
1 93  GLY n 
1 94  ALA n 
1 95  LEU n 
1 96  CYS n 
1 97  VAL n 
1 98  GLU n 
1 99  SER n 
1 100 VAL n 
1 101 ASP n 
1 102 LYS n 
1 103 GLU n 
1 104 MET n 
1 105 GLN n 
1 106 VAL n 
1 107 LEU n 
1 108 VAL n 
1 109 SER n 
1 110 ARG n 
1 111 ILE n 
1 112 ALA n 
1 113 SER n 
1 114 TRP n 
1 115 MET n 
1 116 ALA n 
1 117 THR n 
1 118 TYR n 
1 119 LEU n 
1 120 ASN n 
1 121 ASP n 
1 122 HIS n 
1 123 LEU n 
1 124 GLU n 
1 125 PRO n 
1 126 TRP n 
1 127 ILE n 
1 128 GLN n 
1 129 GLU n 
1 130 ASN n 
1 131 GLY n 
1 132 GLY n 
1 133 TRP n 
1 134 ASP n 
1 135 THR n 
1 136 PHE n 
1 137 VAL n 
1 138 ASP n 
1 139 LEU n 
1 140 TYR n 
1 141 GLY n 
2 1   PRO n 
2 2   ILE n 
2 3   ARG n 
2 4   TYR n 
2 5   PRO n 
2 6   TRP n 
2 7   ASP n 
2 8   VAL n 
2 9   GLU n 
2 10  CYS n 
# 
loop_
_entity_src_gen.entity_id 
_entity_src_gen.pdbx_src_id 
_entity_src_gen.pdbx_alt_source_flag 
_entity_src_gen.pdbx_seq_type 
_entity_src_gen.pdbx_beg_seq_num 
_entity_src_gen.pdbx_end_seq_num 
_entity_src_gen.gene_src_common_name 
_entity_src_gen.gene_src_genus 
_entity_src_gen.pdbx_gene_src_gene 
_entity_src_gen.gene_src_species 
_entity_src_gen.gene_src_strain 
_entity_src_gen.gene_src_tissue 
_entity_src_gen.gene_src_tissue_fraction 
_entity_src_gen.gene_src_details 
_entity_src_gen.pdbx_gene_src_fragment 
_entity_src_gen.pdbx_gene_src_scientific_name 
_entity_src_gen.pdbx_gene_src_ncbi_taxonomy_id 
_entity_src_gen.pdbx_gene_src_variant 
_entity_src_gen.pdbx_gene_src_cell_line 
_entity_src_gen.pdbx_gene_src_atcc 
_entity_src_gen.pdbx_gene_src_organ 
_entity_src_gen.pdbx_gene_src_organelle 
_entity_src_gen.pdbx_gene_src_cell 
_entity_src_gen.pdbx_gene_src_cellular_location 
_entity_src_gen.host_org_common_name 
_entity_src_gen.pdbx_host_org_scientific_name 
_entity_src_gen.pdbx_host_org_ncbi_taxonomy_id 
_entity_src_gen.host_org_genus 
_entity_src_gen.pdbx_host_org_gene 
_entity_src_gen.pdbx_host_org_organ 
_entity_src_gen.host_org_species 
_entity_src_gen.pdbx_host_org_tissue 
_entity_src_gen.pdbx_host_org_tissue_fraction 
_entity_src_gen.pdbx_host_org_strain 
_entity_src_gen.pdbx_host_org_variant 
_entity_src_gen.pdbx_host_org_cell_line 
_entity_src_gen.pdbx_host_org_atcc 
_entity_src_gen.pdbx_host_org_culture_collection 
_entity_src_gen.pdbx_host_org_cell 
_entity_src_gen.pdbx_host_org_organelle 
_entity_src_gen.pdbx_host_org_cellular_location 
_entity_src_gen.pdbx_host_org_vector_type 
_entity_src_gen.pdbx_host_org_vector 
_entity_src_gen.host_org_details 
_entity_src_gen.expression_system_id 
_entity_src_gen.plasmid_name 
_entity_src_gen.plasmid_details 
_entity_src_gen.pdbx_description 
1 1 sample 'Biological sequence' 1  26  human ? 'BCL2L1, BCL2L, BCLX' ? ? ? ? ? ? 'Homo sapiens' 9606 ? ? ? ? ? ? ? ? 
'Escherichia coli BL21(DE3)' 469008 ? ? ? ? ? ? ? ? ? ? ? ? ? ? plasmid ? ? ? pET22b ? ? 
1 2 sample 'Biological sequence' 27 141 human ? 'BCL2L1, BCL2L, BCLX' ? ? ? ? ? ? 'Homo sapiens' 9606 ? ? ? ? ? ? ? ? 
'Escherichia coli BL21(DE3)' 469008 ? ? ? ? ? ? ? ? ? ? ? ? ? ? plasmid ? ? ? pET22b ? ? 
# 
_pdbx_entity_src_syn.entity_id              2 
_pdbx_entity_src_syn.pdbx_src_id            1 
_pdbx_entity_src_syn.pdbx_alt_source_flag   sample 
_pdbx_entity_src_syn.pdbx_beg_seq_num       1 
_pdbx_entity_src_syn.pdbx_end_seq_num       10 
_pdbx_entity_src_syn.organism_scientific    'synthetic construct' 
_pdbx_entity_src_syn.organism_common_name   ? 
_pdbx_entity_src_syn.ncbi_taxonomy_id       32630 
_pdbx_entity_src_syn.details                ? 
# 
loop_
_chem_comp.id 
_chem_comp.type 
_chem_comp.mon_nstd_flag 
_chem_comp.name 
_chem_comp.pdbx_synonyms 
_chem_comp.formula 
_chem_comp.formula_weight 
ALA 'L-peptide linking' y ALANINE                                                          ?                               
'C3 H7 N O2'      89.093  
ARG 'L-peptide linking' y ARGININE                                                         ?                               
'C6 H15 N4 O2 1'  175.209 
ASN 'L-peptide linking' y ASPARAGINE                                                       ?                               
'C4 H8 N2 O3'     132.118 
ASP 'L-peptide linking' y 'ASPARTIC ACID'                                                  ?                               
'C4 H7 N O4'      133.103 
CYS 'L-peptide linking' y CYSTEINE                                                         ?                               
'C3 H7 N O2 S'    121.158 
GLN 'L-peptide linking' y GLUTAMINE                                                        ?                               
'C5 H10 N2 O3'    146.144 
GLU 'L-peptide linking' y 'GLUTAMIC ACID'                                                  ?                               
'C5 H9 N O4'      147.129 
GLY 'peptide linking'   y GLYCINE                                                          ?                               
'C2 H5 N O2'      75.067  
GOL non-polymer         . GLYCEROL                                                         'GLYCERIN; PROPANE-1,2,3-TRIOL' 
'C3 H8 O3'        92.094  
HIS 'L-peptide linking' y HISTIDINE                                                        ?                               
'C6 H10 N3 O2 1'  156.162 
HOH non-polymer         . WATER                                                            ?                               'H2 O' 
18.015  
ILE 'L-peptide linking' y ISOLEUCINE                                                       ?                               
'C6 H13 N O2'     131.173 
JJ9 non-polymer         . 'N-(2-acetamidoethyl)-4-(4-methanoyl-1,3-thiazol-2-yl)benzamide' ?                               
'C15 H15 N3 O3 S' 317.363 
LEU 'L-peptide linking' y LEUCINE                                                          ?                               
'C6 H13 N O2'     131.173 
LYS 'L-peptide linking' y LYSINE                                                           ?                               
'C6 H15 N2 O2 1'  147.195 
MET 'L-peptide linking' y METHIONINE                                                       ?                               
'C5 H11 N O2 S'   149.211 
PHE 'L-peptide linking' y PHENYLALANINE                                                    ?                               
'C9 H11 N O2'     165.189 
PRO 'L-peptide linking' y PROLINE                                                          ?                               
'C5 H9 N O2'      115.130 
SER 'L-peptide linking' y SERINE                                                           ?                               
'C3 H7 N O3'      105.093 
THR 'L-peptide linking' y THREONINE                                                        ?                               
'C4 H9 N O3'      119.119 
TRP 'L-peptide linking' y TRYPTOPHAN                                                       ?                               
'C11 H12 N2 O2'   204.225 
TYR 'L-peptide linking' y TYROSINE                                                         ?                               
'C9 H11 N O3'     181.189 
VAL 'L-peptide linking' y VALINE                                                           ?                               
'C5 H11 N O2'     117.146 
# 
loop_
_pdbx_poly_seq_scheme.asym_id 
_pdbx_poly_seq_scheme.entity_id 
_pdbx_poly_seq_scheme.seq_id 
_pdbx_poly_seq_scheme.mon_id 
_pdbx_poly_seq_scheme.ndb_seq_num 
_pdbx_poly_seq_scheme.pdb_seq_num 
_pdbx_poly_seq_scheme.auth_seq_num 
_pdbx_poly_seq_scheme.pdb_mon_id 
_pdbx_poly_seq_scheme.auth_mon_id 
_pdbx_poly_seq_scheme.pdb_strand_id 
_pdbx_poly_seq_scheme.pdb_ins_code 
_pdbx_poly_seq_scheme.hetero 
A 1 1   MET 1   1   1   MET MET A . n 
A 1 2   SER 2   2   2   SER SER A . n 
A 1 3   GLN 3   3   3   GLN GLN A . n 
A 1 4   SER 4   4   4   SER SER A . n 
A 1 5   ASN 5   5   5   ASN ASN A . n 
A 1 6   ARG 6   6   6   ARG ARG A . n 
A 1 7   GLU 7   7   7   GLU GLU A . n 
A 1 8   LEU 8   8   8   LEU LEU A . n 
A 1 9   VAL 9   9   9   VAL VAL A . n 
A 1 10  VAL 10  10  10  VAL VAL A . n 
A 1 11  ASP 11  11  11  ASP ASP A . n 
A 1 12  PHE 12  12  12  PHE PHE A . n 
A 1 13  LEU 13  13  13  LEU LEU A . n 
A 1 14  SER 14  14  14  SER SER A . n 
A 1 15  TYR 15  15  15  TYR TYR A . n 
A 1 16  LYS 16  16  16  LYS LYS A . n 
A 1 17  LEU 17  17  17  LEU LEU A . n 
A 1 18  SER 18  18  18  SER SER A . n 
A 1 19  GLN 19  19  19  GLN GLN A . n 
A 1 20  LYS 20  20  20  LYS LYS A . n 
A 1 21  GLY 21  21  21  GLY GLY A . n 
A 1 22  TYR 22  22  22  TYR TYR A . n 
A 1 23  SER 23  23  23  SER SER A . n 
A 1 24  TRP 24  24  24  TRP TRP A . n 
A 1 25  SER 25  25  25  SER SER A . n 
A 1 26  GLN 26  26  26  GLN GLN A . n 
A 1 27  PRO 27  27  27  PRO PRO A . n 
A 1 28  MET 28  28  28  MET MET A . n 
A 1 29  ALA 29  29  29  ALA ALA A . n 
A 1 30  ALA 30  30  30  ALA ALA A . n 
A 1 31  VAL 31  31  31  VAL VAL A . n 
A 1 32  LYS 32  32  32  LYS LYS A . n 
A 1 33  GLN 33  33  33  GLN GLN A . n 
A 1 34  ALA 34  34  34  ALA ALA A . n 
A 1 35  LEU 35  35  35  LEU LEU A . n 
A 1 36  ARG 36  36  36  ARG ARG A . n 
A 1 37  GLU 37  37  37  GLU GLU A . n 
A 1 38  ALA 38  38  38  ALA ALA A . n 
A 1 39  GLY 39  39  39  GLY GLY A . n 
A 1 40  ASP 40  40  40  ASP ASP A . n 
A 1 41  GLU 41  41  41  GLU GLU A . n 
A 1 42  PHE 42  42  42  PHE PHE A . n 
A 1 43  GLU 43  43  43  GLU GLU A . n 
A 1 44  LEU 44  44  44  LEU LEU A . n 
A 1 45  ARG 45  45  45  ARG ARG A . n 
A 1 46  TYR 46  46  46  TYR TYR A . n 
A 1 47  ARG 47  47  47  ARG ARG A . n 
A 1 48  ARG 48  48  48  ARG ARG A . n 
A 1 49  ALA 49  49  49  ALA ALA A . n 
A 1 50  PHE 50  50  50  PHE PHE A . n 
A 1 51  SER 51  51  51  SER SER A . n 
A 1 52  ASP 52  52  52  ASP ASP A . n 
A 1 53  LEU 53  53  53  LEU LEU A . n 
A 1 54  THR 54  54  54  THR THR A . n 
A 1 55  SER 55  55  55  SER SER A . n 
A 1 56  GLN 56  56  56  GLN GLN A . n 
A 1 57  LEU 57  57  57  LEU LEU A . n 
A 1 58  HIS 58  58  58  HIS HIS A . n 
A 1 59  ILE 59  59  59  ILE ILE A . n 
A 1 60  THR 60  60  60  THR THR A . n 
A 1 61  PRO 61  61  61  PRO PRO A . n 
A 1 62  GLY 62  62  62  GLY GLY A . n 
A 1 63  THR 63  63  63  THR THR A . n 
A 1 64  ALA 64  64  64  ALA ALA A . n 
A 1 65  TYR 65  65  65  TYR TYR A . n 
A 1 66  GLN 66  66  66  GLN GLN A . n 
A 1 67  SER 67  67  67  SER SER A . n 
A 1 68  PHE 68  68  68  PHE PHE A . n 
A 1 69  GLU 69  69  69  GLU GLU A . n 
A 1 70  GLN 70  70  70  GLN GLN A . n 
A 1 71  VAL 71  71  71  VAL VAL A . n 
A 1 72  VAL 72  72  72  VAL VAL A . n 
A 1 73  ASN 73  73  73  ASN ASN A . n 
A 1 74  GLU 74  74  74  GLU GLU A . n 
A 1 75  LEU 75  75  75  LEU LEU A . n 
A 1 76  PHE 76  76  76  PHE PHE A . n 
A 1 77  ARG 77  77  77  ARG ARG A . n 
A 1 78  ASP 78  78  78  ASP ASP A . n 
A 1 79  GLY 79  79  79  GLY GLY A . n 
A 1 80  VAL 80  80  80  VAL VAL A . n 
A 1 81  ASN 81  81  81  ASN ASN A . n 
A 1 82  TRP 82  82  82  TRP TRP A . n 
A 1 83  GLY 83  83  83  GLY GLY A . n 
A 1 84  ARG 84  84  84  ARG ARG A . n 
A 1 85  ILE 85  85  85  ILE ILE A . n 
A 1 86  VAL 86  86  86  VAL VAL A . n 
A 1 87  ALA 87  87  87  ALA ALA A . n 
A 1 88  PHE 88  88  88  PHE PHE A . n 
A 1 89  PHE 89  89  89  PHE PHE A . n 
A 1 90  SER 90  90  90  SER SER A . n 
A 1 91  PHE 91  91  91  PHE PHE A . n 
A 1 92  GLY 92  92  92  GLY GLY A . n 
A 1 93  GLY 93  93  93  GLY GLY A . n 
A 1 94  ALA 94  94  94  ALA ALA A . n 
A 1 95  LEU 95  95  95  LEU LEU A . n 
A 1 96  CYS 96  96  96  CYS CYS A . n 
A 1 97  VAL 97  97  97  VAL VAL A . n 
A 1 98  GLU 98  98  98  GLU GLU A . n 
A 1 99  SER 99  99  99  SER SER A . n 
A 1 100 VAL 100 100 100 VAL VAL A . n 
A 1 101 ASP 101 101 101 ASP ASP A . n 
A 1 102 LYS 102 102 102 LYS LYS A . n 
A 1 103 GLU 103 103 103 GLU GLU A . n 
A 1 104 MET 104 104 104 MET MET A . n 
A 1 105 GLN 105 105 105 GLN GLN A . n 
A 1 106 VAL 106 106 106 VAL VAL A . n 
A 1 107 LEU 107 107 107 LEU LEU A . n 
A 1 108 VAL 108 108 108 VAL VAL A . n 
A 1 109 SER 109 109 109 SER SER A . n 
A 1 110 ARG 110 110 110 ARG ARG A . n 
A 1 111 ILE 111 111 111 ILE ILE A . n 
A 1 112 ALA 112 112 112 ALA ALA A . n 
A 1 113 SER 113 113 113 SER SER A . n 
A 1 114 TRP 114 114 114 TRP TRP A . n 
A 1 115 MET 115 115 115 MET MET A . n 
A 1 116 ALA 116 116 116 ALA ALA A . n 
A 1 117 THR 117 117 117 THR THR A . n 
A 1 118 TYR 118 118 118 TYR TYR A . n 
A 1 119 LEU 119 119 119 LEU LEU A . n 
A 1 120 ASN 120 120 120 ASN ASN A . n 
A 1 121 ASP 121 121 121 ASP ASP A . n 
A 1 122 HIS 122 122 122 HIS HIS A . n 
A 1 123 LEU 123 123 123 LEU LEU A . n 
A 1 124 GLU 124 124 124 GLU GLU A . n 
A 1 125 PRO 125 125 125 PRO PRO A . n 
A 1 126 TRP 126 126 126 TRP TRP A . n 
A 1 127 ILE 127 127 127 ILE ILE A . n 
A 1 128 GLN 128 128 128 GLN GLN A . n 
A 1 129 GLU 129 129 129 GLU GLU A . n 
A 1 130 ASN 130 130 130 ASN ASN A . n 
A 1 131 GLY 131 131 131 GLY GLY A . n 
A 1 132 GLY 132 132 132 GLY GLY A . n 
A 1 133 TRP 133 133 133 TRP TRP A . n 
A 1 134 ASP 134 134 134 ASP ASP A . n 
A 1 135 THR 135 135 135 THR THR A . n 
A 1 136 PHE 136 136 136 PHE PHE A . n 
A 1 137 VAL 137 137 137 VAL VAL A . n 
A 1 138 ASP 138 138 138 ASP ASP A . n 
A 1 139 LEU 139 139 139 LEU LEU A . n 
A 1 140 TYR 140 140 140 TYR TYR A . n 
A 1 141 GLY 141 141 141 GLY GLY A . n 
B 2 1   PRO 1   2   2   PRO PRO B . n 
B 2 2   ILE 2   3   3   ILE ILE B . n 
B 2 3   ARG 3   4   4   ARG ARG B . n 
B 2 4   TYR 4   5   5   TYR TYR B . n 
B 2 5   PRO 5   6   6   PRO PRO B . n 
B 2 6   TRP 6   7   7   TRP TRP B . n 
B 2 7   ASP 7   8   8   ASP ASP B . n 
B 2 8   VAL 8   9   9   VAL VAL B . n 
B 2 9   GLU 9   10  10  GLU GLU B . n 
B 2 10  CYS 10  11  11  CYS CYS B . n 
# 
_pdbx_entity_instance_feature.ordinal        1 
_pdbx_entity_instance_feature.comp_id        JJ9 
_pdbx_entity_instance_feature.asym_id        ? 
_pdbx_entity_instance_feature.seq_num        ? 
_pdbx_entity_instance_feature.auth_comp_id   JJ9 
_pdbx_entity_instance_feature.auth_asym_id   ? 
_pdbx_entity_instance_feature.auth_seq_num   ? 
_pdbx_entity_instance_feature.feature_type   'SUBJECT OF INVESTIGATION' 
_pdbx_entity_instance_feature.details        ? 
# 
loop_
_pdbx_nonpoly_scheme.asym_id 
_pdbx_nonpoly_scheme.entity_id 
_pdbx_nonpoly_scheme.mon_id 
_pdbx_nonpoly_scheme.ndb_seq_num 
_pdbx_nonpoly_scheme.pdb_seq_num 
_pdbx_nonpoly_scheme.auth_seq_num 
_pdbx_nonpoly_scheme.pdb_mon_id 
_pdbx_nonpoly_scheme.auth_mon_id 
_pdbx_nonpoly_scheme.pdb_strand_id 
_pdbx_nonpoly_scheme.pdb_ins_code 
C 3 GOL 1   201 1   GOL GOL A . 
D 4 JJ9 1   101 1   JJ9 LIG B . 
E 5 HOH 1   301 64  HOH HOH A . 
E 5 HOH 2   302 158 HOH HOH A . 
E 5 HOH 3   303 154 HOH HOH A . 
E 5 HOH 4   304 48  HOH HOH A . 
E 5 HOH 5   305 77  HOH HOH A . 
E 5 HOH 6   306 101 HOH HOH A . 
E 5 HOH 7   307 78  HOH HOH A . 
E 5 HOH 8   308 72  HOH HOH A . 
E 5 HOH 9   309 30  HOH HOH A . 
E 5 HOH 10  310 157 HOH HOH A . 
E 5 HOH 11  311 10  HOH HOH A . 
E 5 HOH 12  312 24  HOH HOH A . 
E 5 HOH 13  313 19  HOH HOH A . 
E 5 HOH 14  314 29  HOH HOH A . 
E 5 HOH 15  315 120 HOH HOH A . 
E 5 HOH 16  316 143 HOH HOH A . 
E 5 HOH 17  317 81  HOH HOH A . 
E 5 HOH 18  318 139 HOH HOH A . 
E 5 HOH 19  319 63  HOH HOH A . 
E 5 HOH 20  320 151 HOH HOH A . 
E 5 HOH 21  321 21  HOH HOH A . 
E 5 HOH 22  322 118 HOH HOH A . 
E 5 HOH 23  323 105 HOH HOH A . 
E 5 HOH 24  324 127 HOH HOH A . 
E 5 HOH 25  325 38  HOH HOH A . 
E 5 HOH 26  326 53  HOH HOH A . 
E 5 HOH 27  327 133 HOH HOH A . 
E 5 HOH 28  328 31  HOH HOH A . 
E 5 HOH 29  329 66  HOH HOH A . 
E 5 HOH 30  330 91  HOH HOH A . 
E 5 HOH 31  331 104 HOH HOH A . 
E 5 HOH 32  332 54  HOH HOH A . 
E 5 HOH 33  333 42  HOH HOH A . 
E 5 HOH 34  334 6   HOH HOH A . 
E 5 HOH 35  335 99  HOH HOH A . 
E 5 HOH 36  336 22  HOH HOH A . 
E 5 HOH 37  337 17  HOH HOH A . 
E 5 HOH 38  338 51  HOH HOH A . 
E 5 HOH 39  339 102 HOH HOH A . 
E 5 HOH 40  340 28  HOH HOH A . 
E 5 HOH 41  341 132 HOH HOH A . 
E 5 HOH 42  342 36  HOH HOH A . 
E 5 HOH 43  343 121 HOH HOH A . 
E 5 HOH 44  344 47  HOH HOH A . 
E 5 HOH 45  345 4   HOH HOH A . 
E 5 HOH 46  346 25  HOH HOH A . 
E 5 HOH 47  347 55  HOH HOH A . 
E 5 HOH 48  348 85  HOH HOH A . 
E 5 HOH 49  349 20  HOH HOH A . 
E 5 HOH 50  350 34  HOH HOH A . 
E 5 HOH 51  351 59  HOH HOH A . 
E 5 HOH 52  352 27  HOH HOH A . 
E 5 HOH 53  353 2   HOH HOH A . 
E 5 HOH 54  354 129 HOH HOH A . 
E 5 HOH 55  355 14  HOH HOH A . 
E 5 HOH 56  356 117 HOH HOH A . 
E 5 HOH 57  357 140 HOH HOH A . 
E 5 HOH 58  358 15  HOH HOH A . 
E 5 HOH 59  359 13  HOH HOH A . 
E 5 HOH 60  360 69  HOH HOH A . 
E 5 HOH 61  361 136 HOH HOH A . 
E 5 HOH 62  362 1   HOH HOH A . 
E 5 HOH 63  363 12  HOH HOH A . 
E 5 HOH 64  364 147 HOH HOH A . 
E 5 HOH 65  365 52  HOH HOH A . 
E 5 HOH 66  366 92  HOH HOH A . 
E 5 HOH 67  367 62  HOH HOH A . 
E 5 HOH 68  368 106 HOH HOH A . 
E 5 HOH 69  369 148 HOH HOH A . 
E 5 HOH 70  370 100 HOH HOH A . 
E 5 HOH 71  371 82  HOH HOH A . 
E 5 HOH 72  372 131 HOH HOH A . 
E 5 HOH 73  373 45  HOH HOH A . 
E 5 HOH 74  374 23  HOH HOH A . 
E 5 HOH 75  375 40  HOH HOH A . 
E 5 HOH 76  376 130 HOH HOH A . 
E 5 HOH 77  377 26  HOH HOH A . 
E 5 HOH 78  378 57  HOH HOH A . 
E 5 HOH 79  379 11  HOH HOH A . 
E 5 HOH 80  380 116 HOH HOH A . 
E 5 HOH 81  381 138 HOH HOH A . 
E 5 HOH 82  382 9   HOH HOH A . 
E 5 HOH 83  383 113 HOH HOH A . 
E 5 HOH 84  384 80  HOH HOH A . 
E 5 HOH 85  385 115 HOH HOH A . 
E 5 HOH 86  386 70  HOH HOH A . 
E 5 HOH 87  387 32  HOH HOH A . 
E 5 HOH 88  388 58  HOH HOH A . 
E 5 HOH 89  389 56  HOH HOH A . 
E 5 HOH 90  390 33  HOH HOH A . 
E 5 HOH 91  391 146 HOH HOH A . 
E 5 HOH 92  392 119 HOH HOH A . 
E 5 HOH 93  393 126 HOH HOH A . 
E 5 HOH 94  394 43  HOH HOH A . 
E 5 HOH 95  395 95  HOH HOH A . 
E 5 HOH 96  396 156 HOH HOH A . 
E 5 HOH 97  397 71  HOH HOH A . 
E 5 HOH 98  398 98  HOH HOH A . 
E 5 HOH 99  399 108 HOH HOH A . 
E 5 HOH 100 400 37  HOH HOH A . 
E 5 HOH 101 401 3   HOH HOH A . 
E 5 HOH 102 402 79  HOH HOH A . 
E 5 HOH 103 403 155 HOH HOH A . 
E 5 HOH 104 404 97  HOH HOH A . 
E 5 HOH 105 405 35  HOH HOH A . 
E 5 HOH 106 406 65  HOH HOH A . 
E 5 HOH 107 407 68  HOH HOH A . 
E 5 HOH 108 408 107 HOH HOH A . 
E 5 HOH 109 409 123 HOH HOH A . 
E 5 HOH 110 410 124 HOH HOH A . 
E 5 HOH 111 411 109 HOH HOH A . 
E 5 HOH 112 412 88  HOH HOH A . 
E 5 HOH 113 413 87  HOH HOH A . 
E 5 HOH 114 414 94  HOH HOH A . 
E 5 HOH 115 415 50  HOH HOH A . 
E 5 HOH 116 416 141 HOH HOH A . 
E 5 HOH 117 417 96  HOH HOH A . 
E 5 HOH 118 418 134 HOH HOH A . 
E 5 HOH 119 419 153 HOH HOH A . 
E 5 HOH 120 420 93  HOH HOH A . 
E 5 HOH 121 421 18  HOH HOH A . 
E 5 HOH 122 422 90  HOH HOH A . 
E 5 HOH 123 423 135 HOH HOH A . 
E 5 HOH 124 424 142 HOH HOH A . 
E 5 HOH 125 425 61  HOH HOH A . 
E 5 HOH 126 426 46  HOH HOH A . 
E 5 HOH 127 427 110 HOH HOH A . 
E 5 HOH 128 428 74  HOH HOH A . 
E 5 HOH 129 429 150 HOH HOH A . 
E 5 HOH 130 430 60  HOH HOH A . 
E 5 HOH 131 431 73  HOH HOH A . 
E 5 HOH 132 432 122 HOH HOH A . 
E 5 HOH 133 433 137 HOH HOH A . 
E 5 HOH 134 434 111 HOH HOH A . 
E 5 HOH 135 435 152 HOH HOH A . 
E 5 HOH 136 436 149 HOH HOH A . 
E 5 HOH 137 437 86  HOH HOH A . 
E 5 HOH 138 438 75  HOH HOH A . 
E 5 HOH 139 439 76  HOH HOH A . 
E 5 HOH 140 440 39  HOH HOH A . 
E 5 HOH 141 441 89  HOH HOH A . 
E 5 HOH 142 442 144 HOH HOH A . 
E 5 HOH 143 443 112 HOH HOH A . 
F 5 HOH 1   201 159 HOH HOH B . 
F 5 HOH 2   202 67  HOH HOH B . 
F 5 HOH 3   203 103 HOH HOH B . 
F 5 HOH 4   204 145 HOH HOH B . 
F 5 HOH 5   205 8   HOH HOH B . 
F 5 HOH 6   206 128 HOH HOH B . 
F 5 HOH 7   207 44  HOH HOH B . 
F 5 HOH 8   208 83  HOH HOH B . 
F 5 HOH 9   209 16  HOH HOH B . 
F 5 HOH 10  210 7   HOH HOH B . 
F 5 HOH 11  211 49  HOH HOH B . 
F 5 HOH 12  212 114 HOH HOH B . 
F 5 HOH 13  213 5   HOH HOH B . 
F 5 HOH 14  214 125 HOH HOH B . 
F 5 HOH 15  215 84  HOH HOH B . 
F 5 HOH 16  216 41  HOH HOH B . 
# 
loop_
_pdbx_unobs_or_zero_occ_atoms.id 
_pdbx_unobs_or_zero_occ_atoms.PDB_model_num 
_pdbx_unobs_or_zero_occ_atoms.polymer_flag 
_pdbx_unobs_or_zero_occ_atoms.occupancy_flag 
_pdbx_unobs_or_zero_occ_atoms.auth_asym_id 
_pdbx_unobs_or_zero_occ_atoms.auth_comp_id 
_pdbx_unobs_or_zero_occ_atoms.auth_seq_id 
_pdbx_unobs_or_zero_occ_atoms.PDB_ins_code 
_pdbx_unobs_or_zero_occ_atoms.auth_atom_id 
_pdbx_unobs_or_zero_occ_atoms.label_alt_id 
_pdbx_unobs_or_zero_occ_atoms.label_asym_id 
_pdbx_unobs_or_zero_occ_atoms.label_comp_id 
_pdbx_unobs_or_zero_occ_atoms.label_seq_id 
_pdbx_unobs_or_zero_occ_atoms.label_atom_id 
1  1 Y 1 A MET 1   ? CG  ? A MET 1   CG  
2  1 Y 1 A MET 1   ? SD  ? A MET 1   SD  
3  1 Y 1 A MET 1   ? CE  ? A MET 1   CE  
4  1 Y 1 A ARG 48  ? CG  ? A ARG 48  CG  
5  1 Y 1 A ARG 48  ? CD  ? A ARG 48  CD  
6  1 Y 1 A ARG 48  ? NE  ? A ARG 48  NE  
7  1 Y 1 A ARG 48  ? CZ  ? A ARG 48  CZ  
8  1 Y 1 A ARG 48  ? NH1 ? A ARG 48  NH1 
9  1 Y 1 A ARG 48  ? NH2 ? A ARG 48  NH2 
10 1 Y 1 A GLN 105 ? CG  ? A GLN 105 CG  
11 1 Y 1 A GLN 105 ? CD  ? A GLN 105 CD  
12 1 Y 1 A GLN 105 ? OE1 ? A GLN 105 OE1 
13 1 Y 1 A GLN 105 ? NE2 ? A GLN 105 NE2 
# 
loop_
_software.citation_id 
_software.classification 
_software.compiler_name 
_software.compiler_version 
_software.contact_author 
_software.contact_author_email 
_software.date 
_software.description 
_software.dependencies 
_software.hardware 
_software.language 
_software.location 
_software.mods 
_software.name 
_software.os 
_software.os_version 
_software.type 
_software.version 
_software.pdbx_ordinal 
? refinement        ? ? ? ? ? ? ? ? ? ? ? REFMAC      ? ? ? 5.8.0267 1 
? 'data scaling'    ? ? ? ? ? ? ? ? ? ? ? HKL-3000    ? ? ? .        2 
? 'data extraction' ? ? ? ? ? ? ? ? ? ? ? PDB_EXTRACT ? ? ? 3.27     3 
? 'data reduction'  ? ? ? ? ? ? ? ? ? ? ? HKL-3000    ? ? ? .        4 
? phasing           ? ? ? ? ? ? ? ? ? ? ? PHASER      ? ? ? .        5 
# 
_cell.angle_alpha                  90.00 
_cell.angle_alpha_esd              ? 
_cell.angle_beta                   90.00 
_cell.angle_beta_esd               ? 
_cell.angle_gamma                  90.00 
_cell.angle_gamma_esd              ? 
_cell.entry_id                     7YAA 
_cell.details                      ? 
_cell.formula_units_Z              ? 
_cell.length_a                     69.520 
_cell.length_a_esd                 ? 
_cell.length_b                     99.874 
_cell.length_b_esd                 ? 
_cell.length_c                     51.197 
_cell.length_c_esd                 ? 
_cell.volume                       ? 
_cell.volume_esd                   ? 
_cell.Z_PDB                        8 
_cell.reciprocal_angle_alpha       ? 
_cell.reciprocal_angle_beta        ? 
_cell.reciprocal_angle_gamma       ? 
_cell.reciprocal_angle_alpha_esd   ? 
_cell.reciprocal_angle_beta_esd    ? 
_cell.reciprocal_angle_gamma_esd   ? 
_cell.reciprocal_length_a          ? 
_cell.reciprocal_length_b          ? 
_cell.reciprocal_length_c          ? 
_cell.reciprocal_length_a_esd      ? 
_cell.reciprocal_length_b_esd      ? 
_cell.reciprocal_length_c_esd      ? 
_cell.pdbx_unique_axis             ? 
_cell.pdbx_esd_method              ? 
# 
_symmetry.entry_id                         7YAA 
_symmetry.cell_setting                     ? 
_symmetry.Int_Tables_number                20 
_symmetry.space_group_name_Hall            ? 
_symmetry.space_group_name_H-M             'C 2 2 21' 
_symmetry.pdbx_full_space_group_name_H-M   ? 
# 
_exptl.absorpt_coefficient_mu     ? 
_exptl.absorpt_correction_T_max   ? 
_exptl.absorpt_correction_T_min   ? 
_exptl.absorpt_correction_type    ? 
_exptl.absorpt_process_details    ? 
_exptl.entry_id                   7YAA 
_exptl.crystals_number            1 
_exptl.details                    ? 
_exptl.method                     'X-RAY DIFFRACTION' 
_exptl.method_details             ? 
# 
_exptl_crystal.colour                       ? 
_exptl_crystal.density_diffrn               ? 
_exptl_crystal.density_Matthews             2.54 
_exptl_crystal.density_method               ? 
_exptl_crystal.density_percent_sol          51.64 
_exptl_crystal.description                  ? 
_exptl_crystal.F_000                        ? 
_exptl_crystal.id                           1 
_exptl_crystal.preparation                  ? 
_exptl_crystal.size_max                     ? 
_exptl_crystal.size_mid                     ? 
_exptl_crystal.size_min                     ? 
_exptl_crystal.size_rad                     ? 
_exptl_crystal.colour_lustre                ? 
_exptl_crystal.colour_modifier              ? 
_exptl_crystal.colour_primary               ? 
_exptl_crystal.density_meas                 ? 
_exptl_crystal.density_meas_esd             ? 
_exptl_crystal.density_meas_gt              ? 
_exptl_crystal.density_meas_lt              ? 
_exptl_crystal.density_meas_temp            ? 
_exptl_crystal.density_meas_temp_esd        ? 
_exptl_crystal.density_meas_temp_gt         ? 
_exptl_crystal.density_meas_temp_lt         ? 
_exptl_crystal.pdbx_crystal_image_url       ? 
_exptl_crystal.pdbx_crystal_image_format    ? 
_exptl_crystal.pdbx_mosaicity               ? 
_exptl_crystal.pdbx_mosaicity_esd           ? 
_exptl_crystal.pdbx_mosaic_method           ? 
_exptl_crystal.pdbx_mosaic_block_size       ? 
_exptl_crystal.pdbx_mosaic_block_size_esd   ? 
# 
_exptl_crystal_grow.apparatus       ? 
_exptl_crystal_grow.atmosphere      ? 
_exptl_crystal_grow.crystal_id      1 
_exptl_crystal_grow.details         ? 
_exptl_crystal_grow.method          'VAPOR DIFFUSION' 
_exptl_crystal_grow.method_ref      ? 
_exptl_crystal_grow.pH              ? 
_exptl_crystal_grow.pressure        ? 
_exptl_crystal_grow.pressure_esd    ? 
_exptl_crystal_grow.seeding         ? 
_exptl_crystal_grow.seeding_ref     ? 
_exptl_crystal_grow.temp_details    ? 
_exptl_crystal_grow.temp_esd        ? 
_exptl_crystal_grow.time            ? 
_exptl_crystal_grow.pdbx_details    'PEG 400, Tris, Magnesium chloride' 
_exptl_crystal_grow.pdbx_pH_range   ? 
_exptl_crystal_grow.temp            277 
# 
_diffrn.ambient_environment              ? 
_diffrn.ambient_temp                     100 
_diffrn.ambient_temp_details             ? 
_diffrn.ambient_temp_esd                 ? 
_diffrn.crystal_id                       1 
_diffrn.crystal_support                  ? 
_diffrn.crystal_treatment                ? 
_diffrn.details                          ? 
_diffrn.id                               1 
_diffrn.ambient_pressure                 ? 
_diffrn.ambient_pressure_esd             ? 
_diffrn.ambient_pressure_gt              ? 
_diffrn.ambient_pressure_lt              ? 
_diffrn.ambient_temp_gt                  ? 
_diffrn.ambient_temp_lt                  ? 
_diffrn.pdbx_serial_crystal_experiment   N 
# 
_diffrn_detector.details                      mirrors 
_diffrn_detector.detector                     PIXEL 
_diffrn_detector.diffrn_id                    1 
_diffrn_detector.type                         'DECTRIS PILATUS 6M' 
_diffrn_detector.area_resol_mean              ? 
_diffrn_detector.dtime                        ? 
_diffrn_detector.pdbx_frames_total            ? 
_diffrn_detector.pdbx_collection_time_total   ? 
_diffrn_detector.pdbx_collection_date         2021-05-21 
_diffrn_detector.pdbx_frequency               ? 
_diffrn_detector.id                           ? 
_diffrn_detector.number_of_axes               ? 
# 
_diffrn_radiation.collimation                      ? 
_diffrn_radiation.diffrn_id                        1 
_diffrn_radiation.filter_edge                      ? 
_diffrn_radiation.inhomogeneity                    ? 
_diffrn_radiation.monochromator                    'Ni FILTER' 
_diffrn_radiation.polarisn_norm                    ? 
_diffrn_radiation.polarisn_ratio                   ? 
_diffrn_radiation.probe                            ? 
_diffrn_radiation.type                             ? 
_diffrn_radiation.xray_symbol                      ? 
_diffrn_radiation.wavelength_id                    1 
_diffrn_radiation.pdbx_monochromatic_or_laue_m_l   M 
_diffrn_radiation.pdbx_wavelength_list             ? 
_diffrn_radiation.pdbx_wavelength                  ? 
_diffrn_radiation.pdbx_diffrn_protocol             'SINGLE WAVELENGTH' 
_diffrn_radiation.pdbx_analyzer                    ? 
_diffrn_radiation.pdbx_scattering_type             x-ray 
# 
_diffrn_radiation_wavelength.id           1 
_diffrn_radiation_wavelength.wavelength   0.976 
_diffrn_radiation_wavelength.wt           1.0 
# 
_diffrn_source.current                     ? 
_diffrn_source.details                     ? 
_diffrn_source.diffrn_id                   1 
_diffrn_source.power                       ? 
_diffrn_source.size                        ? 
_diffrn_source.source                      SYNCHROTRON 
_diffrn_source.target                      ? 
_diffrn_source.type                        'SSRF BEAMLINE BL19U1' 
_diffrn_source.voltage                     ? 
_diffrn_source.take-off_angle              ? 
_diffrn_source.pdbx_wavelength_list        0.976 
_diffrn_source.pdbx_wavelength             ? 
_diffrn_source.pdbx_synchrotron_beamline   BL19U1 
_diffrn_source.pdbx_synchrotron_site       SSRF 
# 
_reflns.B_iso_Wilson_estimate                          ? 
_reflns.entry_id                                       7YAA 
_reflns.data_reduction_details                         ? 
_reflns.data_reduction_method                          ? 
_reflns.d_resolution_high                              1.40 
_reflns.d_resolution_low                               50.00 
_reflns.details                                        ? 
_reflns.limit_h_max                                    ? 
_reflns.limit_h_min                                    ? 
_reflns.limit_k_max                                    ? 
_reflns.limit_k_min                                    ? 
_reflns.limit_l_max                                    ? 
_reflns.limit_l_min                                    ? 
_reflns.number_all                                     ? 
_reflns.number_obs                                     35428 
_reflns.observed_criterion                             ? 
_reflns.observed_criterion_F_max                       ? 
_reflns.observed_criterion_F_min                       ? 
_reflns.observed_criterion_I_max                       ? 
_reflns.observed_criterion_I_min                       ? 
_reflns.observed_criterion_sigma_F                     ? 
_reflns.observed_criterion_sigma_I                     ? 
_reflns.percent_possible_obs                           99.4 
_reflns.R_free_details                                 ? 
_reflns.Rmerge_F_all                                   ? 
_reflns.Rmerge_F_obs                                   ? 
_reflns.Friedel_coverage                               ? 
_reflns.number_gt                                      ? 
_reflns.threshold_expression                           ? 
_reflns.pdbx_redundancy                                12.5 
_reflns.pdbx_netI_over_av_sigmaI                       ? 
_reflns.pdbx_netI_over_sigmaI                          5.7 
_reflns.pdbx_res_netI_over_av_sigmaI_2                 ? 
_reflns.pdbx_res_netI_over_sigmaI_2                    ? 
_reflns.pdbx_chi_squared                               0.977 
_reflns.pdbx_scaling_rejects                           ? 
_reflns.pdbx_d_res_high_opt                            ? 
_reflns.pdbx_d_res_low_opt                             ? 
_reflns.pdbx_d_res_opt_method                          ? 
_reflns.phase_calculation_details                      ? 
_reflns.pdbx_Rrim_I_all                                0.142 
_reflns.pdbx_Rpim_I_all                                0.040 
_reflns.pdbx_d_opt                                     ? 
_reflns.pdbx_number_measured_all                       444458 
_reflns.pdbx_diffrn_id                                 1 
_reflns.pdbx_ordinal                                   1 
_reflns.pdbx_CC_half                                   0.992 
_reflns.pdbx_CC_star                                   0.998 
_reflns.pdbx_R_split                                   ? 
_reflns.pdbx_Rmerge_I_obs                              0.136 
_reflns.pdbx_Rmerge_I_all                              ? 
_reflns.pdbx_Rsym_value                                ? 
_reflns.pdbx_CC_split_method                           ? 
_reflns.pdbx_aniso_diffraction_limit_axis_1_ortho[1]   ? 
_reflns.pdbx_aniso_diffraction_limit_axis_1_ortho[2]   ? 
_reflns.pdbx_aniso_diffraction_limit_axis_1_ortho[3]   ? 
_reflns.pdbx_aniso_diffraction_limit_axis_2_ortho[1]   ? 
_reflns.pdbx_aniso_diffraction_limit_axis_2_ortho[2]   ? 
_reflns.pdbx_aniso_diffraction_limit_axis_2_ortho[3]   ? 
_reflns.pdbx_aniso_diffraction_limit_axis_3_ortho[1]   ? 
_reflns.pdbx_aniso_diffraction_limit_axis_3_ortho[2]   ? 
_reflns.pdbx_aniso_diffraction_limit_axis_3_ortho[3]   ? 
_reflns.pdbx_aniso_diffraction_limit_1                 ? 
_reflns.pdbx_aniso_diffraction_limit_2                 ? 
_reflns.pdbx_aniso_diffraction_limit_3                 ? 
_reflns.pdbx_aniso_B_tensor_eigenvector_1_ortho[1]     ? 
_reflns.pdbx_aniso_B_tensor_eigenvector_1_ortho[2]     ? 
_reflns.pdbx_aniso_B_tensor_eigenvector_1_ortho[3]     ? 
_reflns.pdbx_aniso_B_tensor_eigenvector_2_ortho[1]     ? 
_reflns.pdbx_aniso_B_tensor_eigenvector_2_ortho[2]     ? 
_reflns.pdbx_aniso_B_tensor_eigenvector_2_ortho[3]     ? 
_reflns.pdbx_aniso_B_tensor_eigenvector_3_ortho[1]     ? 
_reflns.pdbx_aniso_B_tensor_eigenvector_3_ortho[2]     ? 
_reflns.pdbx_aniso_B_tensor_eigenvector_3_ortho[3]     ? 
_reflns.pdbx_aniso_B_tensor_eigenvalue_1               ? 
_reflns.pdbx_aniso_B_tensor_eigenvalue_2               ? 
_reflns.pdbx_aniso_B_tensor_eigenvalue_3               ? 
_reflns.pdbx_orthogonalization_convention              ? 
_reflns.pdbx_percent_possible_ellipsoidal              ? 
_reflns.pdbx_percent_possible_spherical                ? 
_reflns.pdbx_percent_possible_ellipsoidal_anomalous    ? 
_reflns.pdbx_percent_possible_spherical_anomalous      ? 
_reflns.pdbx_redundancy_anomalous                      ? 
_reflns.pdbx_CC_half_anomalous                         ? 
_reflns.pdbx_absDiff_over_sigma_anomalous              ? 
_reflns.pdbx_percent_possible_anomalous                ? 
_reflns.pdbx_observed_signal_threshold                 ? 
_reflns.pdbx_signal_type                               ? 
_reflns.pdbx_signal_details                            ? 
_reflns.pdbx_signal_software_id                        ? 
# 
loop_
_reflns_shell.d_res_high 
_reflns_shell.d_res_low 
_reflns_shell.meanI_over_sigI_all 
_reflns_shell.meanI_over_sigI_obs 
_reflns_shell.number_measured_all 
_reflns_shell.number_measured_obs 
_reflns_shell.number_possible 
_reflns_shell.number_unique_all 
_reflns_shell.number_unique_obs 
_reflns_shell.percent_possible_obs 
_reflns_shell.Rmerge_F_all 
_reflns_shell.Rmerge_F_obs 
_reflns_shell.meanI_over_sigI_gt 
_reflns_shell.meanI_over_uI_all 
_reflns_shell.meanI_over_uI_gt 
_reflns_shell.number_measured_gt 
_reflns_shell.number_unique_gt 
_reflns_shell.percent_possible_gt 
_reflns_shell.Rmerge_F_gt 
_reflns_shell.Rmerge_I_gt 
_reflns_shell.pdbx_redundancy 
_reflns_shell.pdbx_chi_squared 
_reflns_shell.pdbx_netI_over_sigmaI_all 
_reflns_shell.pdbx_netI_over_sigmaI_obs 
_reflns_shell.pdbx_Rrim_I_all 
_reflns_shell.pdbx_Rpim_I_all 
_reflns_shell.pdbx_rejects 
_reflns_shell.pdbx_ordinal 
_reflns_shell.pdbx_diffrn_id 
_reflns_shell.pdbx_CC_half 
_reflns_shell.pdbx_CC_star 
_reflns_shell.pdbx_R_split 
_reflns_shell.percent_possible_all 
_reflns_shell.Rmerge_I_all 
_reflns_shell.Rmerge_I_obs 
_reflns_shell.pdbx_Rsym_value 
_reflns_shell.pdbx_percent_possible_ellipsoidal 
_reflns_shell.pdbx_percent_possible_spherical 
_reflns_shell.pdbx_percent_possible_ellipsoidal_anomalous 
_reflns_shell.pdbx_percent_possible_spherical_anomalous 
_reflns_shell.pdbx_redundancy_anomalous 
_reflns_shell.pdbx_CC_half_anomalous 
_reflns_shell.pdbx_absDiff_over_sigma_anomalous 
_reflns_shell.pdbx_percent_possible_anomalous 
1.40 1.42  ? ? ? ? ? ? 1747 ? ? ? ? ? ? ? ? ? ? ? 10.4 0.903 ? ? 0.625 0.182 ? 1  1 0.881 0.968 ? 97.4 ? 0.596 ? ? ? ? ? ? ? ? ? 
1.42 1.45  ? ? ? ? ? ? 1714 ? ? ? ? ? ? ? ? ? ? ? 11.5 0.912 ? ? 0.552 0.156 ? 2  1 0.920 0.979 ? 98.9 ? 0.528 ? ? ? ? ? ? ? ? ? 
1.45 1.48  ? ? ? ? ? ? 1737 ? ? ? ? ? ? ? ? ? ? ? 12.1 0.942 ? ? 0.496 0.139 ? 3  1 0.940 0.984 ? 99.6 ? 0.475 ? ? ? ? ? ? ? ? ? 
1.48 1.51  ? ? ? ? ? ? 1767 ? ? ? ? ? ? ? ? ? ? ? 12.5 0.948 ? ? 0.433 0.120 ? 4  1 0.958 0.989 ? 99.8 ? 0.415 ? ? ? ? ? ? ? ? ? 
1.51 1.54  ? ? ? ? ? ? 1751 ? ? ? ? ? ? ? ? ? ? ? 12.5 0.971 ? ? 0.401 0.112 ? 5  1 0.962 0.990 ? 99.7 ? 0.384 ? ? ? ? ? ? ? ? ? 
1.54 1.58  ? ? ? ? ? ? 1737 ? ? ? ? ? ? ? ? ? ? ? 11.9 0.990 ? ? 0.375 0.107 ? 6  1 0.959 0.990 ? 99.7 ? 0.359 ? ? ? ? ? ? ? ? ? 
1.58 1.62  ? ? ? ? ? ? 1765 ? ? ? ? ? ? ? ? ? ? ? 12.6 1.030 ? ? 0.328 0.091 ? 7  1 0.973 0.993 ? 99.5 ? 0.315 ? ? ? ? ? ? ? ? ? 
1.62 1.66  ? ? ? ? ? ? 1779 ? ? ? ? ? ? ? ? ? ? ? 13.4 1.054 ? ? 0.294 0.080 ? 8  1 0.977 0.994 ? 99.8 ? 0.283 ? ? ? ? ? ? ? ? ? 
1.66 1.71  ? ? ? ? ? ? 1747 ? ? ? ? ? ? ? ? ? ? ? 13.2 1.039 ? ? 0.270 0.074 ? 9  1 0.980 0.995 ? 99.7 ? 0.259 ? ? ? ? ? ? ? ? ? 
1.71 1.76  ? ? ? ? ? ? 1755 ? ? ? ? ? ? ? ? ? ? ? 13.1 1.031 ? ? 0.241 0.066 ? 10 1 0.984 0.996 ? 99.6 ? 0.231 ? ? ? ? ? ? ? ? ? 
1.76 1.83  ? ? ? ? ? ? 1766 ? ? ? ? ? ? ? ? ? ? ? 12.8 1.071 ? ? 0.224 0.062 ? 11 1 0.982 0.995 ? 99.5 ? 0.215 ? ? ? ? ? ? ? ? ? 
1.83 1.90  ? ? ? ? ? ? 1771 ? ? ? ? ? ? ? ? ? ? ? 11.8 1.055 ? ? 0.199 0.057 ? 12 1 0.983 0.996 ? 99.3 ? 0.190 ? ? ? ? ? ? ? ? ? 
1.90 1.99  ? ? ? ? ? ? 1755 ? ? ? ? ? ? ? ? ? ? ? 13.5 1.040 ? ? 0.179 0.049 ? 13 1 0.988 0.997 ? 99.8 ? 0.173 ? ? ? ? ? ? ? ? ? 
1.99 2.09  ? ? ? ? ? ? 1781 ? ? ? ? ? ? ? ? ? ? ? 13.3 1.019 ? ? 0.161 0.044 ? 14 1 0.989 0.997 ? 99.7 ? 0.155 ? ? ? ? ? ? ? ? ? 
2.09 2.22  ? ? ? ? ? ? 1771 ? ? ? ? ? ? ? ? ? ? ? 13.1 1.016 ? ? 0.150 0.042 ? 15 1 0.986 0.996 ? 99.4 ? 0.144 ? ? ? ? ? ? ? ? ? 
2.22 2.39  ? ? ? ? ? ? 1781 ? ? ? ? ? ? ? ? ? ? ? 12.2 0.983 ? ? 0.143 0.041 ? 16 1 0.988 0.997 ? 99.4 ? 0.137 ? ? ? ? ? ? ? ? ? 
2.39 2.63  ? ? ? ? ? ? 1789 ? ? ? ? ? ? ? ? ? ? ? 13.3 0.961 ? ? 0.133 0.036 ? 17 1 0.994 0.998 ? 99.9 ? 0.128 ? ? ? ? ? ? ? ? ? 
2.63 3.02  ? ? ? ? ? ? 1809 ? ? ? ? ? ? ? ? ? ? ? 13.2 0.921 ? ? 0.126 0.035 ? 18 1 0.990 0.997 ? 99.7 ? 0.121 ? ? ? ? ? ? ? ? ? 
3.02 3.80  ? ? ? ? ? ? 1804 ? ? ? ? ? ? ? ? ? ? ? 12.3 0.853 ? ? 0.116 0.033 ? 19 1 0.993 0.998 ? 98.9 ? 0.111 ? ? ? ? ? ? ? ? ? 
3.80 50.00 ? ? ? ? ? ? 1902 ? ? ? ? ? ? ? ? ? ? ? 12.1 0.767 ? ? 0.108 0.031 ? 20 1 0.994 0.999 ? 99.0 ? 0.103 ? ? ? ? ? ? ? ? ? 
# 
_refine.aniso_B[1][1]                            0.18 
_refine.aniso_B[1][2]                            -0.00 
_refine.aniso_B[1][3]                            0.00 
_refine.aniso_B[2][2]                            -0.06 
_refine.aniso_B[2][3]                            -0.00 
_refine.aniso_B[3][3]                            -0.13 
_refine.B_iso_max                                ? 
_refine.B_iso_mean                               15.294 
_refine.B_iso_min                                ? 
_refine.correlation_coeff_Fo_to_Fc               0.968 
_refine.correlation_coeff_Fo_to_Fc_free          0.959 
_refine.details                                  'HYDROGENS HAVE BEEN ADDED IN THE RIDING POSITIONS' 
_refine.diff_density_max                         ? 
_refine.diff_density_max_esd                     ? 
_refine.diff_density_min                         ? 
_refine.diff_density_min_esd                     ? 
_refine.diff_density_rms                         ? 
_refine.diff_density_rms_esd                     ? 
_refine.entry_id                                 7YAA 
_refine.pdbx_refine_id                           'X-RAY DIFFRACTION' 
_refine.ls_abs_structure_details                 ? 
_refine.ls_abs_structure_Flack                   ? 
_refine.ls_abs_structure_Flack_esd               ? 
_refine.ls_abs_structure_Rogers                  ? 
_refine.ls_abs_structure_Rogers_esd              ? 
_refine.ls_d_res_high                            1.40 
_refine.ls_d_res_low                             24.98 
_refine.ls_extinction_coef                       ? 
_refine.ls_extinction_coef_esd                   ? 
_refine.ls_extinction_expression                 ? 
_refine.ls_extinction_method                     ? 
_refine.ls_goodness_of_fit_all                   ? 
_refine.ls_goodness_of_fit_all_esd               ? 
_refine.ls_goodness_of_fit_obs                   ? 
_refine.ls_goodness_of_fit_obs_esd               ? 
_refine.ls_hydrogen_treatment                    ? 
_refine.ls_matrix_type                           ? 
_refine.ls_number_constraints                    ? 
_refine.ls_number_parameters                     ? 
_refine.ls_number_reflns_all                     ? 
_refine.ls_number_reflns_obs                     32773 
_refine.ls_number_reflns_R_free                  1743 
_refine.ls_number_reflns_R_work                  ? 
_refine.ls_number_restraints                     ? 
_refine.ls_percent_reflns_obs                    96.68 
_refine.ls_percent_reflns_R_free                 5.0 
_refine.ls_R_factor_all                          ? 
_refine.ls_R_factor_obs                          0.16320 
_refine.ls_R_factor_R_free                       0.18147 
_refine.ls_R_factor_R_free_error                 ? 
_refine.ls_R_factor_R_free_error_details         ? 
_refine.ls_R_factor_R_work                       0.16222 
_refine.ls_R_Fsqd_factor_obs                     ? 
_refine.ls_R_I_factor_obs                        ? 
_refine.ls_redundancy_reflns_all                 ? 
_refine.ls_redundancy_reflns_obs                 ? 
_refine.ls_restrained_S_all                      ? 
_refine.ls_restrained_S_obs                      ? 
_refine.ls_shift_over_esd_max                    ? 
_refine.ls_shift_over_esd_mean                   ? 
_refine.ls_structure_factor_coef                 ? 
_refine.ls_weighting_details                     ? 
_refine.ls_weighting_scheme                      ? 
_refine.ls_wR_factor_all                         ? 
_refine.ls_wR_factor_obs                         ? 
_refine.ls_wR_factor_R_free                      ? 
_refine.ls_wR_factor_R_work                      ? 
_refine.occupancy_max                            ? 
_refine.occupancy_min                            ? 
_refine.solvent_model_details                    MASK 
_refine.solvent_model_param_bsol                 ? 
_refine.solvent_model_param_ksol                 ? 
_refine.pdbx_R_complete                          ? 
_refine.ls_R_factor_gt                           ? 
_refine.ls_goodness_of_fit_gt                    ? 
_refine.ls_goodness_of_fit_ref                   ? 
_refine.ls_shift_over_su_max                     ? 
_refine.ls_shift_over_su_max_lt                  ? 
_refine.ls_shift_over_su_mean                    ? 
_refine.ls_shift_over_su_mean_lt                 ? 
_refine.pdbx_ls_sigma_I                          ? 
_refine.pdbx_ls_sigma_F                          ? 
_refine.pdbx_ls_sigma_Fsqd                       ? 
_refine.pdbx_data_cutoff_high_absF               ? 
_refine.pdbx_data_cutoff_high_rms_absF           ? 
_refine.pdbx_data_cutoff_low_absF                ? 
_refine.pdbx_isotropic_thermal_model             ? 
_refine.pdbx_ls_cross_valid_method               THROUGHOUT 
_refine.pdbx_method_to_determine_struct          'MOLECULAR REPLACEMENT' 
_refine.pdbx_starting_model                      ? 
_refine.pdbx_stereochemistry_target_values       'MAXIMUM LIKELIHOOD' 
_refine.pdbx_R_Free_selection_details            RANDOM 
_refine.pdbx_stereochem_target_val_spec_case     ? 
_refine.pdbx_overall_ESU_R                       0.053 
_refine.pdbx_overall_ESU_R_Free                  0.054 
_refine.pdbx_solvent_vdw_probe_radii             1.20 
_refine.pdbx_solvent_ion_probe_radii             0.80 
_refine.pdbx_solvent_shrinkage_radii             0.80 
_refine.pdbx_real_space_R                        ? 
_refine.pdbx_density_correlation                 ? 
_refine.pdbx_pd_number_of_powder_patterns        ? 
_refine.pdbx_pd_number_of_points                 ? 
_refine.pdbx_pd_meas_number_of_points            ? 
_refine.pdbx_pd_proc_ls_prof_R_factor            ? 
_refine.pdbx_pd_proc_ls_prof_wR_factor           ? 
_refine.pdbx_pd_Marquardt_correlation_coeff      ? 
_refine.pdbx_pd_Fsqrd_R_factor                   ? 
_refine.pdbx_pd_ls_matrix_band_width             ? 
_refine.pdbx_overall_phase_error                 ? 
_refine.pdbx_overall_SU_R_free_Cruickshank_DPI   ? 
_refine.pdbx_overall_SU_R_free_Blow_DPI          ? 
_refine.pdbx_overall_SU_R_Blow_DPI               ? 
_refine.pdbx_TLS_residual_ADP_flag               ? 
_refine.pdbx_diffrn_id                           1 
_refine.overall_SU_B                             0.795 
_refine.overall_SU_ML                            0.032 
_refine.overall_SU_R_Cruickshank_DPI             ? 
_refine.overall_SU_R_free                        ? 
_refine.overall_FOM_free_R_set                   ? 
_refine.overall_FOM_work_R_set                   ? 
_refine.pdbx_average_fsc_overall                 ? 
_refine.pdbx_average_fsc_work                    ? 
_refine.pdbx_average_fsc_free                    ? 
# 
_refine_hist.pdbx_refine_id                   'X-RAY DIFFRACTION' 
_refine_hist.cycle_id                         1 
_refine_hist.details                          ? 
_refine_hist.d_res_high                       1.40 
_refine_hist.d_res_low                        24.98 
_refine_hist.number_atoms_solvent             159 
_refine_hist.number_atoms_total               1405 
_refine_hist.number_reflns_all                ? 
_refine_hist.number_reflns_obs                ? 
_refine_hist.number_reflns_R_free             ? 
_refine_hist.number_reflns_R_work             ? 
_refine_hist.R_factor_all                     ? 
_refine_hist.R_factor_obs                     ? 
_refine_hist.R_factor_R_free                  ? 
_refine_hist.R_factor_R_work                  ? 
_refine_hist.pdbx_number_residues_total       ? 
_refine_hist.pdbx_B_iso_mean_ligand           ? 
_refine_hist.pdbx_B_iso_mean_solvent          ? 
_refine_hist.pdbx_number_atoms_protein        1218 
_refine_hist.pdbx_number_atoms_nucleic_acid   0 
_refine_hist.pdbx_number_atoms_ligand         28 
_refine_hist.pdbx_number_atoms_lipid          ? 
_refine_hist.pdbx_number_atoms_carb           ? 
_refine_hist.pdbx_pseudo_atom_details         ? 
# 
loop_
_refine_ls_restr.pdbx_refine_id 
_refine_ls_restr.criterion 
_refine_ls_restr.dev_ideal 
_refine_ls_restr.dev_ideal_target 
_refine_ls_restr.number 
_refine_ls_restr.rejects 
_refine_ls_restr.type 
_refine_ls_restr.weight 
_refine_ls_restr.pdbx_restraint_function 
'X-RAY DIFFRACTION' ? 0.016  0.013  1285 ? r_bond_refined_d             ? ? 
'X-RAY DIFFRACTION' ? 0.001  0.018  1144 ? r_bond_other_d               ? ? 
'X-RAY DIFFRACTION' ? 2.072  1.655  1740 ? r_angle_refined_deg          ? ? 
'X-RAY DIFFRACTION' ? 2.691  1.594  2620 ? r_angle_other_deg            ? ? 
'X-RAY DIFFRACTION' ? 5.398  5.000  151  ? r_dihedral_angle_1_deg       ? ? 
'X-RAY DIFFRACTION' ? 29.972 22.329 73   ? r_dihedral_angle_2_deg       ? ? 
'X-RAY DIFFRACTION' ? 10.740 15.000 195  ? r_dihedral_angle_3_deg       ? ? 
'X-RAY DIFFRACTION' ? 20.631 15.000 8    ? r_dihedral_angle_4_deg       ? ? 
'X-RAY DIFFRACTION' ? 0.094  0.200  152  ? r_chiral_restr               ? ? 
'X-RAY DIFFRACTION' ? 0.016  0.020  1472 ? r_gen_planes_refined         ? ? 
'X-RAY DIFFRACTION' ? 0.005  0.020  331  ? r_gen_planes_other           ? ? 
'X-RAY DIFFRACTION' ? ?      ?      ?    ? r_nbd_refined                ? ? 
'X-RAY DIFFRACTION' ? ?      ?      ?    ? r_nbd_other                  ? ? 
'X-RAY DIFFRACTION' ? ?      ?      ?    ? r_nbtor_refined              ? ? 
'X-RAY DIFFRACTION' ? ?      ?      ?    ? r_nbtor_other                ? ? 
'X-RAY DIFFRACTION' ? ?      ?      ?    ? r_xyhbond_nbd_refined        ? ? 
'X-RAY DIFFRACTION' ? ?      ?      ?    ? r_xyhbond_nbd_other          ? ? 
'X-RAY DIFFRACTION' ? ?      ?      ?    ? r_metal_ion_refined          ? ? 
'X-RAY DIFFRACTION' ? ?      ?      ?    ? r_metal_ion_other            ? ? 
'X-RAY DIFFRACTION' ? ?      ?      ?    ? r_symmetry_vdw_refined       ? ? 
'X-RAY DIFFRACTION' ? ?      ?      ?    ? r_symmetry_vdw_other         ? ? 
'X-RAY DIFFRACTION' ? ?      ?      ?    ? r_symmetry_hbond_refined     ? ? 
'X-RAY DIFFRACTION' ? ?      ?      ?    ? r_symmetry_hbond_other       ? ? 
'X-RAY DIFFRACTION' ? ?      ?      ?    ? r_symmetry_metal_ion_refined ? ? 
'X-RAY DIFFRACTION' ? ?      ?      ?    ? r_symmetry_metal_ion_other   ? ? 
'X-RAY DIFFRACTION' ? 1.771  1.356  603  ? r_mcbond_it                  ? ? 
'X-RAY DIFFRACTION' ? 1.693  1.353  602  ? r_mcbond_other               ? ? 
'X-RAY DIFFRACTION' ? 2.507  2.024  752  ? r_mcangle_it                 ? ? 
'X-RAY DIFFRACTION' ? 2.510  2.025  753  ? r_mcangle_other              ? ? 
'X-RAY DIFFRACTION' ? 3.017  1.641  681  ? r_scbond_it                  ? ? 
'X-RAY DIFFRACTION' ? 3.015  1.642  682  ? r_scbond_other               ? ? 
'X-RAY DIFFRACTION' ? ?      ?      ?    ? r_scangle_it                 ? ? 
'X-RAY DIFFRACTION' ? 4.597  2.355  988  ? r_scangle_other              ? ? 
'X-RAY DIFFRACTION' ? 5.540  25.994 5259 ? r_long_range_B_refined       ? ? 
'X-RAY DIFFRACTION' ? 5.540  25.992 5259 ? r_long_range_B_other         ? ? 
'X-RAY DIFFRACTION' ? ?      ?      ?    ? r_rigid_bond_restr           ? ? 
'X-RAY DIFFRACTION' ? ?      ?      ?    ? r_sphericity_free            ? ? 
'X-RAY DIFFRACTION' ? ?      ?      ?    ? r_sphericity_bonded          ? ? 
# 
_refine_ls_shell.pdbx_refine_id                   'X-RAY DIFFRACTION' 
_refine_ls_shell.d_res_high                       1.4 
_refine_ls_shell.d_res_low                        1.434 
_refine_ls_shell.number_reflns_all                ? 
_refine_ls_shell.number_reflns_obs                ? 
_refine_ls_shell.number_reflns_R_free             120 
_refine_ls_shell.number_reflns_R_work             1852 
_refine_ls_shell.percent_reflns_obs               75.88 
_refine_ls_shell.percent_reflns_R_free            ? 
_refine_ls_shell.R_factor_all                     ? 
_refine_ls_shell.R_factor_obs                     ? 
_refine_ls_shell.R_factor_R_free_error            ? 
_refine_ls_shell.R_factor_R_work                  0.241 
_refine_ls_shell.redundancy_reflns_all            ? 
_refine_ls_shell.redundancy_reflns_obs            ? 
_refine_ls_shell.wR_factor_all                    ? 
_refine_ls_shell.wR_factor_obs                    ? 
_refine_ls_shell.wR_factor_R_free                 ? 
_refine_ls_shell.wR_factor_R_work                 ? 
_refine_ls_shell.pdbx_R_complete                  ? 
_refine_ls_shell.pdbx_total_number_of_bins_used   ? 
_refine_ls_shell.pdbx_phase_error                 ? 
_refine_ls_shell.pdbx_fsc_work                    ? 
_refine_ls_shell.pdbx_fsc_free                    ? 
_refine_ls_shell.R_factor_R_free                  0.271 
# 
_struct.entry_id                     7YAA 
_struct.title                        'Crystal structure analysis of cp3 bound BCLxl' 
_struct.pdbx_model_details           ? 
_struct.pdbx_formula_weight          ? 
_struct.pdbx_formula_weight_method   ? 
_struct.pdbx_model_type_details      ? 
_struct.pdbx_CASP_flag               N 
# 
_struct_keywords.entry_id        7YAA 
_struct_keywords.text            'Complex, APOPTOSIS' 
_struct_keywords.pdbx_keywords   APOPTOSIS 
# 
loop_
_struct_asym.id 
_struct_asym.pdbx_blank_PDB_chainid_flag 
_struct_asym.pdbx_modified 
_struct_asym.entity_id 
_struct_asym.details 
A N N 1 ? 
B N N 2 ? 
C N N 3 ? 
D N N 4 ? 
E N N 5 ? 
F N N 5 ? 
# 
loop_
_struct_ref.id 
_struct_ref.db_name 
_struct_ref.db_code 
_struct_ref.pdbx_db_accession 
_struct_ref.pdbx_db_isoform 
_struct_ref.entity_id 
_struct_ref.pdbx_seq_one_letter_code 
_struct_ref.pdbx_align_begin 
1 UNP B2CL1_HUMAN Q07817 ? 1 MSQSNRELVVDFLSYKLSQKGYSWSQ 1  
2 UNP B2CL1_HUMAN Q07817 ? 1 
;PMAAVKQALREAGDEFELRYRRAFSDLTSQLHITPGTAYQSFEQVVNELFRDGVNWGRIVAFFSFGGALCVESVDKEMQV
LVSRIAAWMATYLNDHLEPWIQENGGWDTFVELYG
;
82 
3 PDB 7YAA        7YAA   ? 2 ? 1  
# 
loop_
_struct_ref_seq.align_id 
_struct_ref_seq.ref_id 
_struct_ref_seq.pdbx_PDB_id_code 
_struct_ref_seq.pdbx_strand_id 
_struct_ref_seq.seq_align_beg 
_struct_ref_seq.pdbx_seq_align_beg_ins_code 
_struct_ref_seq.seq_align_end 
_struct_ref_seq.pdbx_seq_align_end_ins_code 
_struct_ref_seq.pdbx_db_accession 
_struct_ref_seq.db_align_beg 
_struct_ref_seq.pdbx_db_align_beg_ins_code 
_struct_ref_seq.db_align_end 
_struct_ref_seq.pdbx_db_align_end_ins_code 
_struct_ref_seq.pdbx_auth_seq_align_beg 
_struct_ref_seq.pdbx_auth_seq_align_end 
1 1 7YAA A 1  ? 26  ? Q07817 1  ? 26  ? 1  26  
2 2 7YAA A 27 ? 141 ? Q07817 82 ? 196 ? 27 141 
3 3 7YAA B 1  ? 10  ? 7YAA   2  ? 11  ? 2  11  
# 
loop_
_struct_ref_seq_dif.align_id 
_struct_ref_seq_dif.pdbx_pdb_id_code 
_struct_ref_seq_dif.mon_id 
_struct_ref_seq_dif.pdbx_pdb_strand_id 
_struct_ref_seq_dif.seq_num 
_struct_ref_seq_dif.pdbx_pdb_ins_code 
_struct_ref_seq_dif.pdbx_seq_db_name 
_struct_ref_seq_dif.pdbx_seq_db_accession_code 
_struct_ref_seq_dif.db_mon_id 
_struct_ref_seq_dif.pdbx_seq_db_seq_num 
_struct_ref_seq_dif.details 
_struct_ref_seq_dif.pdbx_auth_seq_num 
_struct_ref_seq_dif.pdbx_ordinal 
2 7YAA SER A 113 ? UNP Q07817 ALA 168 conflict 113 1 
2 7YAA ASP A 138 ? UNP Q07817 GLU 193 conflict 138 2 
# 
_pdbx_struct_assembly.id                   1 
_pdbx_struct_assembly.details              author_and_software_defined_assembly 
_pdbx_struct_assembly.method_details       PISA 
_pdbx_struct_assembly.oligomeric_details   tetrameric 
_pdbx_struct_assembly.oligomeric_count     4 
# 
loop_
_pdbx_struct_assembly_prop.biol_id 
_pdbx_struct_assembly_prop.type 
_pdbx_struct_assembly_prop.value 
_pdbx_struct_assembly_prop.details 
1 'ABSA (A^2)' 7010  ? 
1 MORE         -38   ? 
1 'SSA (A^2)'  14640 ? 
# 
_pdbx_struct_assembly_gen.assembly_id       1 
_pdbx_struct_assembly_gen.oper_expression   1,2 
_pdbx_struct_assembly_gen.asym_id_list      A,B,C,D,E,F 
# 
_pdbx_struct_assembly_auth_evidence.id                     1 
_pdbx_struct_assembly_auth_evidence.assembly_id            1 
_pdbx_struct_assembly_auth_evidence.experimental_support   none 
_pdbx_struct_assembly_auth_evidence.details                ? 
# 
loop_
_pdbx_struct_oper_list.id 
_pdbx_struct_oper_list.type 
_pdbx_struct_oper_list.name 
_pdbx_struct_oper_list.symmetry_operation 
_pdbx_struct_oper_list.matrix[1][1] 
_pdbx_struct_oper_list.matrix[1][2] 
_pdbx_struct_oper_list.matrix[1][3] 
_pdbx_struct_oper_list.vector[1] 
_pdbx_struct_oper_list.matrix[2][1] 
_pdbx_struct_oper_list.matrix[2][2] 
_pdbx_struct_oper_list.matrix[2][3] 
_pdbx_struct_oper_list.vector[2] 
_pdbx_struct_oper_list.matrix[3][1] 
_pdbx_struct_oper_list.matrix[3][2] 
_pdbx_struct_oper_list.matrix[3][3] 
_pdbx_struct_oper_list.vector[3] 
1 'identity operation'         1_555 x,y,z         1.0000000000  0.0000000000  0.0000000000 0.0000000000   0.0000000000  1.0000000000 0.0000000000  0.0000000000   0.0000000000 0.0000000000  1.0000000000  0.0000000000  
2 'crystal symmetry operation' 3_454 -x-1,y,-z-1/2 -0.2121163191 -0.9507118900 0.2261715486 -22.5572175540 -0.9507118900 0.1471910381 -0.2729133572 -19.2925092966 0.2261715486 -0.2729133572 -0.9350747190 -2.5164720443 
# 
loop_
_struct_conf.conf_type_id 
_struct_conf.id 
_struct_conf.pdbx_PDB_helix_id 
_struct_conf.beg_label_comp_id 
_struct_conf.beg_label_asym_id 
_struct_conf.beg_label_seq_id 
_struct_conf.pdbx_beg_PDB_ins_code 
_struct_conf.end_label_comp_id 
_struct_conf.end_label_asym_id 
_struct_conf.end_label_seq_id 
_struct_conf.pdbx_end_PDB_ins_code 
_struct_conf.beg_auth_comp_id 
_struct_conf.beg_auth_asym_id 
_struct_conf.beg_auth_seq_id 
_struct_conf.end_auth_comp_id 
_struct_conf.end_auth_asym_id 
_struct_conf.end_auth_seq_id 
_struct_conf.pdbx_PDB_helix_class 
_struct_conf.details 
_struct_conf.pdbx_PDB_helix_length 
HELX_P HELX_P1 AA1 MET A 1   ? LYS A 20  ? MET A 1   LYS A 20  1 ? 20 
HELX_P HELX_P2 AA2 MET A 28  ? TYR A 46  ? MET A 28  TYR A 46  1 ? 19 
HELX_P HELX_P3 AA3 TYR A 46  ? SER A 55  ? TYR A 46  SER A 55  1 ? 10 
HELX_P HELX_P4 AA4 ALA A 64  ? PHE A 76  ? ALA A 64  PHE A 76  1 ? 13 
HELX_P HELX_P5 AA5 ASN A 81  ? LYS A 102 ? ASN A 81  LYS A 102 1 ? 22 
HELX_P HELX_P6 AA6 MET A 104 ? VAL A 106 ? MET A 104 VAL A 106 5 ? 3  
HELX_P HELX_P7 AA7 LEU A 107 ? GLN A 128 ? LEU A 107 GLN A 128 1 ? 22 
HELX_P HELX_P8 AA8 GLY A 131 ? GLY A 141 ? GLY A 131 GLY A 141 1 ? 11 
HELX_P HELX_P9 AA9 TYR B 4   ? VAL B 8   ? TYR B 5   VAL B 9   5 ? 5  
# 
_struct_conf_type.id          HELX_P 
_struct_conf_type.criteria    ? 
_struct_conf_type.reference   ? 
# 
loop_
_struct_conn.id 
_struct_conn.conn_type_id 
_struct_conn.pdbx_leaving_atom_flag 
_struct_conn.pdbx_PDB_id 
_struct_conn.ptnr1_label_asym_id 
_struct_conn.ptnr1_label_comp_id 
_struct_conn.ptnr1_label_seq_id 
_struct_conn.ptnr1_label_atom_id 
_struct_conn.pdbx_ptnr1_label_alt_id 
_struct_conn.pdbx_ptnr1_PDB_ins_code 
_struct_conn.pdbx_ptnr1_standard_comp_id 
_struct_conn.ptnr1_symmetry 
_struct_conn.ptnr2_label_asym_id 
_struct_conn.ptnr2_label_comp_id 
_struct_conn.ptnr2_label_seq_id 
_struct_conn.ptnr2_label_atom_id 
_struct_conn.pdbx_ptnr2_label_alt_id 
_struct_conn.pdbx_ptnr2_PDB_ins_code 
_struct_conn.ptnr1_auth_asym_id 
_struct_conn.ptnr1_auth_comp_id 
_struct_conn.ptnr1_auth_seq_id 
_struct_conn.ptnr2_auth_asym_id 
_struct_conn.ptnr2_auth_comp_id 
_struct_conn.ptnr2_auth_seq_id 
_struct_conn.ptnr2_symmetry 
_struct_conn.pdbx_ptnr3_label_atom_id 
_struct_conn.pdbx_ptnr3_label_seq_id 
_struct_conn.pdbx_ptnr3_label_comp_id 
_struct_conn.pdbx_ptnr3_label_asym_id 
_struct_conn.pdbx_ptnr3_label_alt_id 
_struct_conn.pdbx_ptnr3_PDB_ins_code 
_struct_conn.details 
_struct_conn.pdbx_dist_value 
_struct_conn.pdbx_value_order 
_struct_conn.pdbx_role 
covale1 covale one  ? B PRO 1  N  ? ? ? 1_555 D JJ9 . C21 ? ? B PRO 2  B JJ9 101 1_555 ? ? ? ? ? ? ? 1.332 ? ? 
covale2 covale none ? B CYS 10 SG ? ? ? 1_555 D JJ9 . C20 ? ? B CYS 11 B JJ9 101 1_555 ? ? ? ? ? ? ? 1.712 ? ? 
# 
_struct_conn_type.id          covale 
_struct_conn_type.criteria    ? 
_struct_conn_type.reference   ? 
# 
loop_
_pdbx_modification_feature.ordinal 
_pdbx_modification_feature.label_comp_id 
_pdbx_modification_feature.label_asym_id 
_pdbx_modification_feature.label_seq_id 
_pdbx_modification_feature.label_alt_id 
_pdbx_modification_feature.modified_residue_label_comp_id 
_pdbx_modification_feature.modified_residue_label_asym_id 
_pdbx_modification_feature.modified_residue_label_seq_id 
_pdbx_modification_feature.modified_residue_label_alt_id 
_pdbx_modification_feature.auth_comp_id 
_pdbx_modification_feature.auth_asym_id 
_pdbx_modification_feature.auth_seq_id 
_pdbx_modification_feature.PDB_ins_code 
_pdbx_modification_feature.symmetry 
_pdbx_modification_feature.modified_residue_auth_comp_id 
_pdbx_modification_feature.modified_residue_auth_asym_id 
_pdbx_modification_feature.modified_residue_auth_seq_id 
_pdbx_modification_feature.modified_residue_PDB_ins_code 
_pdbx_modification_feature.modified_residue_symmetry 
_pdbx_modification_feature.comp_id_linking_atom 
_pdbx_modification_feature.modified_residue_id_linking_atom 
_pdbx_modification_feature.modified_residue_id 
_pdbx_modification_feature.ref_pcm_id 
_pdbx_modification_feature.ref_comp_id 
_pdbx_modification_feature.type 
_pdbx_modification_feature.category 
1 JJ9 D . ? CYS B 10 ? JJ9 B 101 ? 1_555 CYS B 11 ? 1_555 C20 SG CYS 1 JJ9 None Crosslinker 
2 JJ9 D . ? PRO B 1  ? JJ9 B 101 ? 1_555 PRO B 2  ? 1_555 C21 N  PRO 2 JJ9 None Crosslinker 
# 
_pdbx_entry_details.entry_id                   7YAA 
_pdbx_entry_details.nonpolymer_details         ? 
_pdbx_entry_details.sequence_details           ? 
_pdbx_entry_details.compound_details           ? 
_pdbx_entry_details.source_details             ? 
_pdbx_entry_details.has_ligand_of_interest     Y 
_pdbx_entry_details.has_protein_modification   Y 
# 
_pdbx_validate_rmsd_bond.id                        1 
_pdbx_validate_rmsd_bond.PDB_model_num             1 
_pdbx_validate_rmsd_bond.auth_atom_id_1            CD 
_pdbx_validate_rmsd_bond.auth_asym_id_1            A 
_pdbx_validate_rmsd_bond.auth_comp_id_1            GLU 
_pdbx_validate_rmsd_bond.auth_seq_id_1             69 
_pdbx_validate_rmsd_bond.PDB_ins_code_1            ? 
_pdbx_validate_rmsd_bond.label_alt_id_1            ? 
_pdbx_validate_rmsd_bond.auth_atom_id_2            OE1 
_pdbx_validate_rmsd_bond.auth_asym_id_2            A 
_pdbx_validate_rmsd_bond.auth_comp_id_2            GLU 
_pdbx_validate_rmsd_bond.auth_seq_id_2             69 
_pdbx_validate_rmsd_bond.PDB_ins_code_2            ? 
_pdbx_validate_rmsd_bond.label_alt_id_2            ? 
_pdbx_validate_rmsd_bond.bond_value                1.181 
_pdbx_validate_rmsd_bond.bond_target_value         1.252 
_pdbx_validate_rmsd_bond.bond_deviation            -0.071 
_pdbx_validate_rmsd_bond.bond_standard_deviation   0.011 
_pdbx_validate_rmsd_bond.linker_flag               N 
# 
loop_
_pdbx_validate_rmsd_angle.id 
_pdbx_validate_rmsd_angle.PDB_model_num 
_pdbx_validate_rmsd_angle.auth_atom_id_1 
_pdbx_validate_rmsd_angle.auth_asym_id_1 
_pdbx_validate_rmsd_angle.auth_comp_id_1 
_pdbx_validate_rmsd_angle.auth_seq_id_1 
_pdbx_validate_rmsd_angle.PDB_ins_code_1 
_pdbx_validate_rmsd_angle.label_alt_id_1 
_pdbx_validate_rmsd_angle.auth_atom_id_2 
_pdbx_validate_rmsd_angle.auth_asym_id_2 
_pdbx_validate_rmsd_angle.auth_comp_id_2 
_pdbx_validate_rmsd_angle.auth_seq_id_2 
_pdbx_validate_rmsd_angle.PDB_ins_code_2 
_pdbx_validate_rmsd_angle.label_alt_id_2 
_pdbx_validate_rmsd_angle.auth_atom_id_3 
_pdbx_validate_rmsd_angle.auth_asym_id_3 
_pdbx_validate_rmsd_angle.auth_comp_id_3 
_pdbx_validate_rmsd_angle.auth_seq_id_3 
_pdbx_validate_rmsd_angle.PDB_ins_code_3 
_pdbx_validate_rmsd_angle.label_alt_id_3 
_pdbx_validate_rmsd_angle.angle_value 
_pdbx_validate_rmsd_angle.angle_target_value 
_pdbx_validate_rmsd_angle.angle_deviation 
_pdbx_validate_rmsd_angle.angle_standard_deviation 
_pdbx_validate_rmsd_angle.linker_flag 
1 1 NE A ARG 84 ? ? CZ A ARG 84 ? ? NH2 A ARG 84 ? ? 117.04 120.30 -3.26 0.50 N 
2 1 NE B ARG 4  ? ? CZ B ARG 4  ? ? NH1 B ARG 4  ? ? 123.68 120.30 3.38  0.50 N 
# 
_pdbx_validate_main_chain_plane.id                       1 
_pdbx_validate_main_chain_plane.PDB_model_num            1 
_pdbx_validate_main_chain_plane.auth_comp_id             TYR 
_pdbx_validate_main_chain_plane.auth_asym_id             A 
_pdbx_validate_main_chain_plane.auth_seq_id              118 
_pdbx_validate_main_chain_plane.PDB_ins_code             ? 
_pdbx_validate_main_chain_plane.label_alt_id             ? 
_pdbx_validate_main_chain_plane.improper_torsion_angle   -12.24 
# 
_pdbx_distant_solvent_atoms.id                                1 
_pdbx_distant_solvent_atoms.PDB_model_num                     1 
_pdbx_distant_solvent_atoms.auth_atom_id                      O 
_pdbx_distant_solvent_atoms.label_alt_id                      ? 
_pdbx_distant_solvent_atoms.auth_asym_id                      A 
_pdbx_distant_solvent_atoms.auth_comp_id                      HOH 
_pdbx_distant_solvent_atoms.auth_seq_id                       443 
_pdbx_distant_solvent_atoms.PDB_ins_code                      ? 
_pdbx_distant_solvent_atoms.neighbor_macromolecule_distance   5.97 
_pdbx_distant_solvent_atoms.neighbor_ligand_distance          . 
# 
loop_
_chem_comp_atom.comp_id 
_chem_comp_atom.atom_id 
_chem_comp_atom.type_symbol 
_chem_comp_atom.pdbx_aromatic_flag 
_chem_comp_atom.pdbx_stereo_config 
_chem_comp_atom.pdbx_ordinal 
ALA N    N N N 1   
ALA CA   C N S 2   
ALA C    C N N 3   
ALA O    O N N 4   
ALA CB   C N N 5   
ALA OXT  O N N 6   
ALA H    H N N 7   
ALA H2   H N N 8   
ALA HA   H N N 9   
ALA HB1  H N N 10  
ALA HB2  H N N 11  
ALA HB3  H N N 12  
ALA HXT  H N N 13  
ARG N    N N N 14  
ARG CA   C N S 15  
ARG C    C N N 16  
ARG O    O N N 17  
ARG CB   C N N 18  
ARG CG   C N N 19  
ARG CD   C N N 20  
ARG NE   N N N 21  
ARG CZ   C N N 22  
ARG NH1  N N N 23  
ARG NH2  N N N 24  
ARG OXT  O N N 25  
ARG H    H N N 26  
ARG H2   H N N 27  
ARG HA   H N N 28  
ARG HB2  H N N 29  
ARG HB3  H N N 30  
ARG HG2  H N N 31  
ARG HG3  H N N 32  
ARG HD2  H N N 33  
ARG HD3  H N N 34  
ARG HE   H N N 35  
ARG HH11 H N N 36  
ARG HH12 H N N 37  
ARG HH21 H N N 38  
ARG HH22 H N N 39  
ARG HXT  H N N 40  
ASN N    N N N 41  
ASN CA   C N S 42  
ASN C    C N N 43  
ASN O    O N N 44  
ASN CB   C N N 45  
ASN CG   C N N 46  
ASN OD1  O N N 47  
ASN ND2  N N N 48  
ASN OXT  O N N 49  
ASN H    H N N 50  
ASN H2   H N N 51  
ASN HA   H N N 52  
ASN HB2  H N N 53  
ASN HB3  H N N 54  
ASN HD21 H N N 55  
ASN HD22 H N N 56  
ASN HXT  H N N 57  
ASP N    N N N 58  
ASP CA   C N S 59  
ASP C    C N N 60  
ASP O    O N N 61  
ASP CB   C N N 62  
ASP CG   C N N 63  
ASP OD1  O N N 64  
ASP OD2  O N N 65  
ASP OXT  O N N 66  
ASP H    H N N 67  
ASP H2   H N N 68  
ASP HA   H N N 69  
ASP HB2  H N N 70  
ASP HB3  H N N 71  
ASP HD2  H N N 72  
ASP HXT  H N N 73  
CYS N    N N N 74  
CYS CA   C N R 75  
CYS C    C N N 76  
CYS O    O N N 77  
CYS CB   C N N 78  
CYS SG   S N N 79  
CYS OXT  O N N 80  
CYS H    H N N 81  
CYS H2   H N N 82  
CYS HA   H N N 83  
CYS HB2  H N N 84  
CYS HB3  H N N 85  
CYS HG   H N N 86  
CYS HXT  H N N 87  
GLN N    N N N 88  
GLN CA   C N S 89  
GLN C    C N N 90  
GLN O    O N N 91  
GLN CB   C N N 92  
GLN CG   C N N 93  
GLN CD   C N N 94  
GLN OE1  O N N 95  
GLN NE2  N N N 96  
GLN OXT  O N N 97  
GLN H    H N N 98  
GLN H2   H N N 99  
GLN HA   H N N 100 
GLN HB2  H N N 101 
GLN HB3  H N N 102 
GLN HG2  H N N 103 
GLN HG3  H N N 104 
GLN HE21 H N N 105 
GLN HE22 H N N 106 
GLN HXT  H N N 107 
GLU N    N N N 108 
GLU CA   C N S 109 
GLU C    C N N 110 
GLU O    O N N 111 
GLU CB   C N N 112 
GLU CG   C N N 113 
GLU CD   C N N 114 
GLU OE1  O N N 115 
GLU OE2  O N N 116 
GLU OXT  O N N 117 
GLU H    H N N 118 
GLU H2   H N N 119 
GLU HA   H N N 120 
GLU HB2  H N N 121 
GLU HB3  H N N 122 
GLU HG2  H N N 123 
GLU HG3  H N N 124 
GLU HE2  H N N 125 
GLU HXT  H N N 126 
GLY N    N N N 127 
GLY CA   C N N 128 
GLY C    C N N 129 
GLY O    O N N 130 
GLY OXT  O N N 131 
GLY H    H N N 132 
GLY H2   H N N 133 
GLY HA2  H N N 134 
GLY HA3  H N N 135 
GLY HXT  H N N 136 
GOL C1   C N N 137 
GOL O1   O N N 138 
GOL C2   C N N 139 
GOL O2   O N N 140 
GOL C3   C N N 141 
GOL O3   O N N 142 
GOL H11  H N N 143 
GOL H12  H N N 144 
GOL HO1  H N N 145 
GOL H2   H N N 146 
GOL HO2  H N N 147 
GOL H31  H N N 148 
GOL H32  H N N 149 
GOL HO3  H N N 150 
HIS N    N N N 151 
HIS CA   C N S 152 
HIS C    C N N 153 
HIS O    O N N 154 
HIS CB   C N N 155 
HIS CG   C Y N 156 
HIS ND1  N Y N 157 
HIS CD2  C Y N 158 
HIS CE1  C Y N 159 
HIS NE2  N Y N 160 
HIS OXT  O N N 161 
HIS H    H N N 162 
HIS H2   H N N 163 
HIS HA   H N N 164 
HIS HB2  H N N 165 
HIS HB3  H N N 166 
HIS HD1  H N N 167 
HIS HD2  H N N 168 
HIS HE1  H N N 169 
HIS HE2  H N N 170 
HIS HXT  H N N 171 
HOH O    O N N 172 
HOH H1   H N N 173 
HOH H2   H N N 174 
ILE N    N N N 175 
ILE CA   C N S 176 
ILE C    C N N 177 
ILE O    O N N 178 
ILE CB   C N S 179 
ILE CG1  C N N 180 
ILE CG2  C N N 181 
ILE CD1  C N N 182 
ILE OXT  O N N 183 
ILE H    H N N 184 
ILE H2   H N N 185 
ILE HA   H N N 186 
ILE HB   H N N 187 
ILE HG12 H N N 188 
ILE HG13 H N N 189 
ILE HG21 H N N 190 
ILE HG22 H N N 191 
ILE HG23 H N N 192 
ILE HD11 H N N 193 
ILE HD12 H N N 194 
ILE HD13 H N N 195 
ILE HXT  H N N 196 
JJ9 C13  C N N 197 
JJ9 C15  C Y N 198 
JJ9 C17  C Y N 199 
JJ9 C20  C N N 200 
JJ9 O14  O N N 201 
JJ9 N7   N N N 202 
JJ9 C8   C N N 203 
JJ9 C9   C N N 204 
JJ9 N10  N N N 205 
JJ9 C11  C N N 206 
JJ9 O12  O N N 207 
JJ9 C3   C Y N 208 
JJ9 C2   C Y N 209 
JJ9 C4   C Y N 210 
JJ9 C5   C Y N 211 
JJ9 C6   C Y N 212 
JJ9 C1   C Y N 213 
JJ9 S16  S Y N 214 
JJ9 N18  N Y N 215 
JJ9 C19  C Y N 216 
JJ9 C21  C N N 217 
JJ9 O22  O N N 218 
JJ9 H1   H N N 219 
JJ9 H2   H N N 220 
JJ9 H3   H N N 221 
JJ9 H4   H N N 222 
JJ9 H5   H N N 223 
JJ9 H6   H N N 224 
JJ9 H7   H N N 225 
JJ9 H8   H N N 226 
JJ9 H9   H N N 227 
JJ9 H10  H N N 228 
JJ9 H11  H N N 229 
JJ9 H12  H N N 230 
JJ9 H13  H N N 231 
JJ9 H14  H N N 232 
JJ9 H16  H N N 233 
LEU N    N N N 234 
LEU CA   C N S 235 
LEU C    C N N 236 
LEU O    O N N 237 
LEU CB   C N N 238 
LEU CG   C N N 239 
LEU CD1  C N N 240 
LEU CD2  C N N 241 
LEU OXT  O N N 242 
LEU H    H N N 243 
LEU H2   H N N 244 
LEU HA   H N N 245 
LEU HB2  H N N 246 
LEU HB3  H N N 247 
LEU HG   H N N 248 
LEU HD11 H N N 249 
LEU HD12 H N N 250 
LEU HD13 H N N 251 
LEU HD21 H N N 252 
LEU HD22 H N N 253 
LEU HD23 H N N 254 
LEU HXT  H N N 255 
LYS N    N N N 256 
LYS CA   C N S 257 
LYS C    C N N 258 
LYS O    O N N 259 
LYS CB   C N N 260 
LYS CG   C N N 261 
LYS CD   C N N 262 
LYS CE   C N N 263 
LYS NZ   N N N 264 
LYS OXT  O N N 265 
LYS H    H N N 266 
LYS H2   H N N 267 
LYS HA   H N N 268 
LYS HB2  H N N 269 
LYS HB3  H N N 270 
LYS HG2  H N N 271 
LYS HG3  H N N 272 
LYS HD2  H N N 273 
LYS HD3  H N N 274 
LYS HE2  H N N 275 
LYS HE3  H N N 276 
LYS HZ1  H N N 277 
LYS HZ2  H N N 278 
LYS HZ3  H N N 279 
LYS HXT  H N N 280 
MET N    N N N 281 
MET CA   C N S 282 
MET C    C N N 283 
MET O    O N N 284 
MET CB   C N N 285 
MET CG   C N N 286 
MET SD   S N N 287 
MET CE   C N N 288 
MET OXT  O N N 289 
MET H    H N N 290 
MET H2   H N N 291 
MET HA   H N N 292 
MET HB2  H N N 293 
MET HB3  H N N 294 
MET HG2  H N N 295 
MET HG3  H N N 296 
MET HE1  H N N 297 
MET HE2  H N N 298 
MET HE3  H N N 299 
MET HXT  H N N 300 
PHE N    N N N 301 
PHE CA   C N S 302 
PHE C    C N N 303 
PHE O    O N N 304 
PHE CB   C N N 305 
PHE CG   C Y N 306 
PHE CD1  C Y N 307 
PHE CD2  C Y N 308 
PHE CE1  C Y N 309 
PHE CE2  C Y N 310 
PHE CZ   C Y N 311 
PHE OXT  O N N 312 
PHE H    H N N 313 
PHE H2   H N N 314 
PHE HA   H N N 315 
PHE HB2  H N N 316 
PHE HB3  H N N 317 
PHE HD1  H N N 318 
PHE HD2  H N N 319 
PHE HE1  H N N 320 
PHE HE2  H N N 321 
PHE HZ   H N N 322 
PHE HXT  H N N 323 
PRO N    N N N 324 
PRO CA   C N S 325 
PRO C    C N N 326 
PRO O    O N N 327 
PRO CB   C N N 328 
PRO CG   C N N 329 
PRO CD   C N N 330 
PRO OXT  O N N 331 
PRO H    H N N 332 
PRO HA   H N N 333 
PRO HB2  H N N 334 
PRO HB3  H N N 335 
PRO HG2  H N N 336 
PRO HG3  H N N 337 
PRO HD2  H N N 338 
PRO HD3  H N N 339 
PRO HXT  H N N 340 
SER N    N N N 341 
SER CA   C N S 342 
SER C    C N N 343 
SER O    O N N 344 
SER CB   C N N 345 
SER OG   O N N 346 
SER OXT  O N N 347 
SER H    H N N 348 
SER H2   H N N 349 
SER HA   H N N 350 
SER HB2  H N N 351 
SER HB3  H N N 352 
SER HG   H N N 353 
SER HXT  H N N 354 
THR N    N N N 355 
THR CA   C N S 356 
THR C    C N N 357 
THR O    O N N 358 
THR CB   C N R 359 
THR OG1  O N N 360 
THR CG2  C N N 361 
THR OXT  O N N 362 
THR H    H N N 363 
THR H2   H N N 364 
THR HA   H N N 365 
THR HB   H N N 366 
THR HG1  H N N 367 
THR HG21 H N N 368 
THR HG22 H N N 369 
THR HG23 H N N 370 
THR HXT  H N N 371 
TRP N    N N N 372 
TRP CA   C N S 373 
TRP C    C N N 374 
TRP O    O N N 375 
TRP CB   C N N 376 
TRP CG   C Y N 377 
TRP CD1  C Y N 378 
TRP CD2  C Y N 379 
TRP NE1  N Y N 380 
TRP CE2  C Y N 381 
TRP CE3  C Y N 382 
TRP CZ2  C Y N 383 
TRP CZ3  C Y N 384 
TRP CH2  C Y N 385 
TRP OXT  O N N 386 
TRP H    H N N 387 
TRP H2   H N N 388 
TRP HA   H N N 389 
TRP HB2  H N N 390 
TRP HB3  H N N 391 
TRP HD1  H N N 392 
TRP HE1  H N N 393 
TRP HE3  H N N 394 
TRP HZ2  H N N 395 
TRP HZ3  H N N 396 
TRP HH2  H N N 397 
TRP HXT  H N N 398 
TYR N    N N N 399 
TYR CA   C N S 400 
TYR C    C N N 401 
TYR O    O N N 402 
TYR CB   C N N 403 
TYR CG   C Y N 404 
TYR CD1  C Y N 405 
TYR CD2  C Y N 406 
TYR CE1  C Y N 407 
TYR CE2  C Y N 408 
TYR CZ   C Y N 409 
TYR OH   O N N 410 
TYR OXT  O N N 411 
TYR H    H N N 412 
TYR H2   H N N 413 
TYR HA   H N N 414 
TYR HB2  H N N 415 
TYR HB3  H N N 416 
TYR HD1  H N N 417 
TYR HD2  H N N 418 
TYR HE1  H N N 419 
TYR HE2  H N N 420 
TYR HH   H N N 421 
TYR HXT  H N N 422 
VAL N    N N N 423 
VAL CA   C N S 424 
VAL C    C N N 425 
VAL O    O N N 426 
VAL CB   C N N 427 
VAL CG1  C N N 428 
VAL CG2  C N N 429 
VAL OXT  O N N 430 
VAL H    H N N 431 
VAL H2   H N N 432 
VAL HA   H N N 433 
VAL HB   H N N 434 
VAL HG11 H N N 435 
VAL HG12 H N N 436 
VAL HG13 H N N 437 
VAL HG21 H N N 438 
VAL HG22 H N N 439 
VAL HG23 H N N 440 
VAL HXT  H N N 441 
# 
loop_
_chem_comp_bond.comp_id 
_chem_comp_bond.atom_id_1 
_chem_comp_bond.atom_id_2 
_chem_comp_bond.value_order 
_chem_comp_bond.pdbx_aromatic_flag 
_chem_comp_bond.pdbx_stereo_config 
_chem_comp_bond.pdbx_ordinal 
ALA N   CA   sing N N 1   
ALA N   H    sing N N 2   
ALA N   H2   sing N N 3   
ALA CA  C    sing N N 4   
ALA CA  CB   sing N N 5   
ALA CA  HA   sing N N 6   
ALA C   O    doub N N 7   
ALA C   OXT  sing N N 8   
ALA CB  HB1  sing N N 9   
ALA CB  HB2  sing N N 10  
ALA CB  HB3  sing N N 11  
ALA OXT HXT  sing N N 12  
ARG N   CA   sing N N 13  
ARG N   H    sing N N 14  
ARG N   H2   sing N N 15  
ARG CA  C    sing N N 16  
ARG CA  CB   sing N N 17  
ARG CA  HA   sing N N 18  
ARG C   O    doub N N 19  
ARG C   OXT  sing N N 20  
ARG CB  CG   sing N N 21  
ARG CB  HB2  sing N N 22  
ARG CB  HB3  sing N N 23  
ARG CG  CD   sing N N 24  
ARG CG  HG2  sing N N 25  
ARG CG  HG3  sing N N 26  
ARG CD  NE   sing N N 27  
ARG CD  HD2  sing N N 28  
ARG CD  HD3  sing N N 29  
ARG NE  CZ   sing N N 30  
ARG NE  HE   sing N N 31  
ARG CZ  NH1  sing N N 32  
ARG CZ  NH2  doub N N 33  
ARG NH1 HH11 sing N N 34  
ARG NH1 HH12 sing N N 35  
ARG NH2 HH21 sing N N 36  
ARG NH2 HH22 sing N N 37  
ARG OXT HXT  sing N N 38  
ASN N   CA   sing N N 39  
ASN N   H    sing N N 40  
ASN N   H2   sing N N 41  
ASN CA  C    sing N N 42  
ASN CA  CB   sing N N 43  
ASN CA  HA   sing N N 44  
ASN C   O    doub N N 45  
ASN C   OXT  sing N N 46  
ASN CB  CG   sing N N 47  
ASN CB  HB2  sing N N 48  
ASN CB  HB3  sing N N 49  
ASN CG  OD1  doub N N 50  
ASN CG  ND2  sing N N 51  
ASN ND2 HD21 sing N N 52  
ASN ND2 HD22 sing N N 53  
ASN OXT HXT  sing N N 54  
ASP N   CA   sing N N 55  
ASP N   H    sing N N 56  
ASP N   H2   sing N N 57  
ASP CA  C    sing N N 58  
ASP CA  CB   sing N N 59  
ASP CA  HA   sing N N 60  
ASP C   O    doub N N 61  
ASP C   OXT  sing N N 62  
ASP CB  CG   sing N N 63  
ASP CB  HB2  sing N N 64  
ASP CB  HB3  sing N N 65  
ASP CG  OD1  doub N N 66  
ASP CG  OD2  sing N N 67  
ASP OD2 HD2  sing N N 68  
ASP OXT HXT  sing N N 69  
CYS N   CA   sing N N 70  
CYS N   H    sing N N 71  
CYS N   H2   sing N N 72  
CYS CA  C    sing N N 73  
CYS CA  CB   sing N N 74  
CYS CA  HA   sing N N 75  
CYS C   O    doub N N 76  
CYS C   OXT  sing N N 77  
CYS CB  SG   sing N N 78  
CYS CB  HB2  sing N N 79  
CYS CB  HB3  sing N N 80  
CYS SG  HG   sing N N 81  
CYS OXT HXT  sing N N 82  
GLN N   CA   sing N N 83  
GLN N   H    sing N N 84  
GLN N   H2   sing N N 85  
GLN CA  C    sing N N 86  
GLN CA  CB   sing N N 87  
GLN CA  HA   sing N N 88  
GLN C   O    doub N N 89  
GLN C   OXT  sing N N 90  
GLN CB  CG   sing N N 91  
GLN CB  HB2  sing N N 92  
GLN CB  HB3  sing N N 93  
GLN CG  CD   sing N N 94  
GLN CG  HG2  sing N N 95  
GLN CG  HG3  sing N N 96  
GLN CD  OE1  doub N N 97  
GLN CD  NE2  sing N N 98  
GLN NE2 HE21 sing N N 99  
GLN NE2 HE22 sing N N 100 
GLN OXT HXT  sing N N 101 
GLU N   CA   sing N N 102 
GLU N   H    sing N N 103 
GLU N   H2   sing N N 104 
GLU CA  C    sing N N 105 
GLU CA  CB   sing N N 106 
GLU CA  HA   sing N N 107 
GLU C   O    doub N N 108 
GLU C   OXT  sing N N 109 
GLU CB  CG   sing N N 110 
GLU CB  HB2  sing N N 111 
GLU CB  HB3  sing N N 112 
GLU CG  CD   sing N N 113 
GLU CG  HG2  sing N N 114 
GLU CG  HG3  sing N N 115 
GLU CD  OE1  doub N N 116 
GLU CD  OE2  sing N N 117 
GLU OE2 HE2  sing N N 118 
GLU OXT HXT  sing N N 119 
GLY N   CA   sing N N 120 
GLY N   H    sing N N 121 
GLY N   H2   sing N N 122 
GLY CA  C    sing N N 123 
GLY CA  HA2  sing N N 124 
GLY CA  HA3  sing N N 125 
GLY C   O    doub N N 126 
GLY C   OXT  sing N N 127 
GLY OXT HXT  sing N N 128 
GOL C1  O1   sing N N 129 
GOL C1  C2   sing N N 130 
GOL C1  H11  sing N N 131 
GOL C1  H12  sing N N 132 
GOL O1  HO1  sing N N 133 
GOL C2  O2   sing N N 134 
GOL C2  C3   sing N N 135 
GOL C2  H2   sing N N 136 
GOL O2  HO2  sing N N 137 
GOL C3  O3   sing N N 138 
GOL C3  H31  sing N N 139 
GOL C3  H32  sing N N 140 
GOL O3  HO3  sing N N 141 
HIS N   CA   sing N N 142 
HIS N   H    sing N N 143 
HIS N   H2   sing N N 144 
HIS CA  C    sing N N 145 
HIS CA  CB   sing N N 146 
HIS CA  HA   sing N N 147 
HIS C   O    doub N N 148 
HIS C   OXT  sing N N 149 
HIS CB  CG   sing N N 150 
HIS CB  HB2  sing N N 151 
HIS CB  HB3  sing N N 152 
HIS CG  ND1  sing Y N 153 
HIS CG  CD2  doub Y N 154 
HIS ND1 CE1  doub Y N 155 
HIS ND1 HD1  sing N N 156 
HIS CD2 NE2  sing Y N 157 
HIS CD2 HD2  sing N N 158 
HIS CE1 NE2  sing Y N 159 
HIS CE1 HE1  sing N N 160 
HIS NE2 HE2  sing N N 161 
HIS OXT HXT  sing N N 162 
HOH O   H1   sing N N 163 
HOH O   H2   sing N N 164 
ILE N   CA   sing N N 165 
ILE N   H    sing N N 166 
ILE N   H2   sing N N 167 
ILE CA  C    sing N N 168 
ILE CA  CB   sing N N 169 
ILE CA  HA   sing N N 170 
ILE C   O    doub N N 171 
ILE C   OXT  sing N N 172 
ILE CB  CG1  sing N N 173 
ILE CB  CG2  sing N N 174 
ILE CB  HB   sing N N 175 
ILE CG1 CD1  sing N N 176 
ILE CG1 HG12 sing N N 177 
ILE CG1 HG13 sing N N 178 
ILE CG2 HG21 sing N N 179 
ILE CG2 HG22 sing N N 180 
ILE CG2 HG23 sing N N 181 
ILE CD1 HD11 sing N N 182 
ILE CD1 HD12 sing N N 183 
ILE CD1 HD13 sing N N 184 
ILE OXT HXT  sing N N 185 
JJ9 O12 C11  doub N N 186 
JJ9 C20 C11  sing N N 187 
JJ9 C11 N10  sing N N 188 
JJ9 N10 C9   sing N N 189 
JJ9 C9  C8   sing N N 190 
JJ9 S16 C15  sing Y N 191 
JJ9 S16 C17  sing Y N 192 
JJ9 C4  C5   doub Y N 193 
JJ9 C4  C3   sing Y N 194 
JJ9 C5  C6   sing Y N 195 
JJ9 O14 C13  doub N N 196 
JJ9 C15 C19  doub Y N 197 
JJ9 C8  N7   sing N N 198 
JJ9 C13 N7   sing N N 199 
JJ9 C13 C3   sing N N 200 
JJ9 C3  C2   doub Y N 201 
JJ9 C6  C17  sing N N 202 
JJ9 C6  C1   doub Y N 203 
JJ9 C17 N18  doub Y N 204 
JJ9 C2  C1   sing Y N 205 
JJ9 C19 N18  sing Y N 206 
JJ9 C19 C21  sing N N 207 
JJ9 C21 O22  doub N N 208 
JJ9 C15 H1   sing N N 209 
JJ9 C20 H2   sing N N 210 
JJ9 C20 H3   sing N N 211 
JJ9 C20 H4   sing N N 212 
JJ9 N7  H5   sing N N 213 
JJ9 C8  H6   sing N N 214 
JJ9 C8  H7   sing N N 215 
JJ9 C9  H8   sing N N 216 
JJ9 C9  H9   sing N N 217 
JJ9 N10 H10  sing N N 218 
JJ9 C2  H11  sing N N 219 
JJ9 C4  H12  sing N N 220 
JJ9 C5  H13  sing N N 221 
JJ9 C1  H14  sing N N 222 
JJ9 C21 H16  sing N N 223 
LEU N   CA   sing N N 224 
LEU N   H    sing N N 225 
LEU N   H2   sing N N 226 
LEU CA  C    sing N N 227 
LEU CA  CB   sing N N 228 
LEU CA  HA   sing N N 229 
LEU C   O    doub N N 230 
LEU C   OXT  sing N N 231 
LEU CB  CG   sing N N 232 
LEU CB  HB2  sing N N 233 
LEU CB  HB3  sing N N 234 
LEU CG  CD1  sing N N 235 
LEU CG  CD2  sing N N 236 
LEU CG  HG   sing N N 237 
LEU CD1 HD11 sing N N 238 
LEU CD1 HD12 sing N N 239 
LEU CD1 HD13 sing N N 240 
LEU CD2 HD21 sing N N 241 
LEU CD2 HD22 sing N N 242 
LEU CD2 HD23 sing N N 243 
LEU OXT HXT  sing N N 244 
LYS N   CA   sing N N 245 
LYS N   H    sing N N 246 
LYS N   H2   sing N N 247 
LYS CA  C    sing N N 248 
LYS CA  CB   sing N N 249 
LYS CA  HA   sing N N 250 
LYS C   O    doub N N 251 
LYS C   OXT  sing N N 252 
LYS CB  CG   sing N N 253 
LYS CB  HB2  sing N N 254 
LYS CB  HB3  sing N N 255 
LYS CG  CD   sing N N 256 
LYS CG  HG2  sing N N 257 
LYS CG  HG3  sing N N 258 
LYS CD  CE   sing N N 259 
LYS CD  HD2  sing N N 260 
LYS CD  HD3  sing N N 261 
LYS CE  NZ   sing N N 262 
LYS CE  HE2  sing N N 263 
LYS CE  HE3  sing N N 264 
LYS NZ  HZ1  sing N N 265 
LYS NZ  HZ2  sing N N 266 
LYS NZ  HZ3  sing N N 267 
LYS OXT HXT  sing N N 268 
MET N   CA   sing N N 269 
MET N   H    sing N N 270 
MET N   H2   sing N N 271 
MET CA  C    sing N N 272 
MET CA  CB   sing N N 273 
MET CA  HA   sing N N 274 
MET C   O    doub N N 275 
MET C   OXT  sing N N 276 
MET CB  CG   sing N N 277 
MET CB  HB2  sing N N 278 
MET CB  HB3  sing N N 279 
MET CG  SD   sing N N 280 
MET CG  HG2  sing N N 281 
MET CG  HG3  sing N N 282 
MET SD  CE   sing N N 283 
MET CE  HE1  sing N N 284 
MET CE  HE2  sing N N 285 
MET CE  HE3  sing N N 286 
MET OXT HXT  sing N N 287 
PHE N   CA   sing N N 288 
PHE N   H    sing N N 289 
PHE N   H2   sing N N 290 
PHE CA  C    sing N N 291 
PHE CA  CB   sing N N 292 
PHE CA  HA   sing N N 293 
PHE C   O    doub N N 294 
PHE C   OXT  sing N N 295 
PHE CB  CG   sing N N 296 
PHE CB  HB2  sing N N 297 
PHE CB  HB3  sing N N 298 
PHE CG  CD1  doub Y N 299 
PHE CG  CD2  sing Y N 300 
PHE CD1 CE1  sing Y N 301 
PHE CD1 HD1  sing N N 302 
PHE CD2 CE2  doub Y N 303 
PHE CD2 HD2  sing N N 304 
PHE CE1 CZ   doub Y N 305 
PHE CE1 HE1  sing N N 306 
PHE CE2 CZ   sing Y N 307 
PHE CE2 HE2  sing N N 308 
PHE CZ  HZ   sing N N 309 
PHE OXT HXT  sing N N 310 
PRO N   CA   sing N N 311 
PRO N   CD   sing N N 312 
PRO N   H    sing N N 313 
PRO CA  C    sing N N 314 
PRO CA  CB   sing N N 315 
PRO CA  HA   sing N N 316 
PRO C   O    doub N N 317 
PRO C   OXT  sing N N 318 
PRO CB  CG   sing N N 319 
PRO CB  HB2  sing N N 320 
PRO CB  HB3  sing N N 321 
PRO CG  CD   sing N N 322 
PRO CG  HG2  sing N N 323 
PRO CG  HG3  sing N N 324 
PRO CD  HD2  sing N N 325 
PRO CD  HD3  sing N N 326 
PRO OXT HXT  sing N N 327 
SER N   CA   sing N N 328 
SER N   H    sing N N 329 
SER N   H2   sing N N 330 
SER CA  C    sing N N 331 
SER CA  CB   sing N N 332 
SER CA  HA   sing N N 333 
SER C   O    doub N N 334 
SER C   OXT  sing N N 335 
SER CB  OG   sing N N 336 
SER CB  HB2  sing N N 337 
SER CB  HB3  sing N N 338 
SER OG  HG   sing N N 339 
SER OXT HXT  sing N N 340 
THR N   CA   sing N N 341 
THR N   H    sing N N 342 
THR N   H2   sing N N 343 
THR CA  C    sing N N 344 
THR CA  CB   sing N N 345 
THR CA  HA   sing N N 346 
THR C   O    doub N N 347 
THR C   OXT  sing N N 348 
THR CB  OG1  sing N N 349 
THR CB  CG2  sing N N 350 
THR CB  HB   sing N N 351 
THR OG1 HG1  sing N N 352 
THR CG2 HG21 sing N N 353 
THR CG2 HG22 sing N N 354 
THR CG2 HG23 sing N N 355 
THR OXT HXT  sing N N 356 
TRP N   CA   sing N N 357 
TRP N   H    sing N N 358 
TRP N   H2   sing N N 359 
TRP CA  C    sing N N 360 
TRP CA  CB   sing N N 361 
TRP CA  HA   sing N N 362 
TRP C   O    doub N N 363 
TRP C   OXT  sing N N 364 
TRP CB  CG   sing N N 365 
TRP CB  HB2  sing N N 366 
TRP CB  HB3  sing N N 367 
TRP CG  CD1  doub Y N 368 
TRP CG  CD2  sing Y N 369 
TRP CD1 NE1  sing Y N 370 
TRP CD1 HD1  sing N N 371 
TRP CD2 CE2  doub Y N 372 
TRP CD2 CE3  sing Y N 373 
TRP NE1 CE2  sing Y N 374 
TRP NE1 HE1  sing N N 375 
TRP CE2 CZ2  sing Y N 376 
TRP CE3 CZ3  doub Y N 377 
TRP CE3 HE3  sing N N 378 
TRP CZ2 CH2  doub Y N 379 
TRP CZ2 HZ2  sing N N 380 
TRP CZ3 CH2  sing Y N 381 
TRP CZ3 HZ3  sing N N 382 
TRP CH2 HH2  sing N N 383 
TRP OXT HXT  sing N N 384 
TYR N   CA   sing N N 385 
TYR N   H    sing N N 386 
TYR N   H2   sing N N 387 
TYR CA  C    sing N N 388 
TYR CA  CB   sing N N 389 
TYR CA  HA   sing N N 390 
TYR C   O    doub N N 391 
TYR C   OXT  sing N N 392 
TYR CB  CG   sing N N 393 
TYR CB  HB2  sing N N 394 
TYR CB  HB3  sing N N 395 
TYR CG  CD1  doub Y N 396 
TYR CG  CD2  sing Y N 397 
TYR CD1 CE1  sing Y N 398 
TYR CD1 HD1  sing N N 399 
TYR CD2 CE2  doub Y N 400 
TYR CD2 HD2  sing N N 401 
TYR CE1 CZ   doub Y N 402 
TYR CE1 HE1  sing N N 403 
TYR CE2 CZ   sing Y N 404 
TYR CE2 HE2  sing N N 405 
TYR CZ  OH   sing N N 406 
TYR OH  HH   sing N N 407 
TYR OXT HXT  sing N N 408 
VAL N   CA   sing N N 409 
VAL N   H    sing N N 410 
VAL N   H2   sing N N 411 
VAL CA  C    sing N N 412 
VAL CA  CB   sing N N 413 
VAL CA  HA   sing N N 414 
VAL C   O    doub N N 415 
VAL C   OXT  sing N N 416 
VAL CB  CG1  sing N N 417 
VAL CB  CG2  sing N N 418 
VAL CB  HB   sing N N 419 
VAL CG1 HG11 sing N N 420 
VAL CG1 HG12 sing N N 421 
VAL CG1 HG13 sing N N 422 
VAL CG2 HG21 sing N N 423 
VAL CG2 HG22 sing N N 424 
VAL CG2 HG23 sing N N 425 
VAL OXT HXT  sing N N 426 
# 
_pdbx_audit_support.funding_organization   'National Natural Science Foundation of China (NSFC)' 
_pdbx_audit_support.country                China 
_pdbx_audit_support.grant_number           ? 
_pdbx_audit_support.ordinal                1 
# 
_atom_sites.entry_id                    7YAA 
_atom_sites.Cartn_transf_matrix[1][1]   ? 
_atom_sites.Cartn_transf_matrix[1][2]   ? 
_atom_sites.Cartn_transf_matrix[1][3]   ? 
_atom_sites.Cartn_transf_matrix[2][1]   ? 
_atom_sites.Cartn_transf_matrix[2][2]   ? 
_atom_sites.Cartn_transf_matrix[2][3]   ? 
_atom_sites.Cartn_transf_matrix[3][1]   ? 
_atom_sites.Cartn_transf_matrix[3][2]   ? 
_atom_sites.Cartn_transf_matrix[3][3]   ? 
_atom_sites.Cartn_transf_vector[1]      ? 
_atom_sites.Cartn_transf_vector[2]      ? 
_atom_sites.Cartn_transf_vector[3]      ? 
_atom_sites.fract_transf_matrix[1][1]   0.00930574 
_atom_sites.fract_transf_matrix[1][2]   0.00544716 
_atom_sites.fract_transf_matrix[1][3]   -0.00952003 
_atom_sites.fract_transf_matrix[2][1]   -0.00628464 
_atom_sites.fract_transf_matrix[2][2]   0.00758345 
_atom_sites.fract_transf_matrix[2][3]   -0.00180408 
_atom_sites.fract_transf_matrix[3][1]   0.00845789 
_atom_sites.fract_transf_matrix[3][2]   0.01039047 
_atom_sites.fract_transf_matrix[3][3]   0.01421271 
_atom_sites.fract_transf_vector[1]      -0.354466 
_atom_sites.fract_transf_vector[2]      -0.150842 
_atom_sites.fract_transf_vector[3]      -0.036490 
_atom_sites.solution_primary            ? 
_atom_sites.solution_secondary          ? 
_atom_sites.solution_hydrogens          ? 
_atom_sites.special_details             ? 
# 
loop_
_atom_type.symbol 
C 
N 
O 
S 
# 
loop_
_atom_site.group_PDB 
_atom_site.id 
_atom_site.type_symbol 
_atom_site.label_atom_id 
_atom_site.label_alt_id 
_atom_site.label_comp_id 
_atom_site.label_asym_id 
_atom_site.label_entity_id 
_atom_site.label_seq_id 
_atom_site.pdbx_PDB_ins_code 
_atom_site.Cartn_x 
_atom_site.Cartn_y 
_atom_site.Cartn_z 
_atom_site.occupancy 
_atom_site.B_iso_or_equiv 
_atom_site.pdbx_formal_charge 
_atom_site.auth_seq_id 
_atom_site.auth_comp_id 
_atom_site.auth_asym_id 
_atom_site.auth_atom_id 
_atom_site.pdbx_PDB_model_num 
ATOM   1    N N   . MET A 1 1   ? -8.547  -24.621 -6.603  1.00 46.14 ?  1   MET A N   1 
ATOM   2    C CA  . MET A 1 1   ? -9.759  -23.737 -6.572  1.00 40.73 ?  1   MET A CA  1 
ATOM   3    C C   . MET A 1 1   ? -10.325 -23.594 -5.146  1.00 37.29 ?  1   MET A C   1 
ATOM   4    O O   . MET A 1 1   ? -11.265 -22.800 -4.979  1.00 29.67 ?  1   MET A O   1 
ATOM   5    C CB  . MET A 1 1   ? -10.860 -24.300 -7.475  1.00 41.57 ?  1   MET A CB  1 
ATOM   6    N N   . SER A 1 2   ? -9.843  -24.332 -4.145  1.00 34.23 ?  2   SER A N   1 
ATOM   7    C CA  . SER A 1 2   ? -10.411 -24.276 -2.770  1.00 34.60 ?  2   SER A CA  1 
ATOM   8    C C   . SER A 1 2   ? -10.370 -22.836 -2.226  1.00 33.94 ?  2   SER A C   1 
ATOM   9    O O   . SER A 1 2   ? -11.403 -22.373 -1.656  1.00 27.98 ?  2   SER A O   1 
ATOM   10   C CB  . SER A 1 2   ? -9.732  -25.242 -1.831  1.00 37.91 ?  2   SER A CB  1 
ATOM   11   O OG  . SER A 1 2   ? -8.472  -24.752 -1.415  1.00 44.71 ?  2   SER A OG  1 
ATOM   12   N N   . GLN A 1 3   ? -9.236  -22.148 -2.358  1.00 30.47 ?  3   GLN A N   1 
ATOM   13   C CA  . GLN A 1 3   ? -9.072  -20.756 -1.859  1.00 29.92 ?  3   GLN A CA  1 
ATOM   14   C C   . GLN A 1 3   ? -10.084 -19.841 -2.555  1.00 23.69 ?  3   GLN A C   1 
ATOM   15   O O   . GLN A 1 3   ? -10.781 -19.063 -1.834  1.00 23.80 ?  3   GLN A O   1 
ATOM   16   C CB  . GLN A 1 3   ? -7.658  -20.242 -2.100  1.00 33.59 ?  3   GLN A CB  1 
ATOM   17   C CG  . GLN A 1 3   ? -7.411  -18.961 -1.312  1.00 42.53 ?  3   GLN A CG  1 
ATOM   18   C CD  . GLN A 1 3   ? -6.006  -18.432 -1.451  1.00 48.02 ?  3   GLN A CD  1 
ATOM   19   O OE1 . GLN A 1 3   ? -5.031  -19.093 -1.093  1.00 55.37 ?  3   GLN A OE1 1 
ATOM   20   N NE2 . GLN A 1 3   ? -5.897  -17.216 -1.956  1.00 51.56 ?  3   GLN A NE2 1 
ATOM   21   N N   . SER A 1 4   ? -10.158 -19.884 -3.875  1.00 21.12 ?  4   SER A N   1 
ATOM   22   C CA  . SER A 1 4   ? -11.116 -19.105 -4.685  1.00 22.02 ?  4   SER A CA  1 
ATOM   23   C C   . SER A 1 4   ? -12.528 -19.410 -4.193  1.00 21.21 ?  4   SER A C   1 
ATOM   24   O O   . SER A 1 4   ? -13.329 -18.459 -4.039  1.00 20.72 ?  4   SER A O   1 
ATOM   25   C CB  . SER A 1 4   ? -10.989 -19.371 -6.177  1.00 25.69 ?  4   SER A CB  1 
ATOM   26   O OG  . SER A 1 4   ? -9.782  -18.810 -6.659  1.00 34.07 ?  4   SER A OG  1 
ATOM   27   N N   . ASN A 1 5   ? -12.877 -20.678 -3.997  1.00 20.00 ?  5   ASN A N   1 
ATOM   28   C CA  . ASN A 1 5   ? -14.267 -21.014 -3.599  1.00 19.21 ?  5   ASN A CA  1 
ATOM   29   C C   . ASN A 1 5   ? -14.528 -20.449 -2.190  1.00 20.03 ?  5   ASN A C   1 
ATOM   30   O O   . ASN A 1 5   ? -15.630 -19.931 -1.967  1.00 16.07 ?  5   ASN A O   1 
ATOM   31   C CB  . ASN A 1 5   ? -14.535 -22.516 -3.776  1.00 21.46 ?  5   ASN A CB  1 
ATOM   32   C CG  . ASN A 1 5   ? -14.738 -22.936 -5.217  1.00 20.16 ?  5   ASN A CG  1 
ATOM   33   O OD1 . ASN A 1 5   ? -14.564 -24.105 -5.572  1.00 25.68 ?  5   ASN A OD1 1 
ATOM   34   N ND2 . ASN A 1 5   ? -15.184 -22.011 -6.060  1.00 20.34 ?  5   ASN A ND2 1 
ATOM   35   N N   . ARG A 1 6   ? -13.558 -20.431 -1.295  1.00 19.12 ?  6   ARG A N   1 
ATOM   36   C CA  . ARG A 1 6   ? -13.731 -19.896 0.089   1.00 21.08 ?  6   ARG A CA  1 
ATOM   37   C C   . ARG A 1 6   ? -14.004 -18.382 -0.010  1.00 19.03 ?  6   ARG A C   1 
ATOM   38   O O   . ARG A 1 6   ? -14.929 -17.825 0.683   1.00 17.20 ?  6   ARG A O   1 
ATOM   39   C CB  . ARG A 1 6   ? -12.481 -20.138 0.931   1.00 28.47 ?  6   ARG A CB  1 
ATOM   40   C CG  . ARG A 1 6   ? -12.704 -19.912 2.418   1.00 33.61 ?  6   ARG A CG  1 
ATOM   41   C CD  . ARG A 1 6   ? -11.465 -19.485 3.185   1.00 44.90 ?  6   ARG A CD  1 
ATOM   42   N NE  . ARG A 1 6   ? -10.818 -20.570 3.917   1.00 53.91 ?  6   ARG A NE  1 
ATOM   43   C CZ  . ARG A 1 6   ? -9.621  -21.099 3.631   1.00 63.07 ?  6   ARG A CZ  1 
ATOM   44   N NH1 . ARG A 1 6   ? -8.911  -20.660 2.601   1.00 61.98 1  6   ARG A NH1 1 
ATOM   45   N NH2 . ARG A 1 6   ? -9.136  -22.073 4.394   1.00 62.60 ?  6   ARG A NH2 1 
ATOM   46   N N   . GLU A 1 7   ? -13.305 -17.691 -0.880  1.00 16.93 ?  7   GLU A N   1 
ATOM   47   C CA  . GLU A 1 7   ? -13.448 -16.221 -1.071  1.00 17.99 ?  7   GLU A CA  1 
ATOM   48   C C   . GLU A 1 7   ? -14.804 -15.963 -1.717  1.00 14.84 ?  7   GLU A C   1 
ATOM   49   O O   . GLU A 1 7   ? -15.461 -14.917 -1.399  1.00 14.69 ?  7   GLU A O   1 
ATOM   50   C CB  . GLU A 1 7   ? -12.274 -15.676 -1.874  1.00 25.53 ?  7   GLU A CB  1 
ATOM   51   C CG  . GLU A 1 7   ? -11.048 -15.550 -0.968  1.00 31.55 ?  7   GLU A CG  1 
ATOM   52   C CD  . GLU A 1 7   ? -9.695  -15.411 -1.646  1.00 37.45 ?  7   GLU A CD  1 
ATOM   53   O OE1 . GLU A 1 7   ? -9.681  -14.968 -2.819  1.00 41.85 ?  7   GLU A OE1 1 
ATOM   54   O OE2 . GLU A 1 7   ? -8.658  -15.750 -0.980  1.00 39.97 -1 7   GLU A OE2 1 
ATOM   55   N N   . LEU A 1 8   ? -15.316 -16.860 -2.540  1.00 13.10 ?  8   LEU A N   1 
ATOM   56   C CA  . LEU A 1 8   ? -16.627 -16.670 -3.180  1.00 12.83 ?  8   LEU A CA  1 
ATOM   57   C C   . LEU A 1 8   ? -17.709 -16.753 -2.102  1.00 10.82 ?  8   LEU A C   1 
ATOM   58   O O   . LEU A 1 8   ? -18.667 -15.987 -2.053  1.00 10.73 ?  8   LEU A O   1 
ATOM   59   C CB  . LEU A 1 8   ? -16.803 -17.763 -4.225  1.00 14.38 ?  8   LEU A CB  1 
ATOM   60   C CG  . LEU A 1 8   ? -18.054 -17.708 -5.030  1.00 16.24 ?  8   LEU A CG  1 
ATOM   61   C CD1 . LEU A 1 8   ? -18.228 -16.354 -5.702  1.00 16.74 ?  8   LEU A CD1 1 
ATOM   62   C CD2 . LEU A 1 8   ? -17.983 -18.825 -6.065  1.00 17.98 ?  8   LEU A CD2 1 
ATOM   63   N N   . VAL A 1 9   ? -17.592 -17.751 -1.230  1.00 9.76  ?  9   VAL A N   1 
ATOM   64   C CA  . VAL A 1 9   ? -18.516 -17.941 -0.099  1.00 9.52  ?  9   VAL A CA  1 
ATOM   65   C C   . VAL A 1 9   ? -18.519 -16.665 0.751   1.00 9.32  ?  9   VAL A C   1 
ATOM   66   O O   . VAL A 1 9   ? -19.613 -16.165 1.082   1.00 9.68  ?  9   VAL A O   1 
ATOM   67   C CB  . VAL A 1 9   ? -18.165 -19.180 0.744   1.00 9.84  ?  9   VAL A CB  1 
ATOM   68   C CG1 . VAL A 1 9   ? -18.941 -19.169 2.044   1.00 10.03 ?  9   VAL A CG1 1 
ATOM   69   C CG2 . VAL A 1 9   ? -18.377 -20.464 -0.062  1.00 11.01 ?  9   VAL A CG2 1 
ATOM   70   N N   . VAL A 1 10  ? -17.387 -16.197 1.170   1.00 10.64 ?  10  VAL A N   1 
ATOM   71   C CA  . VAL A 1 10  ? -17.363 -15.019 2.066   1.00 11.18 ?  10  VAL A CA  1 
ATOM   72   C C   . VAL A 1 10  ? -17.927 -13.818 1.339   1.00 10.69 ?  10  VAL A C   1 
ATOM   73   O O   . VAL A 1 10  ? -18.693 -13.061 1.984   1.00 10.10 ?  10  VAL A O   1 
ATOM   74   C CB  . VAL A 1 10  ? -15.914 -14.742 2.514   1.00 13.09 ?  10  VAL A CB  1 
ATOM   75   C CG1 . VAL A 1 10  ? -15.769 -13.375 3.176   1.00 13.71 ?  10  VAL A CG1 1 
ATOM   76   C CG2 . VAL A 1 10  ? -15.404 -15.829 3.429   1.00 15.26 ?  10  VAL A CG2 1 
ATOM   77   N N   . ASP A 1 11  ? -17.692 -13.619 0.072   1.00 10.68 ?  11  ASP A N   1 
ATOM   78   C CA  . ASP A 1 11  ? -18.260 -12.499 -0.662  1.00 11.04 ?  11  ASP A CA  1 
ATOM   79   C C   . ASP A 1 11  ? -19.800 -12.618 -0.691  1.00 10.89 ?  11  ASP A C   1 
ATOM   80   O O   . ASP A 1 11  ? -20.509 -11.628 -0.397  1.00 10.45 ?  11  ASP A O   1 
ATOM   81   C CB  . ASP A 1 11  ? -17.768 -12.469 -2.094  1.00 12.62 ?  11  ASP A CB  1 
ATOM   82   C CG  . ASP A 1 11  ? -18.334 -11.300 -2.883  1.00 15.10 ?  11  ASP A CG  1 
ATOM   83   O OD1 . ASP A 1 11  ? -17.703 -10.215 -2.797  1.00 16.65 ?  11  ASP A OD1 1 
ATOM   84   O OD2 . ASP A 1 11  ? -19.425 -11.421 -3.486  1.00 13.73 -1 11  ASP A OD2 1 
ATOM   85   N N   . PHE A 1 12  ? -20.347 -13.772 -1.041  1.00 9.13  ?  12  PHE A N   1 
ATOM   86   C CA  . PHE A 1 12  ? -21.808 -13.926 -1.148  1.00 8.66  ?  12  PHE A CA  1 
ATOM   87   C C   . PHE A 1 12  ? -22.416 -13.694 0.229   1.00 9.23  ?  12  PHE A C   1 
ATOM   88   O O   . PHE A 1 12  ? -23.464 -12.988 0.323   1.00 8.93  ?  12  PHE A O   1 
ATOM   89   C CB  . PHE A 1 12  ? -22.127 -15.321 -1.678  1.00 8.98  ?  12  PHE A CB  1 
ATOM   90   C CG  . PHE A 1 12  ? -23.601 -15.502 -1.912  1.00 9.10  ?  12  PHE A CG  1 
ATOM   91   C CD1 . PHE A 1 12  ? -24.446 -15.950 -0.911  1.00 9.39  ?  12  PHE A CD1 1 
ATOM   92   C CD2 . PHE A 1 12  ? -24.145 -15.177 -3.122  1.00 10.25 ?  12  PHE A CD2 1 
ATOM   93   C CE1 . PHE A 1 12  ? -25.815 -16.066 -1.112  1.00 9.43  ?  12  PHE A CE1 1 
ATOM   94   C CE2 . PHE A 1 12  ? -25.495 -15.354 -3.335  1.00 11.42 ?  12  PHE A CE2 1 
ATOM   95   C CZ  . PHE A 1 12  ? -26.321 -15.793 -2.342  1.00 10.04 ?  12  PHE A CZ  1 
ATOM   96   N N   . LEU A 1 13  ? -21.884 -14.313 1.286   1.00 8.81  ?  13  LEU A N   1 
ATOM   97   C CA  . LEU A 1 13  ? -22.518 -14.178 2.621   1.00 9.23  ?  13  LEU A CA  1 
ATOM   98   C C   . LEU A 1 13  ? -22.418 -12.745 3.089   1.00 10.51 ?  13  LEU A C   1 
ATOM   99   O O   . LEU A 1 13  ? -23.389 -12.288 3.737   1.00 10.46 ?  13  LEU A O   1 
ATOM   100  C CB  . LEU A 1 13  ? -21.879 -15.146 3.623   1.00 9.15  ?  13  LEU A CB  1 
ATOM   101  C CG  . LEU A 1 13  ? -22.040 -16.618 3.318   1.00 9.24  ?  13  LEU A CG  1 
ATOM   102  C CD1 . LEU A 1 13  ? -21.247 -17.443 4.348   1.00 9.66  ?  13  LEU A CD1 1 
ATOM   103  C CD2 . LEU A 1 13  ? -23.497 -17.048 3.243   1.00 10.21 ?  13  LEU A CD2 1 
ATOM   104  N N   . SER A 1 14  ? -21.304 -12.070 2.889   1.00 10.78 ?  14  SER A N   1 
ATOM   105  C CA  A SER A 1 14  ? -21.123 -10.644 3.269   0.50 11.23 ?  14  SER A CA  1 
ATOM   106  C CA  B SER A 1 14  ? -21.174 -10.660 3.339   0.50 11.39 ?  14  SER A CA  1 
ATOM   107  C C   . SER A 1 14  ? -22.203 -9.821  2.570   1.00 10.86 ?  14  SER A C   1 
ATOM   108  O O   . SER A 1 14  ? -22.866 -8.970  3.173   1.00 11.65 ?  14  SER A O   1 
ATOM   109  C CB  A SER A 1 14  ? -19.751 -10.173 2.894   0.50 12.58 ?  14  SER A CB  1 
ATOM   110  C CB  B SER A 1 14  ? -19.782 -10.158 3.157   0.50 13.12 ?  14  SER A CB  1 
ATOM   111  O OG  A SER A 1 14  ? -18.805 -10.822 3.737   0.50 14.35 ?  14  SER A OG  1 
ATOM   112  O OG  B SER A 1 14  ? -19.628 -8.806  3.567   0.50 14.66 ?  14  SER A OG  1 
ATOM   113  N N   . TYR A 1 15  ? -22.374 -10.069 1.301   1.00 9.82  ?  15  TYR A N   1 
ATOM   114  C CA  . TYR A 1 15  ? -23.337 -9.313  0.480   1.00 10.10 ?  15  TYR A CA  1 
ATOM   115  C C   . TYR A 1 15  ? -24.729 -9.571  1.050   1.00 10.47 ?  15  TYR A C   1 
ATOM   116  O O   . TYR A 1 15  ? -25.553 -8.646  1.234   1.00 10.76 ?  15  TYR A O   1 
ATOM   117  C CB  . TYR A 1 15  ? -23.250 -9.772  -0.968  1.00 10.09 ?  15  TYR A CB  1 
ATOM   118  C CG  . TYR A 1 15  ? -24.353 -9.215  -1.838  1.00 10.80 ?  15  TYR A CG  1 
ATOM   119  C CD1 . TYR A 1 15  ? -24.289 -7.913  -2.301  1.00 11.66 ?  15  TYR A CD1 1 
ATOM   120  C CD2 . TYR A 1 15  ? -25.429 -9.990  -2.227  1.00 10.49 ?  15  TYR A CD2 1 
ATOM   121  C CE1 . TYR A 1 15  ? -25.280 -7.402  -3.111  1.00 11.53 ?  15  TYR A CE1 1 
ATOM   122  C CE2 . TYR A 1 15  ? -26.455 -9.487  -3.020  1.00 11.14 ?  15  TYR A CE2 1 
ATOM   123  C CZ  . TYR A 1 15  ? -26.378 -8.170  -3.440  1.00 10.65 ?  15  TYR A CZ  1 
ATOM   124  O OH  . TYR A 1 15  ? -27.383 -7.625  -4.216  1.00 12.19 ?  15  TYR A OH  1 
ATOM   125  N N   . LYS A 1 16  ? -25.106 -10.834 1.267   1.00 9.23  ?  16  LYS A N   1 
ATOM   126  C CA  . LYS A 1 16  ? -26.460 -11.172 1.707   1.00 9.66  ?  16  LYS A CA  1 
ATOM   127  C C   . LYS A 1 16  ? -26.726 -10.565 3.078   1.00 9.86  ?  16  LYS A C   1 
ATOM   128  O O   . LYS A 1 16  ? -27.823 -10.035 3.346   1.00 9.79  ?  16  LYS A O   1 
ATOM   129  C CB  . LYS A 1 16  ? -26.655 -12.695 1.700   1.00 10.08 ?  16  LYS A CB  1 
ATOM   130  C CG  . LYS A 1 16  ? -28.061 -13.133 1.909   1.00 11.21 ?  16  LYS A CG  1 
ATOM   131  C CD  . LYS A 1 16  ? -29.051 -12.528 0.878   1.00 10.58 ?  16  LYS A CD  1 
ATOM   132  C CE  . LYS A 1 16  ? -28.647 -12.703 -0.534  1.00 10.50 ?  16  LYS A CE  1 
ATOM   133  N NZ  . LYS A 1 16  ? -29.695 -12.247 -1.532  1.00 10.25 1  16  LYS A NZ  1 
ATOM   134  N N   . LEU A 1 17  ? -25.800 -10.689 4.020   1.00 9.74  ?  17  LEU A N   1 
ATOM   135  C CA  . LEU A 1 17  ? -25.987 -10.126 5.360   1.00 10.27 ?  17  LEU A CA  1 
ATOM   136  C C   . LEU A 1 17  ? -26.144 -8.606  5.264   1.00 10.20 ?  17  LEU A C   1 
ATOM   137  O O   . LEU A 1 17  ? -27.070 -8.065  5.938   1.00 11.77 ?  17  LEU A O   1 
ATOM   138  C CB  . LEU A 1 17  ? -24.816 -10.535 6.253   1.00 10.43 ?  17  LEU A CB  1 
ATOM   139  C CG  . LEU A 1 17  ? -24.918 -11.982 6.720   1.00 11.91 ?  17  LEU A CG  1 
ATOM   140  C CD1 . LEU A 1 17  ? -23.589 -12.485 7.267   1.00 12.86 ?  17  LEU A CD1 1 
ATOM   141  C CD2 . LEU A 1 17  ? -26.007 -12.174 7.751   1.00 13.39 ?  17  LEU A CD2 1 
ATOM   142  N N   . SER A 1 18  ? -25.370 -7.932  4.458   1.00 10.50 ?  18  SER A N   1 
ATOM   143  C CA  . SER A 1 18  ? -25.463 -6.449  4.295   1.00 10.85 ?  18  SER A CA  1 
ATOM   144  C C   . SER A 1 18  ? -26.829 -6.099  3.707   1.00 11.94 ?  18  SER A C   1 
ATOM   145  O O   . SER A 1 18  ? -27.511 -5.121  4.169   1.00 12.95 ?  18  SER A O   1 
ATOM   146  C CB  . SER A 1 18  ? -24.368 -6.002  3.442   1.00 12.78 ?  18  SER A CB  1 
ATOM   147  O OG  . SER A 1 18  ? -23.113 -5.989  4.126   1.00 22.61 ?  18  SER A OG  1 
ATOM   148  N N   . GLN A 1 19  ? -27.340 -6.876  2.767   1.00 10.34 ?  19  GLN A N   1 
ATOM   149  C CA  . GLN A 1 19  ? -28.672 -6.653  2.158   1.00 11.44 ?  19  GLN A CA  1 
ATOM   150  C C   . GLN A 1 19  ? -29.736 -6.736  3.248   1.00 11.64 ?  19  GLN A C   1 
ATOM   151  O O   . GLN A 1 19  ? -30.771 -6.008  3.168   1.00 12.83 ?  19  GLN A O   1 
ATOM   152  C CB  . GLN A 1 19  ? -28.871 -7.707  1.073   1.00 10.64 ?  19  GLN A CB  1 
ATOM   153  C CG  . GLN A 1 19  ? -30.185 -7.565  0.334   1.00 10.86 ?  19  GLN A CG  1 
ATOM   154  C CD  . GLN A 1 19  ? -30.208 -8.655  -0.710  1.00 10.64 ?  19  GLN A CD  1 
ATOM   155  O OE1 . GLN A 1 19  ? -30.534 -9.787  -0.366  1.00 10.96 ?  19  GLN A OE1 1 
ATOM   156  N NE2 . GLN A 1 19  ? -29.925 -8.306  -1.931  1.00 12.31 ?  19  GLN A NE2 1 
ATOM   157  N N   . LYS A 1 20  ? -29.580 -7.535  4.293   1.00 13.38 ?  20  LYS A N   1 
ATOM   158  C CA  . LYS A 1 20  ? -30.538 -7.698  5.408   1.00 14.69 ?  20  LYS A CA  1 
ATOM   159  C C   . LYS A 1 20  ? -30.187 -6.756  6.591   1.00 16.69 ?  20  LYS A C   1 
ATOM   160  O O   . LYS A 1 20  ? -30.860 -6.860  7.644   1.00 21.24 ?  20  LYS A O   1 
ATOM   161  C CB  . LYS A 1 20  ? -30.538 -9.145  5.840   1.00 17.66 ?  20  LYS A CB  1 
ATOM   162  C CG  . LYS A 1 20  ? -31.410 -10.083 5.077   1.00 18.04 ?  20  LYS A CG  1 
ATOM   163  C CD  . LYS A 1 20  ? -31.652 -9.825  3.644   1.00 18.82 ?  20  LYS A CD  1 
ATOM   164  C CE  . LYS A 1 20  ? -32.239 -11.013 2.947   1.00 16.53 ?  20  LYS A CE  1 
ATOM   165  N NZ  . LYS A 1 20  ? -32.568 -10.757 1.543   1.00 20.43 1  20  LYS A NZ  1 
ATOM   166  N N   . GLY A 1 21  ? -29.268 -5.826  6.418   1.00 15.59 ?  21  GLY A N   1 
ATOM   167  C CA  . GLY A 1 21  ? -29.011 -4.784  7.429   1.00 18.66 ?  21  GLY A CA  1 
ATOM   168  C C   . GLY A 1 21  ? -27.953 -5.208  8.407   1.00 21.94 ?  21  GLY A C   1 
ATOM   169  O O   . GLY A 1 21  ? -27.805 -4.512  9.442   1.00 24.21 ?  21  GLY A O   1 
ATOM   170  N N   . TYR A 1 22  ? -27.212 -6.286  8.138   1.00 17.71 ?  22  TYR A N   1 
ATOM   171  C CA  . TYR A 1 22  ? -26.147 -6.749  9.055   1.00 18.91 ?  22  TYR A CA  1 
ATOM   172  C C   . TYR A 1 22  ? -24.756 -6.649  8.428   1.00 22.31 ?  22  TYR A C   1 
ATOM   173  O O   . TYR A 1 22  ? -24.507 -7.126  7.295   1.00 28.52 ?  22  TYR A O   1 
ATOM   174  C CB  . TYR A 1 22  ? -26.465 -8.179  9.445   1.00 19.31 ?  22  TYR A CB  1 
ATOM   175  C CG  . TYR A 1 22  ? -27.824 -8.401  10.073  1.00 24.37 ?  22  TYR A CG  1 
ATOM   176  C CD1 . TYR A 1 22  ? -28.237 -7.694  11.210  1.00 26.22 ?  22  TYR A CD1 1 
ATOM   177  C CD2 . TYR A 1 22  ? -28.664 -9.406  9.603   1.00 26.66 ?  22  TYR A CD2 1 
ATOM   178  C CE1 . TYR A 1 22  ? -29.444 -7.979  11.832  1.00 29.95 ?  22  TYR A CE1 1 
ATOM   179  C CE2 . TYR A 1 22  ? -29.877 -9.690  10.204  1.00 28.00 ?  22  TYR A CE2 1 
ATOM   180  C CZ  . TYR A 1 22  ? -30.259 -8.997  11.344  1.00 29.69 ?  22  TYR A CZ  1 
ATOM   181  O OH  . TYR A 1 22  ? -31.456 -9.314  11.938  1.00 31.51 ?  22  TYR A OH  1 
ATOM   182  N N   . SER A 1 23  ? -23.783 -6.226  9.233   1.00 23.40 ?  23  SER A N   1 
ATOM   183  C CA  . SER A 1 23  ? -22.387 -6.011  8.773   1.00 24.42 ?  23  SER A CA  1 
ATOM   184  C C   . SER A 1 23  ? -21.539 -7.199  9.225   1.00 26.56 ?  23  SER A C   1 
ATOM   185  O O   . SER A 1 23  ? -21.390 -7.335  10.459  1.00 32.27 ?  23  SER A O   1 
ATOM   186  C CB  . SER A 1 23  ? -21.841 -4.759  9.328   1.00 28.28 ?  23  SER A CB  1 
ATOM   187  O OG  . SER A 1 23  ? -20.533 -4.563  8.836   1.00 35.26 ?  23  SER A OG  1 
ATOM   188  N N   . TRP A 1 24  ? -21.025 -8.022  8.309   1.00 22.33 ?  24  TRP A N   1 
ATOM   189  C CA  . TRP A 1 24  ? -20.060 -9.095  8.653   1.00 23.57 ?  24  TRP A CA  1 
ATOM   190  C C   . TRP A 1 24  ? -18.706 -8.652  8.120   1.00 22.23 ?  24  TRP A C   1 
ATOM   191  O O   . TRP A 1 24  ? -18.424 -8.878  6.942   1.00 27.15 ?  24  TRP A O   1 
ATOM   192  C CB  . TRP A 1 24  ? -20.485 -10.427 8.040   1.00 23.16 ?  24  TRP A CB  1 
ATOM   193  C CG  . TRP A 1 24  ? -19.621 -11.567 8.463   1.00 22.48 ?  24  TRP A CG  1 
ATOM   194  C CD1 . TRP A 1 24  ? -19.132 -11.802 9.714   1.00 24.98 ?  24  TRP A CD1 1 
ATOM   195  C CD2 . TRP A 1 24  ? -19.116 -12.622 7.635   1.00 19.03 ?  24  TRP A CD2 1 
ATOM   196  N NE1 . TRP A 1 24  ? -18.368 -12.942 9.710   1.00 24.57 ?  24  TRP A NE1 1 
ATOM   197  C CE2 . TRP A 1 24  ? -18.335 -13.472 8.444   1.00 21.74 ?  24  TRP A CE2 1 
ATOM   198  C CE3 . TRP A 1 24  ? -19.304 -12.976 6.288   1.00 21.47 ?  24  TRP A CE3 1 
ATOM   199  C CZ2 . TRP A 1 24  ? -17.694 -14.599 7.952   1.00 21.28 ?  24  TRP A CZ2 1 
ATOM   200  C CZ3 . TRP A 1 24  ? -18.672 -14.094 5.811   1.00 21.21 ?  24  TRP A CZ3 1 
ATOM   201  C CH2 . TRP A 1 24  ? -17.924 -14.926 6.632   1.00 20.74 ?  24  TRP A CH2 1 
ATOM   202  N N   . SER A 1 25  ? -17.950 -7.969  8.960   1.00 29.89 ?  25  SER A N   1 
ATOM   203  C CA  . SER A 1 25  ? -16.706 -7.283  8.534   1.00 31.67 ?  25  SER A CA  1 
ATOM   204  C C   . SER A 1 25  ? -15.589 -8.315  8.567   1.00 25.25 ?  25  SER A C   1 
ATOM   205  O O   . SER A 1 25  ? -15.553 -9.179  9.469   1.00 26.88 ?  25  SER A O   1 
ATOM   206  C CB  . SER A 1 25  ? -16.401 -6.061  9.374   1.00 35.33 ?  25  SER A CB  1 
ATOM   207  O OG  . SER A 1 25  ? -16.058 -6.454  10.699  1.00 43.35 ?  25  SER A OG  1 
ATOM   208  N N   . GLN A 1 26  ? -14.802 -8.276  7.506   1.00 25.63 ?  26  GLN A N   1 
ATOM   209  C CA  . GLN A 1 26  ? -13.643 -9.156  7.295   1.00 24.67 ?  26  GLN A CA  1 
ATOM   210  C C   . GLN A 1 26  ? -12.460 -8.511  8.017   1.00 24.29 ?  26  GLN A C   1 
ATOM   211  O O   . GLN A 1 26  ? -12.480 -7.315  8.345   1.00 22.11 ?  26  GLN A O   1 
ATOM   212  C CB  . GLN A 1 26  ? -13.474 -9.398  5.792   1.00 26.99 ?  26  GLN A CB  1 
ATOM   213  C CG  . GLN A 1 26  ? -14.705 -10.060 5.175   1.00 28.83 ?  26  GLN A CG  1 
ATOM   214  C CD  . GLN A 1 26  ? -15.157 -11.300 5.918   1.00 28.99 ?  26  GLN A CD  1 
ATOM   215  O OE1 . GLN A 1 26  ? -16.293 -11.402 6.387   1.00 32.72 ?  26  GLN A OE1 1 
ATOM   216  N NE2 . GLN A 1 26  ? -14.275 -12.263 6.043   1.00 28.54 ?  26  GLN A NE2 1 
ATOM   217  N N   . PRO A 1 27  ? -11.470 -9.329  8.406   1.00 26.10 ?  27  PRO A N   1 
ATOM   218  C CA  . PRO A 1 27  ? -10.373 -8.848  9.267   1.00 29.69 ?  27  PRO A CA  1 
ATOM   219  C C   . PRO A 1 27  ? -9.662  -7.549  8.836   1.00 30.64 ?  27  PRO A C   1 
ATOM   220  O O   . PRO A 1 27  ? -9.402  -6.632  9.617   1.00 35.47 ?  27  PRO A O   1 
ATOM   221  C CB  . PRO A 1 27  ? -9.392  -10.042 9.215   1.00 33.04 ?  27  PRO A CB  1 
ATOM   222  C CG  . PRO A 1 27  ? -10.301 -11.267 9.037   1.00 34.02 ?  27  PRO A CG  1 
ATOM   223  C CD  . PRO A 1 27  ? -11.422 -10.784 8.137   1.00 32.09 ?  27  PRO A CD  1 
ATOM   224  N N   . MET A 1 28  ? -9.315  -7.488  7.579   1.00 25.21 ?  28  MET A N   1 
ATOM   225  C CA  . MET A 1 28  ? -8.513  -6.364  7.064   1.00 20.97 ?  28  MET A CA  1 
ATOM   226  C C   . MET A 1 28  ? -9.411  -5.265  6.504   1.00 17.08 ?  28  MET A C   1 
ATOM   227  O O   . MET A 1 28  ? -8.885  -4.329  5.910   1.00 15.41 ?  28  MET A O   1 
ATOM   228  C CB  . MET A 1 28  ? -7.556  -6.891  5.999   1.00 23.16 ?  28  MET A CB  1 
ATOM   229  C CG  . MET A 1 28  ? -6.474  -7.787  6.545   1.00 25.26 ?  28  MET A CG  1 
ATOM   230  S SD  . MET A 1 28  ? -5.302  -6.940  7.617   1.00 28.41 ?  28  MET A SD  1 
ATOM   231  C CE  . MET A 1 28  ? -4.239  -6.111  6.438   1.00 28.98 ?  28  MET A CE  1 
ATOM   232  N N   . ALA A 1 29  ? -10.737 -5.301  6.648   1.00 15.83 ?  29  ALA A N   1 
ATOM   233  C CA  . ALA A 1 29  ? -11.575 -4.309  5.961   1.00 14.50 ?  29  ALA A CA  1 
ATOM   234  C C   . ALA A 1 29  ? -11.248 -2.888  6.427   1.00 13.05 ?  29  ALA A C   1 
ATOM   235  O O   . ALA A 1 29  ? -11.213 -1.969  5.583   1.00 13.60 ?  29  ALA A O   1 
ATOM   236  C CB  . ALA A 1 29  ? -13.057 -4.586  6.107   1.00 16.89 ?  29  ALA A CB  1 
ATOM   237  N N   . ALA A 1 30  ? -11.171 -2.645  7.717   1.00 13.01 ?  30  ALA A N   1 
ATOM   238  C CA  . ALA A 1 30  ? -10.910 -1.295  8.256   1.00 12.33 ?  30  ALA A CA  1 
ATOM   239  C C   . ALA A 1 30  ? -9.479  -0.846  7.872   1.00 12.21 ?  30  ALA A C   1 
ATOM   240  O O   . ALA A 1 30  ? -9.297  0.340   7.583   1.00 12.02 ?  30  ALA A O   1 
ATOM   241  C CB  . ALA A 1 30  ? -11.150 -1.290  9.728   1.00 13.60 ?  30  ALA A CB  1 
ATOM   242  N N   . VAL A 1 31  ? -8.543  -1.777  7.773   1.00 11.65 ?  31  VAL A N   1 
ATOM   243  C CA  . VAL A 1 31  ? -7.167  -1.422  7.353   1.00 11.32 ?  31  VAL A CA  1 
ATOM   244  C C   . VAL A 1 31  ? -7.205  -0.995  5.889   1.00 11.16 ?  31  VAL A C   1 
ATOM   245  O O   . VAL A 1 31  ? -6.632  0.062   5.546   1.00 10.27 ?  31  VAL A O   1 
ATOM   246  C CB  . VAL A 1 31  ? -6.205  -2.593  7.596   1.00 13.29 ?  31  VAL A CB  1 
ATOM   247  C CG1 . VAL A 1 31  ? -4.825  -2.185  7.184   1.00 13.41 ?  31  VAL A CG1 1 
ATOM   248  C CG2 . VAL A 1 31  ? -6.260  -3.097  9.043   1.00 13.53 ?  31  VAL A CG2 1 
ATOM   249  N N   . LYS A 1 32  ? -7.870  -1.754  5.027   1.00 10.64 ?  32  LYS A N   1 
ATOM   250  C CA  . LYS A 1 32  ? -7.974  -1.394  3.605   1.00 10.85 ?  32  LYS A CA  1 
ATOM   251  C C   . LYS A 1 32  ? -8.552  -0.001  3.513   1.00 11.25 ?  32  LYS A C   1 
ATOM   252  O O   . LYS A 1 32  ? -8.094  0.829   2.711   1.00 10.73 ?  32  LYS A O   1 
ATOM   253  C CB  . LYS A 1 32  ? -8.812  -2.430  2.854   1.00 11.70 ?  32  LYS A CB  1 
ATOM   254  C CG  . LYS A 1 32  ? -8.126  -3.772  2.664   1.00 12.90 ?  32  LYS A CG  1 
ATOM   255  C CD  . LYS A 1 32  ? -9.104  -4.829  2.199   1.00 15.16 ?  32  LYS A CD  1 
ATOM   256  C CE  . LYS A 1 32  ? -8.453  -6.177  2.007   1.00 18.92 ?  32  LYS A CE  1 
ATOM   257  N NZ  . LYS A 1 32  ? -9.414  -7.131  1.391   1.00 22.88 ?  32  LYS A NZ  1 
ATOM   258  N N   . GLN A 1 33  ? -9.670  0.260   4.200   1.00 11.52 ?  33  GLN A N   1 
ATOM   259  C CA  . GLN A 1 33  ? -10.336 1.552   4.046   1.00 12.88 ?  33  GLN A CA  1 
ATOM   260  C C   . GLN A 1 33  ? -9.464  2.683   4.536   1.00 10.67 ?  33  GLN A C   1 
ATOM   261  O O   . GLN A 1 33  ? -9.366  3.701   3.889   1.00 11.06 ?  33  GLN A O   1 
ATOM   262  C CB  . GLN A 1 33  ? -11.688 1.509   4.763   1.00 15.64 ?  33  GLN A CB  1 
ATOM   263  C CG  . GLN A 1 33  ? -12.490 2.792   4.652   1.00 16.87 ?  33  GLN A CG  1 
ATOM   264  C CD  . GLN A 1 33  ? -12.851 3.141   3.230   1.00 20.57 ?  33  GLN A CD  1 
ATOM   265  O OE1 . GLN A 1 33  ? -13.014 2.277   2.361   1.00 23.62 ?  33  GLN A OE1 1 
ATOM   266  N NE2 . GLN A 1 33  ? -12.900 4.440   2.969   1.00 24.69 ?  33  GLN A NE2 1 
ATOM   267  N N   . ALA A 1 34  ? -8.811  2.502   5.657   1.00 10.93 ?  34  ALA A N   1 
ATOM   268  C CA  . ALA A 1 34  ? -7.938  3.544   6.212   1.00 10.40 ?  34  ALA A CA  1 
ATOM   269  C C   . ALA A 1 34  ? -6.767  3.819   5.255   1.00 10.19 ?  34  ALA A C   1 
ATOM   270  O O   . ALA A 1 34  ? -6.363  4.972   5.099   1.00 9.90  ?  34  ALA A O   1 
ATOM   271  C CB  . ALA A 1 34  ? -7.391  3.139   7.554   1.00 11.39 ?  34  ALA A CB  1 
ATOM   272  N N   . LEU A 1 35  ? -6.220  2.792   4.632   1.00 10.20 ?  35  LEU A N   1 
ATOM   273  C CA  . LEU A 1 35  ? -5.087  2.987   3.716   1.00 9.88  ?  35  LEU A CA  1 
ATOM   274  C C   . LEU A 1 35  ? -5.538  3.700   2.440   1.00 9.66  ?  35  LEU A C   1 
ATOM   275  O O   . LEU A 1 35  ? -4.819  4.567   1.941   1.00 9.98  ?  35  LEU A O   1 
ATOM   276  C CB  . LEU A 1 35  ? -4.465  1.649   3.389   1.00 11.89 ?  35  LEU A CB  1 
ATOM   277  C CG  . LEU A 1 35  ? -3.132  1.733   2.702   1.00 14.29 ?  35  LEU A CG  1 
ATOM   278  C CD1 . LEU A 1 35  ? -2.089  2.484   3.527   1.00 14.42 ?  35  LEU A CD1 1 
ATOM   279  C CD2 . LEU A 1 35  ? -2.670  0.310   2.448   1.00 15.63 ?  35  LEU A CD2 1 
ATOM   280  N N   . ARG A 1 36  ? -6.715  3.363   1.904   1.00 10.05 ?  36  ARG A N   1 
ATOM   281  C CA  . ARG A 1 36  ? -7.253  4.106   0.747   1.00 10.56 ?  36  ARG A CA  1 
ATOM   282  C C   . ARG A 1 36  ? -7.330  5.579   1.116   1.00 10.65 ?  36  ARG A C   1 
ATOM   283  O O   . ARG A 1 36  ? -6.906  6.434   0.324   1.00 10.63 ?  36  ARG A O   1 
ATOM   284  C CB  . ARG A 1 36  ? -8.665  3.599   0.434   1.00 11.49 ?  36  ARG A CB  1 
ATOM   285  C CG  . ARG A 1 36  ? -8.702  2.178   -0.142  1.00 12.66 ?  36  ARG A CG  1 
ATOM   286  C CD  . ARG A 1 36  ? -10.152 1.799   -0.393  1.00 15.36 ?  36  ARG A CD  1 
ATOM   287  N NE  . ARG A 1 36  ? -10.295 0.505   -0.997  1.00 16.47 ?  36  ARG A NE  1 
ATOM   288  C CZ  . ARG A 1 36  ? -11.392 0.138   -1.651  1.00 22.11 ?  36  ARG A CZ  1 
ATOM   289  N NH1 . ARG A 1 36  ? -12.430 0.959   -1.725  1.00 22.25 ?  36  ARG A NH1 1 
ATOM   290  N NH2 . ARG A 1 36  ? -11.444 -1.059  -2.196  1.00 26.42 ?  36  ARG A NH2 1 
ATOM   291  N N   . GLU A 1 37  ? -7.920  5.919   2.258   1.00 9.99  ?  37  GLU A N   1 
ATOM   292  C CA  . GLU A 1 37  ? -8.138  7.307   2.672   1.00 11.01 ?  37  GLU A CA  1 
ATOM   293  C C   . GLU A 1 37  ? -6.787  7.967   2.920   1.00 9.94  ?  37  GLU A C   1 
ATOM   294  O O   . GLU A 1 37  ? -6.584  9.136   2.540   1.00 10.56 ?  37  GLU A O   1 
ATOM   295  C CB  . GLU A 1 37  ? -9.003  7.419   3.908   1.00 12.61 ?  37  GLU A CB  1 
ATOM   296  C CG  . GLU A 1 37  ? -10.404 6.906   3.708   1.00 15.48 ?  37  GLU A CG  1 
ATOM   297  C CD  . GLU A 1 37  ? -11.174 6.664   5.009   1.00 23.53 ?  37  GLU A CD  1 
ATOM   298  O OE1 . GLU A 1 37  ? -10.558 6.551   6.121   1.00 29.93 ?  37  GLU A OE1 1 
ATOM   299  O OE2 . GLU A 1 37  ? -12.338 6.328   4.874   1.00 24.83 ?  37  GLU A OE2 1 
ATOM   300  N N   . ALA A 1 38  ? -5.821  7.266   3.527   1.00 9.74  ?  38  ALA A N   1 
ATOM   301  C CA  . ALA A 1 38  ? -4.516  7.848   3.850   1.00 9.81  ?  38  ALA A CA  1 
ATOM   302  C C   . ALA A 1 38  ? -3.744  8.147   2.576   1.00 8.92  ?  38  ALA A C   1 
ATOM   303  O O   . ALA A 1 38  ? -3.099  9.189   2.469   1.00 9.10  ?  38  ALA A O   1 
ATOM   304  C CB  . ALA A 1 38  ? -3.746  6.939   4.761   1.00 10.28 ?  38  ALA A CB  1 
ATOM   305  N N   . GLY A 1 39  ? -3.787  7.255   1.604   1.00 8.94  ?  39  GLY A N   1 
ATOM   306  C CA  . GLY A 1 39  ? -3.112  7.514   0.331   1.00 8.99  ?  39  GLY A CA  1 
ATOM   307  C C   . GLY A 1 39  ? -3.689  8.705   -0.382  1.00 8.43  ?  39  GLY A C   1 
ATOM   308  O O   . GLY A 1 39  ? -2.949  9.503   -0.919  1.00 9.35  ?  39  GLY A O   1 
ATOM   309  N N   . ASP A 1 40  ? -5.011  8.828   -0.404  1.00 8.50  ?  40  ASP A N   1 
ATOM   310  C CA  . ASP A 1 40  ? -5.640  10.004  -1.054  1.00 8.55  ?  40  ASP A CA  1 
ATOM   311  C C   . ASP A 1 40  ? -5.169  11.273  -0.343  1.00 8.56  ?  40  ASP A C   1 
ATOM   312  O O   . ASP A 1 40  ? -4.749  12.232  -1.019  1.00 8.77  ?  40  ASP A O   1 
ATOM   313  C CB  . ASP A 1 40  ? -7.147  9.859   -0.945  1.00 8.63  ?  40  ASP A CB  1 
ATOM   314  C CG  . ASP A 1 40  ? -7.790  8.869   -1.896  1.00 8.54  ?  40  ASP A CG  1 
ATOM   315  O OD1 . ASP A 1 40  ? -7.099  8.360   -2.779  1.00 9.59  ?  40  ASP A OD1 1 
ATOM   316  O OD2 . ASP A 1 40  ? -9.019  8.675   -1.721  1.00 10.86 ?  40  ASP A OD2 1 
ATOM   317  N N   . GLU A 1 41  ? -5.202  11.303  0.967   1.00 8.86  ?  41  GLU A N   1 
ATOM   318  C CA  . GLU A 1 41  ? -4.792  12.515  1.711   1.00 8.92  ?  41  GLU A CA  1 
ATOM   319  C C   . GLU A 1 41  ? -3.312  12.821  1.483   1.00 9.54  ?  41  GLU A C   1 
ATOM   320  O O   . GLU A 1 41  ? -2.927  13.961  1.242   1.00 9.03  ?  41  GLU A O   1 
ATOM   321  C CB  . GLU A 1 41  ? -5.084  12.336  3.190   1.00 10.83 ?  41  GLU A CB  1 
ATOM   322  C CG  . GLU A 1 41  ? -4.664  13.511  4.053   1.00 12.65 ?  41  GLU A CG  1 
ATOM   323  C CD  . GLU A 1 41  ? -5.453  14.791  3.846   1.00 16.65 ?  41  GLU A CD  1 
ATOM   324  O OE1 . GLU A 1 41  ? -6.454  14.828  3.078   1.00 17.60 ?  41  GLU A OE1 1 
ATOM   325  O OE2 . GLU A 1 41  ? -5.117  15.786  4.523   1.00 18.24 ?  41  GLU A OE2 1 
ATOM   326  N N   . PHE A 1 42  ? -2.451  11.804  1.483   1.00 9.56  ?  42  PHE A N   1 
ATOM   327  C CA  . PHE A 1 42  ? -1.005  11.950  1.275   1.00 9.05  ?  42  PHE A CA  1 
ATOM   328  C C   . PHE A 1 42  ? -0.762  12.589  -0.074  1.00 8.96  ?  42  PHE A C   1 
ATOM   329  O O   . PHE A 1 42  ? 0.011   13.534  -0.185  1.00 9.30  ?  42  PHE A O   1 
ATOM   330  C CB  . PHE A 1 42  ? -0.415  10.538  1.328   1.00 9.80  ?  42  PHE A CB  1 
ATOM   331  C CG  . PHE A 1 42  ? 1.064   10.459  1.088   1.00 10.19 ?  42  PHE A CG  1 
ATOM   332  C CD1 . PHE A 1 42  ? 1.553   10.452  -0.190  1.00 11.46 ?  42  PHE A CD1 1 
ATOM   333  C CD2 . PHE A 1 42  ? 1.939   10.380  2.174   1.00 11.26 ?  42  PHE A CD2 1 
ATOM   334  C CE1 . PHE A 1 42  ? 2.925   10.385  -0.422  1.00 12.14 ?  42  PHE A CE1 1 
ATOM   335  C CE2 . PHE A 1 42  ? 3.303   10.348  1.938   1.00 12.15 ?  42  PHE A CE2 1 
ATOM   336  C CZ  . PHE A 1 42  ? 3.778   10.380  0.669   1.00 11.19 ?  42  PHE A CZ  1 
ATOM   337  N N   . GLU A 1 43  ? -1.432  12.102  -1.114  1.00 8.59  ?  43  GLU A N   1 
ATOM   338  C CA  . GLU A 1 43  ? -1.197  12.610  -2.469  1.00 9.40  ?  43  GLU A CA  1 
ATOM   339  C C   . GLU A 1 43  ? -1.696  14.048  -2.613  1.00 9.96  ?  43  GLU A C   1 
ATOM   340  O O   . GLU A 1 43  ? -1.078  14.784  -3.405  1.00 11.84 ?  43  GLU A O   1 
ATOM   341  C CB  . GLU A 1 43  ? -1.884  11.659  -3.436  1.00 9.76  ?  43  GLU A CB  1 
ATOM   342  C CG  . GLU A 1 43  ? -1.231  10.260  -3.427  1.00 10.89 ?  43  GLU A CG  1 
ATOM   343  C CD  . GLU A 1 43  ? -2.073  9.096   -3.925  1.00 12.59 ?  43  GLU A CD  1 
ATOM   344  O OE1 . GLU A 1 43  ? -3.012  9.404   -4.710  1.00 11.93 ?  43  GLU A OE1 1 
ATOM   345  O OE2 . GLU A 1 43  ? -1.807  7.897   -3.583  1.00 11.37 ?  43  GLU A OE2 1 
ATOM   346  N N   . LEU A 1 44  ? -2.721  14.418  -1.837  1.00 9.38  ?  44  LEU A N   1 
ATOM   347  C CA  . LEU A 1 44  ? -3.193  15.833  -1.859  1.00 9.72  ?  44  LEU A CA  1 
ATOM   348  C C   . LEU A 1 44  ? -2.368  16.725  -0.936  1.00 10.46 ?  44  LEU A C   1 
ATOM   349  O O   . LEU A 1 44  ? -2.353  17.941  -1.191  1.00 12.27 ?  44  LEU A O   1 
ATOM   350  C CB  . LEU A 1 44  ? -4.663  15.835  -1.493  1.00 10.34 ?  44  LEU A CB  1 
ATOM   351  C CG  . LEU A 1 44  ? -5.555  15.155  -2.512  1.00 9.91  ?  44  LEU A CG  1 
ATOM   352  C CD1 . LEU A 1 44  ? -6.928  14.931  -1.919  1.00 10.50 ?  44  LEU A CD1 1 
ATOM   353  C CD2 . LEU A 1 44  ? -5.633  16.046  -3.762  1.00 11.05 ?  44  LEU A CD2 1 
ATOM   354  N N   . ARG A 1 45  ? -1.719  16.223  0.083   1.00 9.65  ?  45  ARG A N   1 
ATOM   355  C CA  . ARG A 1 45  ? -0.950  17.043  1.043   1.00 10.15 ?  45  ARG A CA  1 
ATOM   356  C C   . ARG A 1 45  ? 0.467   17.274  0.539   1.00 10.41 ?  45  ARG A C   1 
ATOM   357  O O   . ARG A 1 45  ? 1.046   18.338  0.862   1.00 11.89 ?  45  ARG A O   1 
ATOM   358  C CB  . ARG A 1 45  ? -0.877  16.378  2.411   1.00 12.48 ?  45  ARG A CB  1 
ATOM   359  C CG  . ARG A 1 45  ? -2.149  16.300  3.222   1.00 15.64 ?  45  ARG A CG  1 
ATOM   360  C CD  . ARG A 1 45  ? -1.887  15.777  4.654   1.00 19.60 ?  45  ARG A CD  1 
ATOM   361  N NE  . ARG A 1 45  ? -1.335  16.885  5.365   1.00 23.71 ?  45  ARG A NE  1 
ATOM   362  C CZ  . ARG A 1 45  ? -2.100  17.856  5.943   1.00 25.43 ?  45  ARG A CZ  1 
ATOM   363  N NH1 . ARG A 1 45  ? -3.412  17.729  6.038   1.00 25.70 ?  45  ARG A NH1 1 
ATOM   364  N NH2 . ARG A 1 45  ? -1.552  18.914  6.500   1.00 28.81 ?  45  ARG A NH2 1 
ATOM   365  N N   . TYR A 1 46  ? 1.068   16.348  -0.198  1.00 9.83  ?  46  TYR A N   1 
ATOM   366  C CA  . TYR A 1 46  ? 2.531   16.321  -0.434  1.00 10.52 ?  46  TYR A CA  1 
ATOM   367  C C   . TYR A 1 46  ? 2.836   16.262  -1.921  1.00 12.67 ?  46  TYR A C   1 
ATOM   368  O O   . TYR A 1 46  ? 3.682   15.479  -2.344  1.00 12.31 ?  46  TYR A O   1 
ATOM   369  C CB  . TYR A 1 46  ? 3.152   15.149  0.337   1.00 10.06 ?  46  TYR A CB  1 
ATOM   370  C CG  . TYR A 1 46  ? 2.862   15.118  1.802   1.00 10.77 ?  46  TYR A CG  1 
ATOM   371  C CD1 . TYR A 1 46  ? 3.178   16.205  2.608   1.00 11.87 ?  46  TYR A CD1 1 
ATOM   372  C CD2 . TYR A 1 46  ? 2.252   14.033  2.415   1.00 10.79 ?  46  TYR A CD2 1 
ATOM   373  C CE1 . TYR A 1 46  ? 2.912   16.207  3.958   1.00 12.95 ?  46  TYR A CE1 1 
ATOM   374  C CE2 . TYR A 1 46  ? 1.939   14.037  3.754   1.00 11.96 ?  46  TYR A CE2 1 
ATOM   375  C CZ  . TYR A 1 46  ? 2.304   15.107  4.544   1.00 11.86 ?  46  TYR A CZ  1 
ATOM   376  O OH  . TYR A 1 46  ? 2.020   15.091  5.887   1.00 16.24 ?  46  TYR A OH  1 
ATOM   377  N N   . ARG A 1 47  ? 2.167   17.061  -2.744  1.00 13.10 ?  47  ARG A N   1 
ATOM   378  C CA  . ARG A 1 47  ? 2.298   16.895  -4.186  1.00 15.02 ?  47  ARG A CA  1 
ATOM   379  C C   . ARG A 1 47  ? 3.758   16.995  -4.631  1.00 14.87 ?  47  ARG A C   1 
ATOM   380  O O   . ARG A 1 47  ? 4.224   16.134  -5.380  1.00 14.02 ?  47  ARG A O   1 
ATOM   381  C CB  . ARG A 1 47  ? 1.481   17.969  -4.924  1.00 19.58 ?  47  ARG A CB  1 
ATOM   382  C CG  . ARG A 1 47  ? 1.602   17.901  -6.430  1.00 25.89 ?  47  ARG A CG  1 
ATOM   383  C CD  . ARG A 1 47  ? 0.759   18.948  -7.137  1.00 32.83 ?  47  ARG A CD  1 
ATOM   384  N NE  . ARG A 1 47  ? 1.059   20.307  -6.732  1.00 38.94 ?  47  ARG A NE  1 
ATOM   385  C CZ  . ARG A 1 47  ? 2.158   20.987  -7.070  1.00 46.43 ?  47  ARG A CZ  1 
ATOM   386  N NH1 . ARG A 1 47  ? 3.113   20.425  -7.795  1.00 48.74 ?  47  ARG A NH1 1 
ATOM   387  N NH2 . ARG A 1 47  ? 2.306   22.235  -6.659  1.00 50.23 ?  47  ARG A NH2 1 
ATOM   388  N N   . ARG A 1 48  ? 4.504   18.000  -4.187  1.00 14.82 ?  48  ARG A N   1 
ATOM   389  C CA  . ARG A 1 48  ? 5.882   18.212  -4.684  1.00 15.42 ?  48  ARG A CA  1 
ATOM   390  C C   . ARG A 1 48  ? 6.802   17.084  -4.213  1.00 14.65 ?  48  ARG A C   1 
ATOM   391  O O   . ARG A 1 48  ? 7.503   16.451  -5.039  1.00 14.81 ?  48  ARG A O   1 
ATOM   392  C CB  . ARG A 1 48  ? 6.363   19.564  -4.137  1.00 17.50 ?  48  ARG A CB  1 
ATOM   393  N N   . ALA A 1 49  ? 6.748   16.763  -2.922  1.00 14.60 ?  49  ALA A N   1 
ATOM   394  C CA  . ALA A 1 49  ? 7.650   15.732  -2.382  1.00 14.93 ?  49  ALA A CA  1 
ATOM   395  C C   . ALA A 1 49  ? 7.268   14.371  -2.951  1.00 12.45 ?  49  ALA A C   1 
ATOM   396  O O   . ALA A 1 49  ? 8.163   13.545  -3.266  1.00 14.00 ?  49  ALA A O   1 
ATOM   397  C CB  . ALA A 1 49  ? 7.649   15.756  -0.882  1.00 15.49 ?  49  ALA A CB  1 
ATOM   398  N N   . PHE A 1 50  ? 6.003   14.107  -3.192  1.00 12.63 ?  50  PHE A N   1 
ATOM   399  C CA  . PHE A 1 50  ? 5.585   12.835  -3.792  1.00 12.47 ?  50  PHE A CA  1 
ATOM   400  C C   . PHE A 1 50  ? 6.090   12.774  -5.224  1.00 14.39 ?  50  PHE A C   1 
ATOM   401  O O   . PHE A 1 50  ? 6.581   11.709  -5.645  1.00 14.48 ?  50  PHE A O   1 
ATOM   402  C CB  . PHE A 1 50  ? 4.081   12.684  -3.673  1.00 13.31 ?  50  PHE A CB  1 
ATOM   403  C CG  . PHE A 1 50  ? 3.595   11.340  -4.156  1.00 13.03 ?  50  PHE A CG  1 
ATOM   404  C CD1 . PHE A 1 50  ? 4.173   10.183  -3.665  1.00 14.57 ?  50  PHE A CD1 1 
ATOM   405  C CD2 . PHE A 1 50  ? 2.571   11.253  -5.063  1.00 14.47 ?  50  PHE A CD2 1 
ATOM   406  C CE1 . PHE A 1 50  ? 3.786   8.954   -4.170  1.00 16.16 ?  50  PHE A CE1 1 
ATOM   407  C CE2 . PHE A 1 50  ? 2.156   9.998   -5.524  1.00 14.16 ?  50  PHE A CE2 1 
ATOM   408  C CZ  . PHE A 1 50  ? 2.749   8.878   -5.044  1.00 14.57 ?  50  PHE A CZ  1 
ATOM   409  N N   . SER A 1 51  ? 5.989   13.875  -5.982  1.00 15.00 ?  51  SER A N   1 
ATOM   410  C CA  . SER A 1 51  ? 6.516   13.895  -7.373  1.00 16.41 ?  51  SER A CA  1 
ATOM   411  C C   . SER A 1 51  ? 8.011   13.592  -7.360  1.00 14.98 ?  51  SER A C   1 
ATOM   412  O O   . SER A 1 51  ? 8.491   12.861  -8.249  1.00 15.91 ?  51  SER A O   1 
ATOM   413  C CB  . SER A 1 51  ? 6.205   15.226  -8.037  1.00 18.75 ?  51  SER A CB  1 
ATOM   414  O OG  . SER A 1 51  ? 6.742   15.225  -9.340  1.00 28.75 ?  51  SER A OG  1 
ATOM   415  N N   . ASP A 1 52  ? 8.750   14.115  -6.418  1.00 14.59 ?  52  ASP A N   1 
ATOM   416  C CA  . ASP A 1 52  ? 10.215  13.869  -6.349  1.00 15.37 ?  52  ASP A CA  1 
ATOM   417  C C   . ASP A 1 52  ? 10.431  12.368  -6.106  1.00 16.61 ?  52  ASP A C   1 
ATOM   418  O O   . ASP A 1 52  ? 11.356  11.795  -6.635  1.00 17.25 ?  52  ASP A O   1 
ATOM   419  C CB  . ASP A 1 52  ? 10.869  14.701  -5.259  1.00 16.76 ?  52  ASP A CB  1 
ATOM   420  C CG  . ASP A 1 52  ? 10.960  16.188  -5.566  1.00 20.72 ?  52  ASP A CG  1 
ATOM   421  O OD1 . ASP A 1 52  ? 10.802  16.549  -6.704  1.00 24.72 ?  52  ASP A OD1 1 
ATOM   422  O OD2 . ASP A 1 52  ? 11.142  16.915  -4.615  1.00 28.05 ?  52  ASP A OD2 1 
ATOM   423  N N   . LEU A 1 53  ? 9.599   11.730  -5.309  1.00 14.41 ?  53  LEU A N   1 
ATOM   424  C CA  . LEU A 1 53  ? 9.753   10.291  -5.020  1.00 14.65 ?  53  LEU A CA  1 
ATOM   425  C C   . LEU A 1 53  ? 9.394   9.492   -6.266  1.00 14.89 ?  53  LEU A C   1 
ATOM   426  O O   . LEU A 1 53  ? 10.167  8.609   -6.661  1.00 15.60 ?  53  LEU A O   1 
ATOM   427  C CB  . LEU A 1 53  ? 8.878   9.916   -3.817  1.00 14.62 ?  53  LEU A CB  1 
ATOM   428  C CG  . LEU A 1 53  ? 8.932   8.443   -3.394  1.00 16.30 ?  53  LEU A CG  1 
ATOM   429  C CD1 . LEU A 1 53  ? 10.322  8.055   -2.898  1.00 18.41 ?  53  LEU A CD1 1 
ATOM   430  C CD2 . LEU A 1 53  ? 7.870   8.165   -2.322  1.00 15.85 ?  53  LEU A CD2 1 
ATOM   431  N N   . THR A 1 54  ? 8.238   9.734   -6.875  1.00 14.49 ?  54  THR A N   1 
ATOM   432  C CA  . THR A 1 54  ? 7.814   8.950   -8.055  1.00 14.67 ?  54  THR A CA  1 
ATOM   433  C C   . THR A 1 54  ? 8.757   9.156   -9.245  1.00 16.11 ?  54  THR A C   1 
ATOM   434  O O   . THR A 1 54  ? 8.847   8.238   -10.090 1.00 18.17 ?  54  THR A O   1 
ATOM   435  C CB  . THR A 1 54  ? 6.358   9.230   -8.477  1.00 15.62 ?  54  THR A CB  1 
ATOM   436  O OG1 . THR A 1 54  ? 6.297   10.620  -8.809  1.00 17.92 ?  54  THR A OG1 1 
ATOM   437  C CG2 . THR A 1 54  ? 5.383   8.904   -7.369  1.00 15.43 ?  54  THR A CG2 1 
ATOM   438  N N   . SER A 1 55  ? 9.431   10.288  -9.337  1.00 16.20 ?  55  SER A N   1 
ATOM   439  C CA  . SER A 1 55  ? 10.414  10.552  -10.440 1.00 18.55 ?  55  SER A CA  1 
ATOM   440  C C   . SER A 1 55  ? 11.645  9.650   -10.337 1.00 17.67 ?  55  SER A C   1 
ATOM   441  O O   . SER A 1 55  ? 12.360  9.556   -11.306 1.00 21.38 ?  55  SER A O   1 
ATOM   442  C CB  . SER A 1 55  ? 10.835  11.992  -10.433 1.00 18.80 ?  55  SER A CB  1 
ATOM   443  O OG  . SER A 1 55  ? 11.853  12.202  -9.468  1.00 21.97 ?  55  SER A OG  1 
ATOM   444  N N   . GLN A 1 56  ? 11.855  8.954   -9.229  1.00 16.93 ?  56  GLN A N   1 
ATOM   445  C CA  . GLN A 1 56  ? 13.058  8.110   -9.011  1.00 18.08 ?  56  GLN A CA  1 
ATOM   446  C C   . GLN A 1 56  ? 12.994  6.779   -9.770  1.00 16.73 ?  56  GLN A C   1 
ATOM   447  O O   . GLN A 1 56  ? 14.047  6.089   -9.781  1.00 18.87 ?  56  GLN A O   1 
ATOM   448  C CB  . GLN A 1 56  ? 13.259  7.821   -7.539  1.00 20.95 ?  56  GLN A CB  1 
ATOM   449  C CG  . GLN A 1 56  ? 13.237  9.042   -6.618  1.00 25.89 ?  56  GLN A CG  1 
ATOM   450  C CD  . GLN A 1 56  ? 14.477  9.873   -6.603  1.00 34.51 ?  56  GLN A CD  1 
ATOM   451  O OE1 . GLN A 1 56  ? 14.399  11.101  -6.535  1.00 47.82 ?  56  GLN A OE1 1 
ATOM   452  N NE2 . GLN A 1 56  ? 15.621  9.214   -6.610  1.00 34.63 ?  56  GLN A NE2 1 
ATOM   453  N N   . LEU A 1 57  ? 11.854  6.350   -10.292 1.00 14.81 ?  57  LEU A N   1 
ATOM   454  C CA  . LEU A 1 57  ? 11.714  5.004   -10.910 1.00 15.46 ?  57  LEU A CA  1 
ATOM   455  C C   . LEU A 1 57  ? 10.622  5.013   -11.965 1.00 14.97 ?  57  LEU A C   1 
ATOM   456  O O   . LEU A 1 57  ? 9.482   5.445   -11.690 1.00 15.00 ?  57  LEU A O   1 
ATOM   457  C CB  . LEU A 1 57  ? 11.405  4.006   -9.785  1.00 15.98 ?  57  LEU A CB  1 
ATOM   458  C CG  . LEU A 1 57  ? 11.394  2.539   -10.184 1.00 16.14 ?  57  LEU A CG  1 
ATOM   459  C CD1 . LEU A 1 57  ? 12.753  2.094   -10.695 1.00 18.51 ?  57  LEU A CD1 1 
ATOM   460  C CD2 . LEU A 1 57  ? 10.926  1.649   -9.062  1.00 19.73 ?  57  LEU A CD2 1 
ATOM   461  N N   . HIS A 1 58  ? 10.937  4.429   -13.125 1.00 17.11 ?  58  HIS A N   1 
ATOM   462  C CA  . HIS A 1 58  ? 10.005  4.194   -14.235 1.00 17.86 ?  58  HIS A CA  1 
ATOM   463  C C   . HIS A 1 58  ? 10.150  2.719   -14.607 1.00 17.70 ?  58  HIS A C   1 
ATOM   464  O O   . HIS A 1 58  ? 11.218  2.379   -15.127 1.00 22.67 ?  58  HIS A O   1 
ATOM   465  C CB  . HIS A 1 58  ? 10.349  5.165   -15.376 1.00 20.89 ?  58  HIS A CB  1 
ATOM   466  C CG  . HIS A 1 58  ? 10.172  6.588   -14.983 1.00 22.84 ?  58  HIS A CG  1 
ATOM   467  N ND1 . HIS A 1 58  ? 11.236  7.486   -14.852 1.00 25.76 ?  58  HIS A ND1 1 
ATOM   468  C CD2 . HIS A 1 58  ? 9.056   7.253   -14.640 1.00 25.22 ?  58  HIS A CD2 1 
ATOM   469  C CE1 . HIS A 1 58  ? 10.761  8.645   -14.484 1.00 22.95 ?  58  HIS A CE1 1 
ATOM   470  N NE2 . HIS A 1 58  ? 9.428   8.537   -14.339 1.00 29.46 ?  58  HIS A NE2 1 
ATOM   471  N N   . ILE A 1 59  ? 9.112   1.951   -14.398 1.00 15.82 ?  59  ILE A N   1 
ATOM   472  C CA  . ILE A 1 59  ? 9.237   0.484   -14.576 1.00 16.56 ?  59  ILE A CA  1 
ATOM   473  C C   . ILE A 1 59  ? 8.903   0.185   -16.023 1.00 16.01 ?  59  ILE A C   1 
ATOM   474  O O   . ILE A 1 59  ? 7.938   0.702   -16.570 1.00 15.48 ?  59  ILE A O   1 
ATOM   475  C CB  . ILE A 1 59  ? 8.316   -0.236  -13.582 1.00 16.78 ?  59  ILE A CB  1 
ATOM   476  C CG1 . ILE A 1 59  ? 8.809   0.007   -12.144 1.00 18.67 ?  59  ILE A CG1 1 
ATOM   477  C CG2 . ILE A 1 59  ? 8.261   -1.748  -13.847 1.00 16.80 ?  59  ILE A CG2 1 
ATOM   478  C CD1 . ILE A 1 59  ? 7.800   -0.376  -11.133 1.00 21.29 ?  59  ILE A CD1 1 
ATOM   479  N N   . THR A 1 60  ? 9.678   -0.723  -16.616 1.00 14.68 ?  60  THR A N   1 
ATOM   480  C CA  . THR A 1 60  ? 9.434   -1.249  -17.980 1.00 16.45 ?  60  THR A CA  1 
ATOM   481  C C   . THR A 1 60  ? 9.426   -2.758  -17.853 1.00 14.83 ?  60  THR A C   1 
ATOM   482  O O   . THR A 1 60  ? 9.756   -3.306  -16.776 1.00 14.37 ?  60  THR A O   1 
ATOM   483  C CB  . THR A 1 60  ? 10.477  -0.712  -18.963 1.00 17.52 ?  60  THR A CB  1 
ATOM   484  O OG1 . THR A 1 60  ? 11.768  -1.187  -18.604 1.00 21.50 ?  60  THR A OG1 1 
ATOM   485  C CG2 . THR A 1 60  ? 10.529  0.798   -19.016 1.00 19.99 ?  60  THR A CG2 1 
ATOM   486  N N   . PRO A 1 61  ? 9.074   -3.510  -18.902 1.00 14.07 ?  61  PRO A N   1 
ATOM   487  C CA  . PRO A 1 61  ? 9.083   -4.970  -18.789 1.00 13.12 ?  61  PRO A CA  1 
ATOM   488  C C   . PRO A 1 61  ? 10.447  -5.560  -18.419 1.00 13.06 ?  61  PRO A C   1 
ATOM   489  O O   . PRO A 1 61  ? 10.489  -6.627  -17.876 1.00 13.57 ?  61  PRO A O   1 
ATOM   490  C CB  . PRO A 1 61  ? 8.652   -5.389  -20.188 1.00 16.21 ?  61  PRO A CB  1 
ATOM   491  C CG  . PRO A 1 61  ? 7.709   -4.246  -20.595 1.00 16.23 ?  61  PRO A CG  1 
ATOM   492  C CD  . PRO A 1 61  ? 8.494   -3.035  -20.184 1.00 14.89 ?  61  PRO A CD  1 
ATOM   493  N N   . GLY A 1 62  ? 11.524  -4.887  -18.672 1.00 11.96 ?  62  GLY A N   1 
ATOM   494  C CA  . GLY A 1 62  ? 12.872  -5.377  -18.353 1.00 13.07 ?  62  GLY A CA  1 
ATOM   495  C C   . GLY A 1 62  ? 13.307  -5.148  -16.928 1.00 12.57 ?  62  GLY A C   1 
ATOM   496  O O   . GLY A 1 62  ? 14.302  -5.715  -16.537 1.00 13.33 ?  62  GLY A O   1 
ATOM   497  N N   . THR A 1 63  ? 12.599  -4.281  -16.170 1.00 13.12 ?  63  THR A N   1 
ATOM   498  C CA  . THR A 1 63  ? 13.056  -3.863  -14.823 1.00 12.15 ?  63  THR A CA  1 
ATOM   499  C C   . THR A 1 63  ? 13.084  -5.046  -13.835 1.00 11.21 ?  63  THR A C   1 
ATOM   500  O O   . THR A 1 63  ? 12.159  -5.828  -13.840 1.00 12.19 ?  63  THR A O   1 
ATOM   501  C CB  . THR A 1 63  ? 12.153  -2.761  -14.261 1.00 12.60 ?  63  THR A CB  1 
ATOM   502  O OG1 . THR A 1 63  ? 12.038  -1.701  -15.237 1.00 13.24 ?  63  THR A OG1 1 
ATOM   503  C CG2 . THR A 1 63  ? 12.697  -2.175  -12.975 1.00 12.65 ?  63  THR A CG2 1 
ATOM   504  N N   . ALA A 1 64  ? 14.128  -5.161  -13.040 1.00 11.14 ?  64  ALA A N   1 
ATOM   505  C CA  . ALA A 1 64  ? 14.259  -6.142  -11.942 1.00 10.15 ?  64  ALA A CA  1 
ATOM   506  C C   . ALA A 1 64  ? 13.815  -5.542  -10.594 1.00 10.10 ?  64  ALA A C   1 
ATOM   507  O O   . ALA A 1 64  ? 13.971  -4.313  -10.361 1.00 11.08 ?  64  ALA A O   1 
ATOM   508  C CB  . ALA A 1 64  ? 15.672  -6.624  -11.803 1.00 11.56 ?  64  ALA A CB  1 
ATOM   509  N N   . TYR A 1 65  ? 13.354  -6.411  -9.711  1.00 10.02 ?  65  TYR A N   1 
ATOM   510  C CA  . TYR A 1 65  ? 12.962  -6.023  -8.335  1.00 10.14 ?  65  TYR A CA  1 
ATOM   511  C C   . TYR A 1 65  ? 14.068  -5.199  -7.704  1.00 11.76 ?  65  TYR A C   1 
ATOM   512  O O   . TYR A 1 65  ? 13.729  -4.236  -6.969  1.00 10.79 ?  65  TYR A O   1 
ATOM   513  C CB  . TYR A 1 65  ? 12.732  -7.285  -7.521  1.00 9.67  ?  65  TYR A CB  1 
ATOM   514  C CG  . TYR A 1 65  ? 12.391  -7.001  -6.076  1.00 9.57  ?  65  TYR A CG  1 
ATOM   515  C CD1 . TYR A 1 65  ? 11.232  -6.328  -5.753  1.00 10.58 ?  65  TYR A CD1 1 
ATOM   516  C CD2 . TYR A 1 65  ? 13.210  -7.397  -5.031  1.00 10.59 ?  65  TYR A CD2 1 
ATOM   517  C CE1 . TYR A 1 65  ? 10.885  -6.084  -4.450  1.00 10.74 ?  65  TYR A CE1 1 
ATOM   518  C CE2 . TYR A 1 65  ? 12.874  -7.150  -3.698  1.00 11.37 ?  65  TYR A CE2 1 
ATOM   519  C CZ  . TYR A 1 65  ? 11.705  -6.486  -3.423  1.00 10.50 ?  65  TYR A CZ  1 
ATOM   520  O OH  . TYR A 1 65  ? 11.349  -6.207  -2.126  1.00 13.13 ?  65  TYR A OH  1 
ATOM   521  N N   . GLN A 1 66  ? 15.330  -5.516  -7.881  1.00 10.74 ?  66  GLN A N   1 
ATOM   522  C CA  . GLN A 1 66  ? 16.412  -4.765  -7.207  1.00 12.30 ?  66  GLN A CA  1 
ATOM   523  C C   . GLN A 1 66  ? 16.250  -3.274  -7.461  1.00 11.72 ?  66  GLN A C   1 
ATOM   524  O O   . GLN A 1 66  ? 16.561  -2.489  -6.540  1.00 12.29 ?  66  GLN A O   1 
ATOM   525  C CB  . GLN A 1 66  ? 17.777  -5.266  -7.691  1.00 15.38 ?  66  GLN A CB  1 
ATOM   526  C CG  . GLN A 1 66  ? 18.968  -4.589  -7.034  1.00 21.49 ?  66  GLN A CG  1 
ATOM   527  C CD  . GLN A 1 66  ? 20.292  -4.943  -7.678  1.00 28.55 ?  66  GLN A CD  1 
ATOM   528  O OE1 . GLN A 1 66  ? 21.165  -4.092  -7.864  1.00 36.59 ?  66  GLN A OE1 1 
ATOM   529  N NE2 . GLN A 1 66  ? 20.462  -6.214  -7.991  1.00 32.47 ?  66  GLN A NE2 1 
ATOM   530  N N   . SER A 1 67  ? 15.837  -2.834  -8.626  1.00 10.68 ?  67  SER A N   1 
ATOM   531  C CA  . SER A 1 67  ? 15.697  -1.389  -8.946  1.00 11.56 ?  67  SER A CA  1 
ATOM   532  C C   . SER A 1 67  ? 14.642  -0.792  -8.033  1.00 12.56 ?  67  SER A C   1 
ATOM   533  O O   . SER A 1 67  ? 14.751  0.380   -7.532  1.00 14.34 ?  67  SER A O   1 
ATOM   534  C CB  . SER A 1 67  ? 15.339  -1.113  -10.365 1.00 13.26 ?  67  SER A CB  1 
ATOM   535  O OG  . SER A 1 67  ? 16.432  -1.510  -11.216 1.00 16.19 ?  67  SER A OG  1 
ATOM   536  N N   . PHE A 1 68  ? 13.516  -1.473  -7.874  1.00 11.46 ?  68  PHE A N   1 
ATOM   537  C CA  . PHE A 1 68  ? 12.429  -1.053  -6.960  1.00 11.14 ?  68  PHE A CA  1 
ATOM   538  C C   . PHE A 1 68  ? 12.942  -1.049  -5.530  1.00 11.03 ?  68  PHE A C   1 
ATOM   539  O O   . PHE A 1 68  ? 12.758  -0.061  -4.787  1.00 10.25 ?  68  PHE A O   1 
ATOM   540  C CB  . PHE A 1 68  ? 11.259  -2.007  -7.130  1.00 10.77 ?  68  PHE A CB  1 
ATOM   541  C CG  . PHE A 1 68  ? 10.112  -1.809  -6.196  1.00 10.21 ?  68  PHE A CG  1 
ATOM   542  C CD1 . PHE A 1 68  ? 9.088   -0.944  -6.533  1.00 10.47 ?  68  PHE A CD1 1 
ATOM   543  C CD2 . PHE A 1 68  ? 10.030  -2.497  -5.008  1.00 10.77 ?  68  PHE A CD2 1 
ATOM   544  C CE1 . PHE A 1 68  ? 7.992   -0.757  -5.696  1.00 10.79 ?  68  PHE A CE1 1 
ATOM   545  C CE2 . PHE A 1 68  ? 8.945   -2.317  -4.159  1.00 11.10 ?  68  PHE A CE2 1 
ATOM   546  C CZ  . PHE A 1 68  ? 7.930   -1.447  -4.493  1.00 10.74 ?  68  PHE A CZ  1 
ATOM   547  N N   . GLU A 1 69  ? 13.552  -2.117  -5.037  1.00 9.76  ?  69  GLU A N   1 
ATOM   548  C CA  . GLU A 1 69  ? 14.077  -2.214  -3.622  1.00 13.37 ?  69  GLU A CA  1 
ATOM   549  C C   . GLU A 1 69  ? 15.042  -1.112  -3.374  1.00 12.04 ?  69  GLU A C   1 
ATOM   550  O O   . GLU A 1 69  ? 15.001  -0.629  -2.220  1.00 11.58 ?  69  GLU A O   1 
ATOM   551  C CB  . GLU A 1 69  ? 14.676  -3.623  -3.421  1.00 12.96 ?  69  GLU A CB  1 
ATOM   552  C CG  . GLU A 1 69  ? 14.931  -3.956  -1.959  1.00 13.35 ?  69  GLU A CG  1 
ATOM   553  C CD  . GLU A 1 69  ? 15.425  -5.360  -1.587  1.00 18.34 ?  69  GLU A CD  1 
ATOM   554  O OE1 . GLU A 1 69  ? 16.099  -5.891  -2.400  1.00 21.31 ?  69  GLU A OE1 1 
ATOM   555  O OE2 . GLU A 1 69  ? 15.190  -5.824  -0.426  1.00 23.38 ?  69  GLU A OE2 1 
ATOM   556  N N   . GLN A 1 70  ? 15.892  -0.764  -4.324  1.00 12.67 ?  70  GLN A N   1 
ATOM   557  C CA  . GLN A 1 70  ? 16.917  0.275   -4.040  1.00 13.73 ?  70  GLN A CA  1 
ATOM   558  C C   . GLN A 1 70  ? 16.199  1.595   -3.785  1.00 12.95 ?  70  GLN A C   1 
ATOM   559  O O   . GLN A 1 70  ? 16.567  2.303   -2.834  1.00 13.20 ?  70  GLN A O   1 
ATOM   560  C CB  . GLN A 1 70  ? 17.926  0.310   -5.185  1.00 17.19 ?  70  GLN A CB  1 
ATOM   561  C CG  . GLN A 1 70  ? 18.961  -0.786  -5.089  1.00 24.67 ?  70  GLN A CG  1 
ATOM   562  C CD  . GLN A 1 70  ? 19.812  -0.813  -6.338  1.00 32.23 ?  70  GLN A CD  1 
ATOM   563  O OE1 . GLN A 1 70  ? 19.582  -0.044  -7.281  1.00 39.79 ?  70  GLN A OE1 1 
ATOM   564  N NE2 . GLN A 1 70  ? 20.773  -1.727  -6.348  1.00 37.16 ?  70  GLN A NE2 1 
ATOM   565  N N   . VAL A 1 71  ? 15.217  1.952   -4.578  1.00 11.39 ?  71  VAL A N   1 
ATOM   566  C CA  . VAL A 1 71  ? 14.540  3.258   -4.463  1.00 11.59 ?  71  VAL A CA  1 
ATOM   567  C C   . VAL A 1 71  ? 13.731  3.256   -3.151  1.00 10.68 ?  71  VAL A C   1 
ATOM   568  O O   . VAL A 1 71  ? 13.730  4.221   -2.354  1.00 11.32 ?  71  VAL A O   1 
ATOM   569  C CB  . VAL A 1 71  ? 13.662  3.571   -5.675  1.00 14.13 ?  71  VAL A CB  1 
ATOM   570  C CG1 . VAL A 1 71  ? 12.696  4.715   -5.397  1.00 14.93 ?  71  VAL A CG1 1 
ATOM   571  C CG2 . VAL A 1 71  ? 14.527  3.781   -6.903  1.00 15.42 ?  71  VAL A CG2 1 
ATOM   572  N N   . VAL A 1 72  ? 13.064  2.162   -2.857  1.00 10.51 ?  72  VAL A N   1 
ATOM   573  C CA  . VAL A 1 72  ? 12.215  2.124   -1.648  1.00 9.77  ?  72  VAL A CA  1 
ATOM   574  C C   . VAL A 1 72  ? 13.110  2.046   -0.407  1.00 10.60 ?  72  VAL A C   1 
ATOM   575  O O   . VAL A 1 72  ? 12.798  2.608   0.654   1.00 10.11 ?  72  VAL A O   1 
ATOM   576  C CB  . VAL A 1 72  ? 11.214  0.964   -1.752  1.00 10.14 ?  72  VAL A CB  1 
ATOM   577  C CG1 . VAL A 1 72  ? 10.432  0.843   -0.472  1.00 10.48 ?  72  VAL A CG1 1 
ATOM   578  C CG2 . VAL A 1 72  ? 10.276  1.182   -2.925  1.00 10.77 ?  72  VAL A CG2 1 
ATOM   579  N N   . ASN A 1 73  ? 14.267  1.406   -0.515  1.00 9.66  ?  73  ASN A N   1 
ATOM   580  C CA  . ASN A 1 73  ? 15.180  1.371   0.650   1.00 10.55 ?  73  ASN A CA  1 
ATOM   581  C C   . ASN A 1 73  ? 15.597  2.805   0.992   1.00 10.61 ?  73  ASN A C   1 
ATOM   582  O O   . ASN A 1 73  ? 15.880  3.019   2.154   1.00 10.74 ?  73  ASN A O   1 
ATOM   583  C CB  . ASN A 1 73  ? 16.433  0.560   0.337   1.00 10.71 ?  73  ASN A CB  1 
ATOM   584  C CG  . ASN A 1 73  ? 16.294  -0.928  0.507   1.00 13.66 ?  73  ASN A CG  1 
ATOM   585  O OD1 . ASN A 1 73  ? 17.205  -1.712  0.089   1.00 17.40 ?  73  ASN A OD1 1 
ATOM   586  N ND2 . ASN A 1 73  ? 15.313  -1.389  1.188   1.00 12.05 ?  73  ASN A ND2 1 
ATOM   587  N N   . GLU A 1 74  ? 15.725  3.707   0.037   1.00 10.43 ?  74  GLU A N   1 
ATOM   588  C CA  . GLU A 1 74  ? 16.059  5.107   0.376   1.00 12.05 ?  74  GLU A CA  1 
ATOM   589  C C   . GLU A 1 74  ? 14.949  5.735   1.221   1.00 10.60 ?  74  GLU A C   1 
ATOM   590  O O   . GLU A 1 74  ? 15.240  6.462   2.157   1.00 10.46 ?  74  GLU A O   1 
ATOM   591  C CB  . GLU A 1 74  ? 16.361  5.933   -0.875  1.00 15.03 ?  74  GLU A CB  1 
ATOM   592  C CG  . GLU A 1 74  ? 17.655  5.577   -1.554  1.00 19.15 ?  74  GLU A CG  1 
ATOM   593  C CD  . GLU A 1 74  ? 18.795  5.662   -0.546  1.00 26.77 ?  74  GLU A CD  1 
ATOM   594  O OE1 . GLU A 1 74  ? 18.957  6.782   -0.014  1.00 25.21 ?  74  GLU A OE1 1 
ATOM   595  O OE2 . GLU A 1 74  ? 19.372  4.588   -0.153  1.00 34.25 ?  74  GLU A OE2 1 
ATOM   596  N N   . LEU A 1 75  ? 13.687  5.515   0.863   1.00 10.03 ?  75  LEU A N   1 
ATOM   597  C CA  . LEU A 1 75  ? 12.547  5.988   1.669   1.00 10.51 ?  75  LEU A CA  1 
ATOM   598  C C   . LEU A 1 75  ? 12.695  5.528   3.113   1.00 9.55  ?  75  LEU A C   1 
ATOM   599  O O   . LEU A 1 75  ? 12.401  6.273   4.050   1.00 10.80 ?  75  LEU A O   1 
ATOM   600  C CB  . LEU A 1 75  ? 11.278  5.464   1.007   1.00 11.57 ?  75  LEU A CB  1 
ATOM   601  C CG  . LEU A 1 75  ? 9.959   5.742   1.705   1.00 11.57 ?  75  LEU A CG  1 
ATOM   602  C CD1 . LEU A 1 75  ? 9.722   7.238   1.841   1.00 11.46 ?  75  LEU A CD1 1 
ATOM   603  C CD2 . LEU A 1 75  ? 8.828   5.090   0.897   1.00 11.75 ?  75  LEU A CD2 1 
ATOM   604  N N   . PHE A 1 76  ? 13.138  4.279   3.348   1.00 8.82  ?  76  PHE A N   1 
ATOM   605  C CA  . PHE A 1 76  ? 13.220  3.669   4.692   1.00 8.27  ?  76  PHE A CA  1 
ATOM   606  C C   . PHE A 1 76  ? 14.674  3.583   5.200   1.00 8.90  ?  76  PHE A C   1 
ATOM   607  O O   . PHE A 1 76  ? 14.894  2.836   6.134   1.00 9.86  ?  76  PHE A O   1 
ATOM   608  C CB  . PHE A 1 76  ? 12.548  2.289   4.709   1.00 8.32  ?  76  PHE A CB  1 
ATOM   609  C CG  . PHE A 1 76  ? 11.077  2.321   4.352   1.00 7.41  ?  76  PHE A CG  1 
ATOM   610  C CD1 . PHE A 1 76  ? 10.141  2.809   5.254   1.00 7.26  ?  76  PHE A CD1 1 
ATOM   611  C CD2 . PHE A 1 76  ? 10.634  1.825   3.145   1.00 8.68  ?  76  PHE A CD2 1 
ATOM   612  C CE1 . PHE A 1 76  ? 8.794   2.839   4.949   1.00 8.04  ?  76  PHE A CE1 1 
ATOM   613  C CE2 . PHE A 1 76  ? 9.290   1.849   2.844   1.00 7.71  ?  76  PHE A CE2 1 
ATOM   614  C CZ  . PHE A 1 76  ? 8.373   2.367   3.728   1.00 8.44  ?  76  PHE A CZ  1 
ATOM   615  N N   . ARG A 1 77  ? 15.588  4.374   4.654   1.00 10.46 ?  77  ARG A N   1 
ATOM   616  C CA  . ARG A 1 77  ? 17.014  4.008   4.897   1.00 11.66 ?  77  ARG A CA  1 
ATOM   617  C C   . ARG A 1 77  ? 17.361  4.073   6.370   1.00 10.83 ?  77  ARG A C   1 
ATOM   618  O O   . ARG A 1 77  ? 18.169  3.269   6.853   1.00 11.97 ?  77  ARG A O   1 
ATOM   619  C CB  . ARG A 1 77  ? 17.959  4.837   4.059   1.00 14.28 ?  77  ARG A CB  1 
ATOM   620  C CG  . ARG A 1 77  ? 18.070  6.285   4.423   1.00 16.44 ?  77  ARG A CG  1 
ATOM   621  C CD  . ARG A 1 77  ? 18.897  6.874   3.262   1.00 19.93 ?  77  ARG A CD  1 
ATOM   622  N NE  . ARG A 1 77  ? 19.213  8.238   3.529   1.00 19.15 ?  77  ARG A NE  1 
ATOM   623  C CZ  . ARG A 1 77  ? 19.104  9.242   2.688   1.00 21.88 ?  77  ARG A CZ  1 
ATOM   624  N NH1 . ARG A 1 77  ? 18.748  9.038   1.428   1.00 28.19 ?  77  ARG A NH1 1 
ATOM   625  N NH2 . ARG A 1 77  ? 19.434  10.429  3.100   1.00 23.63 ?  77  ARG A NH2 1 
ATOM   626  N N   . ASP A 1 78  ? 16.812  5.062   7.064   1.00 9.20  ?  78  ASP A N   1 
ATOM   627  C CA  . ASP A 1 78  ? 17.064  5.342   8.491   1.00 9.99  ?  78  ASP A CA  1 
ATOM   628  C C   . ASP A 1 78  ? 15.823  5.008   9.336   1.00 9.46  ?  78  ASP A C   1 
ATOM   629  O O   . ASP A 1 78  ? 15.736  5.452   10.477  1.00 10.10 ?  78  ASP A O   1 
ATOM   630  C CB  . ASP A 1 78  ? 17.534  6.787   8.704   1.00 10.20 ?  78  ASP A CB  1 
ATOM   631  C CG  . ASP A 1 78  ? 16.651  7.821   8.043   1.00 11.02 ?  78  ASP A CG  1 
ATOM   632  O OD1 . ASP A 1 78  ? 15.555  7.431   7.548   1.00 10.45 ?  78  ASP A OD1 1 
ATOM   633  O OD2 . ASP A 1 78  ? 17.044  9.021   7.944   1.00 11.54 ?  78  ASP A OD2 1 
ATOM   634  N N   . GLY A 1 79  ? 14.991  4.117   8.799   1.00 10.13 ?  79  GLY A N   1 
ATOM   635  C CA  . GLY A 1 79  ? 13.916  3.498   9.581   1.00 11.02 ?  79  GLY A CA  1 
ATOM   636  C C   . GLY A 1 79  ? 12.541  3.740   8.989   1.00 9.09  ?  79  GLY A C   1 
ATOM   637  O O   . GLY A 1 79  ? 12.372  4.300   7.918   1.00 8.94  ?  79  GLY A O   1 
ATOM   638  N N   . VAL A 1 80  ? 11.582  3.213   9.713   1.00 9.17  ?  80  VAL A N   1 
ATOM   639  C CA  . VAL A 1 80  ? 10.169  3.146   9.289   1.00 8.80  ?  80  VAL A CA  1 
ATOM   640  C C   . VAL A 1 80  ? 9.360   4.075   10.169  1.00 8.78  ?  80  VAL A C   1 
ATOM   641  O O   . VAL A 1 80  ? 9.561   4.108   11.376  1.00 9.74  ?  80  VAL A O   1 
ATOM   642  C CB  . VAL A 1 80  ? 9.656   1.709   9.299   1.00 8.72  ?  80  VAL A CB  1 
ATOM   643  C CG1 . VAL A 1 80  ? 8.227   1.605   8.789   1.00 8.95  ?  80  VAL A CG1 1 
ATOM   644  C CG2 . VAL A 1 80  ? 10.553  0.768   8.535   1.00 9.02  ?  80  VAL A CG2 1 
ATOM   645  N N   . ASN A 1 81  ? 8.359   4.729   9.577   1.00 9.01  ?  81  ASN A N   1 
ATOM   646  C CA  . ASN A 1 81  ? 7.253   5.344   10.327  1.00 8.68  ?  81  ASN A CA  1 
ATOM   647  C C   . ASN A 1 81  ? 6.022   5.199   9.455   1.00 7.84  ?  81  ASN A C   1 
ATOM   648  O O   . ASN A 1 81  ? 6.088   4.745   8.317   1.00 8.43  ?  81  ASN A O   1 
ATOM   649  C CB  . ASN A 1 81  ? 7.549   6.787   10.743  1.00 8.75  ?  81  ASN A CB  1 
ATOM   650  C CG  . ASN A 1 81  ? 7.687   7.753   9.581   1.00 9.26  ?  81  ASN A CG  1 
ATOM   651  O OD1 . ASN A 1 81  ? 6.926   7.704   8.623   1.00 9.20  ?  81  ASN A OD1 1 
ATOM   652  N ND2 . ASN A 1 81  ? 8.663   8.638   9.617   1.00 9.85  ?  81  ASN A ND2 1 
ATOM   653  N N   . TRP A 1 82  ? 4.865   5.457   10.026  1.00 8.49  ?  82  TRP A N   1 
ATOM   654  C CA  . TRP A 1 82  ? 3.623   5.186   9.270   1.00 8.10  ?  82  TRP A CA  1 
ATOM   655  C C   . TRP A 1 82  ? 3.510   6.128   8.077   1.00 7.77  ?  82  TRP A C   1 
ATOM   656  O O   . TRP A 1 82  ? 2.892   5.756   7.059   1.00 8.76  ?  82  TRP A O   1 
ATOM   657  C CB  . TRP A 1 82  ? 2.399   5.332   10.164  1.00 8.58  ?  82  TRP A CB  1 
ATOM   658  C CG  . TRP A 1 82  ? 2.250   4.254   11.178  1.00 9.17  ?  82  TRP A CG  1 
ATOM   659  C CD1 . TRP A 1 82  ? 2.338   4.415   12.534  1.00 9.91  ?  82  TRP A CD1 1 
ATOM   660  C CD2 . TRP A 1 82  ? 1.917   2.883   10.953  1.00 9.25  ?  82  TRP A CD2 1 
ATOM   661  N NE1 . TRP A 1 82  ? 2.143   3.218   13.152  1.00 9.80  ?  82  TRP A NE1 1 
ATOM   662  C CE2 . TRP A 1 82  ? 1.885   2.252   12.231  1.00 9.69  ?  82  TRP A CE2 1 
ATOM   663  C CE3 . TRP A 1 82  ? 1.713   2.075   9.829   1.00 9.27  ?  82  TRP A CE3 1 
ATOM   664  C CZ2 . TRP A 1 82  ? 1.578   0.901   12.377  1.00 10.47 ?  82  TRP A CZ2 1 
ATOM   665  C CZ3 . TRP A 1 82  ? 1.431   0.748   9.972   1.00 9.51  ?  82  TRP A CZ3 1 
ATOM   666  C CH2 . TRP A 1 82  ? 1.356   0.184   11.237  1.00 10.30 ?  82  TRP A CH2 1 
ATOM   667  N N   . GLY A 1 83  ? 4.003   7.345   8.162   1.00 7.00  ?  83  GLY A N   1 
ATOM   668  C CA  . GLY A 1 83  ? 3.947   8.242   7.011   1.00 6.84  ?  83  GLY A CA  1 
ATOM   669  C C   . GLY A 1 83  ? 4.691   7.680   5.807   1.00 7.15  ?  83  GLY A C   1 
ATOM   670  O O   . GLY A 1 83  ? 4.233   7.802   4.653   1.00 7.83  ?  83  GLY A O   1 
ATOM   671  N N   . ARG A 1 84  ? 5.863   7.092   6.071   1.00 6.97  ?  84  ARG A N   1 
ATOM   672  C CA  . ARG A 1 84  ? 6.661   6.445   5.015   1.00 7.28  ?  84  ARG A CA  1 
ATOM   673  C C   . ARG A 1 84  ? 5.950   5.204   4.497   1.00 7.28  ?  84  ARG A C   1 
ATOM   674  O O   . ARG A 1 84  ? 6.075   4.913   3.311   1.00 7.82  ?  84  ARG A O   1 
ATOM   675  C CB  . ARG A 1 84  ? 8.056   6.128   5.538   1.00 7.70  ?  84  ARG A CB  1 
ATOM   676  C CG  . ARG A 1 84  ? 8.874   7.372   5.845   1.00 7.64  ?  84  ARG A CG  1 
ATOM   677  C CD  . ARG A 1 84  ? 10.166  7.050   6.548   1.00 7.90  ?  84  ARG A CD  1 
ATOM   678  N NE  . ARG A 1 84  ? 10.910  8.274   6.809   1.00 8.32  ?  84  ARG A NE  1 
ATOM   679  C CZ  . ARG A 1 84  ? 12.152  8.277   7.264   1.00 9.32  ?  84  ARG A CZ  1 
ATOM   680  N NH1 . ARG A 1 84  ? 12.783  7.128   7.511   1.00 9.50  ?  84  ARG A NH1 1 
ATOM   681  N NH2 . ARG A 1 84  ? 12.723  9.450   7.436   1.00 9.13  ?  84  ARG A NH2 1 
ATOM   682  N N   . ILE A 1 85  ? 5.246   4.464   5.340   1.00 7.15  ?  85  ILE A N   1 
ATOM   683  C CA  . ILE A 1 85  ? 4.451   3.331   4.836   1.00 7.81  ?  85  ILE A CA  1 
ATOM   684  C C   . ILE A 1 85  ? 3.364   3.813   3.874   1.00 7.62  ?  85  ILE A C   1 
ATOM   685  O O   . ILE A 1 85  ? 3.155   3.237   2.817   1.00 8.15  ?  85  ILE A O   1 
ATOM   686  C CB  . ILE A 1 85  ? 3.930   2.493   5.985   1.00 8.32  ?  85  ILE A CB  1 
ATOM   687  C CG1 . ILE A 1 85  ? 5.092   1.759   6.673   1.00 9.05  ?  85  ILE A CG1 1 
ATOM   688  C CG2 . ILE A 1 85  ? 2.847   1.508   5.507   1.00 9.59  ?  85  ILE A CG2 1 
ATOM   689  C CD1 . ILE A 1 85  ? 4.746   0.930   7.839   1.00 10.73 ?  85  ILE A CD1 1 
ATOM   690  N N   . VAL A 1 86  ? 2.680   4.899   4.231   1.00 7.55  ?  86  VAL A N   1 
ATOM   691  C CA  . VAL A 1 86  ? 1.678   5.447   3.280   1.00 7.56  ?  86  VAL A CA  1 
ATOM   692  C C   . VAL A 1 86  ? 2.360   5.885   1.996   1.00 7.65  ?  86  VAL A C   1 
ATOM   693  O O   . VAL A 1 86  ? 1.862   5.599   0.872   1.00 7.53  ?  86  VAL A O   1 
ATOM   694  C CB  . VAL A 1 86  ? 0.906   6.620   3.904   1.00 8.18  ?  86  VAL A CB  1 
ATOM   695  C CG1 . VAL A 1 86  ? -0.128  7.188   2.916   1.00 8.18  ?  86  VAL A CG1 1 
ATOM   696  C CG2 . VAL A 1 86  ? 0.151   6.147   5.124   1.00 9.01  ?  86  VAL A CG2 1 
ATOM   697  N N   . ALA A 1 87  ? 3.521   6.535   2.116   1.00 7.36  ?  87  ALA A N   1 
ATOM   698  C CA  . ALA A 1 87  ? 4.264   6.966   0.918   1.00 8.62  ?  87  ALA A CA  1 
ATOM   699  C C   . ALA A 1 87  ? 4.572   5.759   0.030   1.00 8.38  ?  87  ALA A C   1 
ATOM   700  O O   . ALA A 1 87  ? 4.518   5.877   -1.194  1.00 8.75  ?  87  ALA A O   1 
ATOM   701  C CB  . ALA A 1 87  ? 5.545   7.648   1.313   1.00 8.79  ?  87  ALA A CB  1 
ATOM   702  N N   . PHE A 1 88  ? 4.925   4.630   0.637   1.00 7.51  ?  88  PHE A N   1 
ATOM   703  C CA  . PHE A 1 88  ? 5.263   3.387   -0.097  1.00 7.58  ?  88  PHE A CA  1 
ATOM   704  C C   . PHE A 1 88  ? 4.068   2.890   -0.908  1.00 7.71  ?  88  PHE A C   1 
ATOM   705  O O   . PHE A 1 88  ? 4.192   2.545   -2.073  1.00 7.79  ?  88  PHE A O   1 
ATOM   706  C CB  . PHE A 1 88  ? 5.779   2.370   0.926   1.00 8.07  ?  88  PHE A CB  1 
ATOM   707  C CG  . PHE A 1 88  ? 5.733   0.936   0.474   1.00 8.44  ?  88  PHE A CG  1 
ATOM   708  C CD1 . PHE A 1 88  ? 6.748   0.401   -0.319  1.00 8.98  ?  88  PHE A CD1 1 
ATOM   709  C CD2 . PHE A 1 88  ? 4.688   0.123   0.846   1.00 8.54  ?  88  PHE A CD2 1 
ATOM   710  C CE1 . PHE A 1 88  ? 6.737   -0.946  -0.645  1.00 9.80  ?  88  PHE A CE1 1 
ATOM   711  C CE2 . PHE A 1 88  ? 4.648   -1.204  0.470   1.00 8.88  ?  88  PHE A CE2 1 
ATOM   712  C CZ  . PHE A 1 88  ? 5.668   -1.723  -0.303  1.00 9.40  ?  88  PHE A CZ  1 
ATOM   713  N N   . PHE A 1 89  ? 2.894   2.867   -0.261  1.00 7.48  ?  89  PHE A N   1 
ATOM   714  C CA  . PHE A 1 89  ? 1.691   2.425   -0.988  1.00 8.00  ?  89  PHE A CA  1 
ATOM   715  C C   . PHE A 1 89  ? 1.368   3.405   -2.123  1.00 7.15  ?  89  PHE A C   1 
ATOM   716  O O   . PHE A 1 89  ? 1.110   2.969   -3.235  1.00 7.90  ?  89  PHE A O   1 
ATOM   717  C CB  . PHE A 1 89  ? 0.499   2.280   -0.055  1.00 8.42  ?  89  PHE A CB  1 
ATOM   718  C CG  . PHE A 1 89  ? 0.508   0.948   0.668   1.00 9.22  ?  89  PHE A CG  1 
ATOM   719  C CD1 . PHE A 1 89  ? -0.103  -0.155  0.096   1.00 9.67  ?  89  PHE A CD1 1 
ATOM   720  C CD2 . PHE A 1 89  ? 1.158   0.765   1.884   1.00 8.48  ?  89  PHE A CD2 1 
ATOM   721  C CE1 . PHE A 1 89  ? -0.133  -1.373  0.737   1.00 10.05 ?  89  PHE A CE1 1 
ATOM   722  C CE2 . PHE A 1 89  ? 1.118   -0.469  2.517   1.00 8.86  ?  89  PHE A CE2 1 
ATOM   723  C CZ  . PHE A 1 89  ? 0.514   -1.544  1.927   1.00 9.25  ?  89  PHE A CZ  1 
ATOM   724  N N   . SER A 1 90  ? 1.386   4.716   -1.835  1.00 7.43  ?  90  SER A N   1 
ATOM   725  C CA  . SER A 1 90  ? 1.094   5.734   -2.863  1.00 7.47  ?  90  SER A CA  1 
ATOM   726  C C   . SER A 1 90  ? 2.096   5.580   -4.003  1.00 8.41  ?  90  SER A C   1 
ATOM   727  O O   . SER A 1 90  ? 1.720   5.727   -5.181  1.00 8.42  ?  90  SER A O   1 
ATOM   728  C CB  . SER A 1 90  ? 1.079   7.108   -2.262  1.00 8.49  ?  90  SER A CB  1 
ATOM   729  O OG  . SER A 1 90  ? -0.120  7.291   -1.470  1.00 10.23 ?  90  SER A OG  1 
ATOM   730  N N   . PHE A 1 91  ? 3.378   5.417   -3.689  1.00 8.58  ?  91  PHE A N   1 
ATOM   731  C CA  . PHE A 1 91  ? 4.436   5.231   -4.689  1.00 8.43  ?  91  PHE A CA  1 
ATOM   732  C C   . PHE A 1 91  ? 4.077   4.064   -5.610  1.00 8.41  ?  91  PHE A C   1 
ATOM   733  O O   . PHE A 1 91  ? 4.102   4.180   -6.864  1.00 8.85  ?  91  PHE A O   1 
ATOM   734  C CB  . PHE A 1 91  ? 5.758   5.028   -3.960  1.00 9.07  ?  91  PHE A CB  1 
ATOM   735  C CG  . PHE A 1 91  ? 6.943   4.678   -4.817  1.00 10.97 ?  91  PHE A CG  1 
ATOM   736  C CD1 . PHE A 1 91  ? 7.494   5.607   -5.660  1.00 12.99 ?  91  PHE A CD1 1 
ATOM   737  C CD2 . PHE A 1 91  ? 7.502   3.417   -4.791  1.00 11.39 ?  91  PHE A CD2 1 
ATOM   738  C CE1 . PHE A 1 91  ? 8.637   5.331   -6.404  1.00 14.01 ?  91  PHE A CE1 1 
ATOM   739  C CE2 . PHE A 1 91  ? 8.605   3.123   -5.580  1.00 12.85 ?  91  PHE A CE2 1 
ATOM   740  C CZ  . PHE A 1 91  ? 9.176   4.084   -6.371  1.00 13.15 ?  91  PHE A CZ  1 
ATOM   741  N N   . GLY A 1 92  ? 3.796   2.890   -5.038  1.00 8.47  ?  92  GLY A N   1 
ATOM   742  C CA  . GLY A 1 92  ? 3.410   1.735   -5.866  1.00 9.35  ?  92  GLY A CA  1 
ATOM   743  C C   . GLY A 1 92  ? 2.189   2.074   -6.708  1.00 9.44  ?  92  GLY A C   1 
ATOM   744  O O   . GLY A 1 92  ? 2.107   1.661   -7.876  1.00 9.20  ?  92  GLY A O   1 
ATOM   745  N N   . GLY A 1 93  ? 1.199   2.724   -6.145  1.00 9.22  ?  93  GLY A N   1 
ATOM   746  C CA  . GLY A 1 93  ? 0.014   3.127   -6.908  1.00 9.21  ?  93  GLY A CA  1 
ATOM   747  C C   . GLY A 1 93  ? 0.427   3.940   -8.112  1.00 9.56  ?  93  GLY A C   1 
ATOM   748  O O   . GLY A 1 93  ? -0.108  3.727   -9.246  1.00 9.82  ?  93  GLY A O   1 
ATOM   749  N N   . ALA A 1 94  ? 1.278   4.924   -7.944  1.00 8.99  ?  94  ALA A N   1 
ATOM   750  C CA  . ALA A 1 94  ? 1.729   5.807   -9.039  1.00 9.98  ?  94  ALA A CA  1 
ATOM   751  C C   . ALA A 1 94  ? 2.480   5.010   -10.101 1.00 10.59 ?  94  ALA A C   1 
ATOM   752  O O   . ALA A 1 94  ? 2.278   5.261   -11.317 1.00 11.28 ?  94  ALA A O   1 
ATOM   753  C CB  . ALA A 1 94  ? 2.553   6.914   -8.494  1.00 9.96  ?  94  ALA A CB  1 
ATOM   754  N N   . LEU A 1 95  ? 3.261   4.008   -9.695  1.00 9.52  ?  95  LEU A N   1 
ATOM   755  C CA  . LEU A 1 95  ? 3.985   3.192   -10.683 1.00 10.56 ?  95  LEU A CA  1 
ATOM   756  C C   . LEU A 1 95  ? 2.954   2.402   -11.490 1.00 11.41 ?  95  LEU A C   1 
ATOM   757  O O   . LEU A 1 95  ? 3.149   2.174   -12.712 1.00 11.93 ?  95  LEU A O   1 
ATOM   758  C CB  . LEU A 1 95  ? 4.954   2.225   -10.001 1.00 11.69 ?  95  LEU A CB  1 
ATOM   759  C CG  . LEU A 1 95  ? 6.083   2.845   -9.184  1.00 13.79 ?  95  LEU A CG  1 
ATOM   760  C CD1 . LEU A 1 95  ? 6.803   1.740   -8.459  1.00 15.53 ?  95  LEU A CD1 1 
ATOM   761  C CD2 . LEU A 1 95  ? 7.011   3.656   -10.034 1.00 15.92 ?  95  LEU A CD2 1 
ATOM   762  N N   . CYS A 1 96  ? 1.908   1.929   -10.850 1.00 9.71  ?  96  CYS A N   1 
ATOM   763  C CA  . CYS A 1 96  ? 0.867   1.170   -11.575 1.00 10.82 ?  96  CYS A CA  1 
ATOM   764  C C   . CYS A 1 96  ? 0.122   2.088   -12.541 1.00 11.12 ?  96  CYS A C   1 
ATOM   765  O O   . CYS A 1 96  ? -0.159  1.667   -13.666 1.00 12.66 ?  96  CYS A O   1 
ATOM   766  C CB  . CYS A 1 96  ? -0.096  0.489   -10.628 1.00 9.87  ?  96  CYS A CB  1 
ATOM   767  S SG  . CYS A 1 96  ? 0.661   -0.896  -9.752  1.00 10.70 ?  96  CYS A SG  1 
ATOM   768  N N   . VAL A 1 97  ? -0.219  3.293   -12.123 1.00 10.73 ?  97  VAL A N   1 
ATOM   769  C CA  . VAL A 1 97  ? -0.926  4.224   -13.028 1.00 11.27 ?  97  VAL A CA  1 
ATOM   770  C C   . VAL A 1 97  ? -0.040  4.583   -14.202 1.00 13.08 ?  97  VAL A C   1 
ATOM   771  O O   . VAL A 1 97  ? -0.539  4.545   -15.355 1.00 13.67 ?  97  VAL A O   1 
ATOM   772  C CB  . VAL A 1 97  ? -1.367  5.465   -12.258 1.00 12.20 ?  97  VAL A CB  1 
ATOM   773  C CG1 . VAL A 1 97  ? -1.892  6.540   -13.233 1.00 12.77 ?  97  VAL A CG1 1 
ATOM   774  C CG2 . VAL A 1 97  ? -2.407  5.170   -11.204 1.00 11.96 ?  97  VAL A CG2 1 
ATOM   775  N N   . GLU A 1 98  ? 1.247   4.808   -13.986 1.00 12.39 ?  98  GLU A N   1 
ATOM   776  C CA  . GLU A 1 98  ? 2.187   5.081   -15.092 1.00 13.23 ?  98  GLU A CA  1 
ATOM   777  C C   . GLU A 1 98  ? 2.192   3.876   -16.029 1.00 15.24 ?  98  GLU A C   1 
ATOM   778  O O   . GLU A 1 98  ? 2.217   4.036   -17.262 1.00 15.28 ?  98  GLU A O   1 
ATOM   779  C CB  . GLU A 1 98  ? 3.591   5.306   -14.540 1.00 15.18 ?  98  GLU A CB  1 
ATOM   780  C CG  . GLU A 1 98  ? 4.679   5.629   -15.578 1.00 18.13 ?  98  GLU A CG  1 
ATOM   781  C CD  . GLU A 1 98  ? 6.084   5.830   -15.055 1.00 22.49 ?  98  GLU A CD  1 
ATOM   782  O OE1 . GLU A 1 98  ? 7.007   5.834   -15.917 1.00 31.41 ?  98  GLU A OE1 1 
ATOM   783  O OE2 . GLU A 1 98  ? 6.270   5.791   -13.826 1.00 22.26 ?  98  GLU A OE2 1 
ATOM   784  N N   . SER A 1 99  ? 2.229   2.683   -15.494 1.00 13.05 ?  99  SER A N   1 
ATOM   785  C CA  . SER A 1 99  ? 2.277   1.452   -16.313 1.00 14.69 ?  99  SER A CA  1 
ATOM   786  C C   . SER A 1 99  ? 1.077   1.413   -17.236 1.00 16.07 ?  99  SER A C   1 
ATOM   787  O O   . SER A 1 99  ? 1.277   1.100   -18.454 1.00 17.28 ?  99  SER A O   1 
ATOM   788  C CB  . SER A 1 99  ? 2.329   0.208   -15.435 1.00 14.25 ?  99  SER A CB  1 
ATOM   789  O OG  . SER A 1 99  ? 3.547   0.216   -14.705 1.00 15.40 ?  99  SER A OG  1 
ATOM   790  N N   . VAL A 1 100 ? -0.103  1.612   -16.701 1.00 14.65 ?  100 VAL A N   1 
ATOM   791  C CA  . VAL A 1 100 ? -1.341  1.534   -17.508 1.00 15.65 ?  100 VAL A CA  1 
ATOM   792  C C   . VAL A 1 100 ? -1.345  2.693   -18.508 1.00 18.59 ?  100 VAL A C   1 
ATOM   793  O O   . VAL A 1 100 ? -1.791  2.469   -19.704 1.00 20.24 ?  100 VAL A O   1 
ATOM   794  C CB  . VAL A 1 100 ? -2.601  1.496   -16.645 1.00 16.74 ?  100 VAL A CB  1 
ATOM   795  C CG1 . VAL A 1 100 ? -3.841  1.518   -17.547 1.00 20.11 ?  100 VAL A CG1 1 
ATOM   796  C CG2 . VAL A 1 100 ? -2.591  0.244   -15.772 1.00 16.64 ?  100 VAL A CG2 1 
ATOM   797  N N   . ASP A 1 101 ? -0.904  3.874   -18.122 1.00 17.59 ?  101 ASP A N   1 
ATOM   798  C CA  . ASP A 1 101 ? -0.841  5.033   -19.059 1.00 19.63 ?  101 ASP A CA  1 
ATOM   799  C C   . ASP A 1 101 ? -0.009  4.656   -20.287 1.00 20.02 ?  101 ASP A C   1 
ATOM   800  O O   . ASP A 1 101 ? -0.299  5.237   -21.401 1.00 24.39 ?  101 ASP A O   1 
ATOM   801  C CB  . ASP A 1 101 ? -0.206  6.274   -18.428 1.00 20.43 ?  101 ASP A CB  1 
ATOM   802  C CG  . ASP A 1 101 ? -0.985  7.070   -17.398 1.00 24.47 ?  101 ASP A CG  1 
ATOM   803  O OD1 . ASP A 1 101 ? -2.193  6.856   -17.243 1.00 26.10 ?  101 ASP A OD1 1 
ATOM   804  O OD2 . ASP A 1 101 ? -0.340  7.908   -16.705 1.00 30.95 ?  101 ASP A OD2 1 
ATOM   805  N N   . LYS A 1 102 ? 1.039   3.848   -20.143 1.00 20.65 ?  102 LYS A N   1 
ATOM   806  C CA  . LYS A 1 102 ? 2.043   3.477   -21.182 1.00 25.19 ?  102 LYS A CA  1 
ATOM   807  C C   . LYS A 1 102 ? 1.683   2.128   -21.832 1.00 23.17 ?  102 LYS A C   1 
ATOM   808  O O   . LYS A 1 102 ? 2.581   1.536   -22.491 1.00 27.30 ?  102 LYS A O   1 
ATOM   809  C CB  . LYS A 1 102 ? 3.421   3.366   -20.532 1.00 28.56 ?  102 LYS A CB  1 
ATOM   810  C CG  . LYS A 1 102 ? 4.027   4.659   -20.000 1.00 32.62 ?  102 LYS A CG  1 
ATOM   811  C CD  . LYS A 1 102 ? 5.479   4.496   -19.569 1.00 37.43 ?  102 LYS A CD  1 
ATOM   812  C CE  . LYS A 1 102 ? 5.786   3.206   -18.831 1.00 42.88 ?  102 LYS A CE  1 
ATOM   813  N NZ  . LYS A 1 102 ? 7.152   3.212   -18.237 1.00 44.46 ?  102 LYS A NZ  1 
ATOM   814  N N   . GLU A 1 103 ? 0.439   1.681   -21.673 1.00 23.96 ?  103 GLU A N   1 
ATOM   815  C CA  . GLU A 1 103 ? -0.103  0.433   -22.243 1.00 26.91 ?  103 GLU A CA  1 
ATOM   816  C C   . GLU A 1 103 ? 0.731   -0.771  -21.795 1.00 30.11 ?  103 GLU A C   1 
ATOM   817  O O   . GLU A 1 103 ? 0.979   -1.692  -22.607 1.00 31.58 ?  103 GLU A O   1 
ATOM   818  C CB  . GLU A 1 103 ? -0.144  0.564   -23.780 1.00 30.40 ?  103 GLU A CB  1 
ATOM   819  C CG  . GLU A 1 103 ? -1.121  1.610   -24.265 1.00 34.77 ?  103 GLU A CG  1 
ATOM   820  C CD  . GLU A 1 103 ? -2.553  1.339   -23.851 1.00 43.53 ?  103 GLU A CD  1 
ATOM   821  O OE1 . GLU A 1 103 ? -2.908  0.154   -23.668 1.00 49.69 ?  103 GLU A OE1 1 
ATOM   822  O OE2 . GLU A 1 103 ? -3.320  2.313   -23.725 1.00 60.17 ?  103 GLU A OE2 1 
ATOM   823  N N   . MET A 1 104 ? 1.168   -0.781  -20.533 1.00 24.42 ?  104 MET A N   1 
ATOM   824  C CA  . MET A 1 104 ? 1.932   -1.910  -19.949 1.00 25.20 ?  104 MET A CA  1 
ATOM   825  C C   . MET A 1 104 ? 1.127   -2.380  -18.727 1.00 24.75 ?  104 MET A C   1 
ATOM   826  O O   . MET A 1 104 ? 1.751   -2.601  -17.647 1.00 20.03 ?  104 MET A O   1 
ATOM   827  C CB  . MET A 1 104 ? 3.362   -1.499  -19.578 1.00 23.52 ?  104 MET A CB  1 
ATOM   828  C CG  . MET A 1 104 ? 4.292   -1.099  -20.758 1.00 26.38 ?  104 MET A CG  1 
ATOM   829  S SD  . MET A 1 104 ? 5.894   -0.412  -20.262 1.00 30.07 ?  104 MET A SD  1 
ATOM   830  C CE  . MET A 1 104 ? 6.653   -0.086  -21.859 1.00 33.69 ?  104 MET A CE  1 
ATOM   831  N N   . GLN A 1 105 ? -0.199  -2.537  -18.855 1.00 24.69 ?  105 GLN A N   1 
ATOM   832  C CA  . GLN A 1 105 ? -1.109  -3.051  -17.773 1.00 24.03 ?  105 GLN A CA  1 
ATOM   833  C C   . GLN A 1 105 ? -0.550  -4.372  -17.200 1.00 22.96 ?  105 GLN A C   1 
ATOM   834  O O   . GLN A 1 105 ? -0.762  -4.719  -16.036 1.00 17.70 ?  105 GLN A O   1 
ATOM   835  C CB  . GLN A 1 105 ? -2.546  -3.237  -18.288 1.00 30.14 ?  105 GLN A CB  1 
ATOM   836  N N   . VAL A 1 106 ? 0.172   -5.116  -18.001 1.00 21.47 ?  106 VAL A N   1 
ATOM   837  C CA  . VAL A 1 106 ? 0.781   -6.402  -17.616 1.00 22.35 ?  106 VAL A CA  1 
ATOM   838  C C   . VAL A 1 106 ? 1.748   -6.233  -16.419 1.00 18.89 ?  106 VAL A C   1 
ATOM   839  O O   . VAL A 1 106 ? 1.885   -7.175  -15.665 1.00 21.52 ?  106 VAL A O   1 
ATOM   840  C CB  . VAL A 1 106 ? 1.465   -6.961  -18.877 1.00 28.61 ?  106 VAL A CB  1 
ATOM   841  C CG1 . VAL A 1 106 ? 2.673   -6.133  -19.272 1.00 27.46 ?  106 VAL A CG1 1 
ATOM   842  C CG2 . VAL A 1 106 ? 1.816   -8.410  -18.715 1.00 29.01 ?  106 VAL A CG2 1 
ATOM   843  N N   . LEU A 1 107 ? 2.321   -5.040  -16.197 1.00 16.59 ?  107 LEU A N   1 
ATOM   844  C CA  . LEU A 1 107 ? 3.294   -4.786  -15.090 1.00 15.22 ?  107 LEU A CA  1 
ATOM   845  C C   . LEU A 1 107 ? 2.585   -4.577  -13.735 1.00 12.94 ?  107 LEU A C   1 
ATOM   846  O O   . LEU A 1 107 ? 3.242   -4.606  -12.721 1.00 12.60 ?  107 LEU A O   1 
ATOM   847  C CB  . LEU A 1 107 ? 4.107   -3.522  -15.360 1.00 16.36 ?  107 LEU A CB  1 
ATOM   848  C CG  . LEU A 1 107 ? 4.991   -3.586  -16.608 1.00 20.11 ?  107 LEU A CG  1 
ATOM   849  C CD1 . LEU A 1 107 ? 5.592   -2.214  -16.856 1.00 21.97 ?  107 LEU A CD1 1 
ATOM   850  C CD2 . LEU A 1 107 ? 6.043   -4.644  -16.435 1.00 23.64 ?  107 LEU A CD2 1 
ATOM   851  N N   . VAL A 1 108 ? 1.301   -4.302  -13.724 1.00 12.69 ?  108 VAL A N   1 
ATOM   852  C CA  . VAL A 1 108 ? 0.591   -3.990  -12.456 1.00 11.40 ?  108 VAL A CA  1 
ATOM   853  C C   . VAL A 1 108 ? 0.734   -5.169  -11.496 1.00 10.95 ?  108 VAL A C   1 
ATOM   854  O O   . VAL A 1 108 ? 1.100   -4.963  -10.318 1.00 10.55 ?  108 VAL A O   1 
ATOM   855  C CB  . VAL A 1 108 ? -0.891  -3.666  -12.693 1.00 12.15 ?  108 VAL A CB  1 
ATOM   856  C CG1 . VAL A 1 108 ? -1.665  -3.591  -11.396 1.00 12.25 ?  108 VAL A CG1 1 
ATOM   857  C CG2 . VAL A 1 108 ? -0.994  -2.374  -13.476 1.00 12.44 ?  108 VAL A CG2 1 
ATOM   858  N N   . SER A 1 109 ? 0.528   -6.416  -11.935 1.00 10.34 ?  109 SER A N   1 
ATOM   859  C CA  . SER A 1 109 ? 0.621   -7.572  -11.025 1.00 11.21 ?  109 SER A CA  1 
ATOM   860  C C   . SER A 1 109 ? 2.071   -7.766  -10.544 1.00 10.19 ?  109 SER A C   1 
ATOM   861  O O   . SER A 1 109 ? 2.287   -8.239  -9.403  1.00 11.28 ?  109 SER A O   1 
ATOM   862  C CB  . SER A 1 109 ? 0.063   -8.849  -11.650 1.00 12.53 ?  109 SER A CB  1 
ATOM   863  O OG  . SER A 1 109 ? 0.858   -9.261  -12.731 1.00 18.75 ?  109 SER A OG  1 
ATOM   864  N N   . ARG A 1 110 ? 3.045   -7.429  -11.390 1.00 9.80  ?  110 ARG A N   1 
ATOM   865  C CA  . ARG A 1 110 ? 4.464   -7.529  -11.010 1.00 10.55 ?  110 ARG A CA  1 
ATOM   866  C C   . ARG A 1 110 ? 4.740   -6.532  -9.895  1.00 10.03 ?  110 ARG A C   1 
ATOM   867  O O   . ARG A 1 110 ? 5.363   -6.879  -8.866  1.00 10.08 ?  110 ARG A O   1 
ATOM   868  C CB  . ARG A 1 110 ? 5.330   -7.300  -12.225 1.00 11.36 ?  110 ARG A CB  1 
ATOM   869  C CG  . ARG A 1 110 ? 6.795   -7.656  -11.982 1.00 12.25 ?  110 ARG A CG  1 
ATOM   870  C CD  . ARG A 1 110 ? 7.602   -7.493  -13.250 1.00 12.96 ?  110 ARG A CD  1 
ATOM   871  N NE  . ARG A 1 110 ? 7.204   -8.496  -14.230 1.00 13.97 ?  110 ARG A NE  1 
ATOM   872  C CZ  . ARG A 1 110 ? 7.605   -8.516  -15.490 1.00 16.28 ?  110 ARG A CZ  1 
ATOM   873  N NH1 . ARG A 1 110 ? 8.424   -7.601  -15.943 1.00 16.93 ?  110 ARG A NH1 1 
ATOM   874  N NH2 . ARG A 1 110 ? 7.160   -9.458  -16.307 1.00 17.93 ?  110 ARG A NH2 1 
ATOM   875  N N   . ILE A 1 111 ? 4.283   -5.293  -10.049 1.00 10.64 ?  111 ILE A N   1 
ATOM   876  C CA  . ILE A 1 111 ? 4.504   -4.246  -9.019  1.00 9.77  ?  111 ILE A CA  1 
ATOM   877  C C   . ILE A 1 111 ? 3.810   -4.688  -7.732  1.00 8.78  ?  111 ILE A C   1 
ATOM   878  O O   . ILE A 1 111 ? 4.355   -4.502  -6.619  1.00 9.37  ?  111 ILE A O   1 
ATOM   879  C CB  . ILE A 1 111 ? 4.046   -2.892  -9.560  1.00 11.06 ?  111 ILE A CB  1 
ATOM   880  C CG1 . ILE A 1 111 ? 4.902   -2.439  -10.731 1.00 11.29 ?  111 ILE A CG1 1 
ATOM   881  C CG2 . ILE A 1 111 ? 4.008   -1.894  -8.416  1.00 10.96 ?  111 ILE A CG2 1 
ATOM   882  C CD1 . ILE A 1 111 ? 4.241   -1.377  -11.586 1.00 12.26 ?  111 ILE A CD1 1 
ATOM   883  N N   . ALA A 1 112 ? 2.600   -5.249  -7.846  1.00 8.58  ?  112 ALA A N   1 
ATOM   884  C CA  . ALA A 1 112 ? 1.877   -5.749  -6.660  1.00 9.19  ?  112 ALA A CA  1 
ATOM   885  C C   . ALA A 1 112 ? 2.753   -6.764  -5.912  1.00 9.03  ?  112 ALA A C   1 
ATOM   886  O O   . ALA A 1 112 ? 2.847   -6.766  -4.678  1.00 9.20  ?  112 ALA A O   1 
ATOM   887  C CB  . ALA A 1 112 ? 0.522   -6.345  -7.015  1.00 9.74  ?  112 ALA A CB  1 
ATOM   888  N N   . SER A 1 113 ? 3.367   -7.703  -6.664  1.00 8.67  ?  113 SER A N   1 
ATOM   889  C CA  . SER A 1 113 ? 4.212   -8.758  -6.048  1.00 9.23  ?  113 SER A CA  1 
ATOM   890  C C   . SER A 1 113 ? 5.441   -8.145  -5.408  1.00 9.04  ?  113 SER A C   1 
ATOM   891  O O   . SER A 1 113 ? 5.846   -8.513  -4.326  1.00 9.34  ?  113 SER A O   1 
ATOM   892  C CB  . SER A 1 113 ? 4.598   -9.725  -7.158  1.00 9.78  ?  113 SER A CB  1 
ATOM   893  O OG  . SER A 1 113 ? 5.375   -10.747 -6.616  1.00 12.60 ?  113 SER A OG  1 
ATOM   894  N N   . TRP A 1 114 ? 6.025   -7.154  -6.073  1.00 8.42  ?  114 TRP A N   1 
ATOM   895  C CA  . TRP A 1 114 ? 7.189   -6.429  -5.497  1.00 8.42  ?  114 TRP A CA  1 
ATOM   896  C C   . TRP A 1 114 ? 6.806   -5.736  -4.196  1.00 8.85  ?  114 TRP A C   1 
ATOM   897  O O   . TRP A 1 114 ? 7.560   -5.795  -3.219  1.00 9.44  ?  114 TRP A O   1 
ATOM   898  C CB  . TRP A 1 114 ? 7.674   -5.403  -6.493  1.00 8.32  ?  114 TRP A CB  1 
ATOM   899  C CG  . TRP A 1 114 ? 8.365   -6.002  -7.701  1.00 8.44  ?  114 TRP A CG  1 
ATOM   900  C CD1 . TRP A 1 114 ? 8.634   -7.318  -7.949  1.00 9.34  ?  114 TRP A CD1 1 
ATOM   901  C CD2 . TRP A 1 114 ? 8.850   -5.263  -8.823  1.00 9.38  ?  114 TRP A CD2 1 
ATOM   902  N NE1 . TRP A 1 114 ? 9.308   -7.417  -9.141  1.00 9.53  ?  114 TRP A NE1 1 
ATOM   903  C CE2 . TRP A 1 114 ? 9.479   -6.182  -9.710  1.00 9.53  ?  114 TRP A CE2 1 
ATOM   904  C CE3 . TRP A 1 114 ? 8.908   -3.906  -9.145  1.00 11.44 ?  114 TRP A CE3 1 
ATOM   905  C CZ2 . TRP A 1 114 ? 10.085  -5.788  -10.903 1.00 11.93 ?  114 TRP A CZ2 1 
ATOM   906  C CZ3 . TRP A 1 114 ? 9.541   -3.526  -10.313 1.00 13.16 ?  114 TRP A CZ3 1 
ATOM   907  C CH2 . TRP A 1 114 ? 10.098  -4.466  -11.201 1.00 12.14 ?  114 TRP A CH2 1 
ATOM   908  N N   . MET A 1 115 ? 5.655   -5.090  -4.184  1.00 8.38  ?  115 MET A N   1 
ATOM   909  C CA  . MET A 1 115 ? 5.223   -4.409  -2.955  1.00 8.94  ?  115 MET A CA  1 
ATOM   910  C C   . MET A 1 115 ? 4.961   -5.412  -1.832  1.00 9.05  ?  115 MET A C   1 
ATOM   911  O O   . MET A 1 115 ? 5.382   -5.204  -0.697  1.00 8.98  ?  115 MET A O   1 
ATOM   912  C CB  . MET A 1 115 ? 3.961   -3.601  -3.179  1.00 9.24  ?  115 MET A CB  1 
ATOM   913  C CG  . MET A 1 115 ? 4.165   -2.420  -4.085  1.00 9.92  ?  115 MET A CG  1 
ATOM   914  S SD  . MET A 1 115 ? 2.651   -1.580  -4.542  1.00 10.42 ?  115 MET A SD  1 
ATOM   915  C CE  . MET A 1 115 ? 2.130   -0.833  -2.994  1.00 11.19 ?  115 MET A CE  1 
ATOM   916  N N   . ALA A 1 116 ? 4.343   -6.550  -2.127  1.00 8.91  ?  116 ALA A N   1 
ATOM   917  C CA  . ALA A 1 116 ? 4.123   -7.591  -1.114  1.00 9.87  ?  116 ALA A CA  1 
ATOM   918  C C   . ALA A 1 116 ? 5.435   -8.120  -0.581  1.00 10.00 ?  116 ALA A C   1 
ATOM   919  O O   . ALA A 1 116 ? 5.590   -8.358  0.617   1.00 11.07 ?  116 ALA A O   1 
ATOM   920  C CB  . ALA A 1 116 ? 3.273   -8.690  -1.706  1.00 11.56 ?  116 ALA A CB  1 
ATOM   921  N N   . THR A 1 117 ? 6.401   -8.311  -1.458  1.00 10.05 ?  117 THR A N   1 
ATOM   922  C CA  . THR A 1 117 ? 7.724   -8.804  -1.044  1.00 9.66  ?  117 THR A CA  1 
ATOM   923  C C   . THR A 1 117 ? 8.381   -7.823  -0.073  1.00 10.14 ?  117 THR A C   1 
ATOM   924  O O   . THR A 1 117 ? 8.925   -8.187  0.953   1.00 10.61 ?  117 THR A O   1 
ATOM   925  C CB  . THR A 1 117 ? 8.620   -9.013  -2.264  1.00 11.60 ?  117 THR A CB  1 
ATOM   926  O OG1 . THR A 1 117 ? 8.019   -9.864  -3.253  1.00 12.95 ?  117 THR A OG1 1 
ATOM   927  C CG2 . THR A 1 117 ? 9.986   -9.553  -1.894  1.00 11.24 ?  117 THR A CG2 1 
ATOM   928  N N   . TYR A 1 118 ? 8.327   -6.563  -0.455  1.00 9.30  ?  118 TYR A N   1 
ATOM   929  C CA  . TYR A 1 118 ? 8.941   -5.524  0.337   1.00 9.14  ?  118 TYR A CA  1 
ATOM   930  C C   . TYR A 1 118 ? 8.210   -5.278  1.689   1.00 11.12 ?  118 TYR A C   1 
ATOM   931  O O   . TYR A 1 118 ? 8.919   -5.293  2.745   1.00 9.23  ?  118 TYR A O   1 
ATOM   932  C CB  . TYR A 1 118 ? 8.999   -4.196  -0.393  1.00 9.23  ?  118 TYR A CB  1 
ATOM   933  C CG  . TYR A 1 118 ? 9.987   -3.222  0.196   1.00 9.56  ?  118 TYR A CG  1 
ATOM   934  C CD1 . TYR A 1 118 ? 9.689   -2.470  1.327   1.00 9.70  ?  118 TYR A CD1 1 
ATOM   935  C CD2 . TYR A 1 118 ? 11.267  -3.126  -0.287  1.00 10.14 ?  118 TYR A CD2 1 
ATOM   936  C CE1 . TYR A 1 118 ? 10.620  -1.669  1.965   1.00 9.80  ?  118 TYR A CE1 1 
ATOM   937  C CE2 . TYR A 1 118 ? 12.203  -2.300  0.315   1.00 11.10 ?  118 TYR A CE2 1 
ATOM   938  C CZ  . TYR A 1 118 ? 11.893  -1.585  1.451   1.00 10.55 ?  118 TYR A CZ  1 
ATOM   939  O OH  . TYR A 1 118 ? 12.838  -0.820  2.117   1.00 12.03 ?  118 TYR A OH  1 
ATOM   940  N N   . LEU A 1 119 ? 6.952   -5.501  1.717   1.00 9.80  ?  119 LEU A N   1 
ATOM   941  C CA  . LEU A 1 119 ? 6.232   -5.569  3.019   1.00 11.51 ?  119 LEU A CA  1 
ATOM   942  C C   . LEU A 1 119 ? 6.748   -6.714  3.883   1.00 17.92 ?  119 LEU A C   1 
ATOM   943  O O   . LEU A 1 119 ? 6.962   -6.566  5.033   1.00 13.95 ?  119 LEU A O   1 
ATOM   944  C CB  . LEU A 1 119 ? 4.749   -5.711  2.711   1.00 13.18 ?  119 LEU A CB  1 
ATOM   945  C CG  . LEU A 1 119 ? 4.021   -4.424  2.513   1.00 14.73 ?  119 LEU A CG  1 
ATOM   946  C CD1 . LEU A 1 119 ? 2.782   -4.625  1.684   1.00 17.01 ?  119 LEU A CD1 1 
ATOM   947  C CD2 . LEU A 1 119 ? 3.651   -3.762  3.851   1.00 14.88 ?  119 LEU A CD2 1 
ATOM   948  N N   . ASN A 1 120 ? 6.806   -7.884  3.281   1.00 11.77 ?  120 ASN A N   1 
ATOM   949  C CA  . ASN A 1 120 ? 7.233   -9.122  3.990   1.00 14.27 ?  120 ASN A CA  1 
ATOM   950  C C   . ASN A 1 120 ? 8.607   -8.869  4.584   1.00 16.06 ?  120 ASN A C   1 
ATOM   951  O O   . ASN A 1 120 ? 8.885   -9.226  5.786   1.00 16.55 ?  120 ASN A O   1 
ATOM   952  C CB  . ASN A 1 120 ? 7.345   -10.350 3.067   1.00 15.86 ?  120 ASN A CB  1 
ATOM   953  C CG  . ASN A 1 120 ? 6.030   -10.850 2.486   1.00 19.23 ?  120 ASN A CG  1 
ATOM   954  O OD1 . ASN A 1 120 ? 4.935   -10.492 2.941   1.00 21.52 ?  120 ASN A OD1 1 
ATOM   955  N ND2 . ASN A 1 120 ? 6.154   -11.703 1.465   1.00 21.06 ?  120 ASN A ND2 1 
ATOM   956  N N   . ASP A 1 121 ? 9.516   -8.358  3.805   1.00 12.63 ?  121 ASP A N   1 
ATOM   957  C CA  . ASP A 1 121 ? 10.938  -8.403  4.178   1.00 14.22 ?  121 ASP A CA  1 
ATOM   958  C C   . ASP A 1 121 ? 11.288  -7.262  5.128   1.00 14.10 ?  121 ASP A C   1 
ATOM   959  O O   . ASP A 1 121 ? 12.193  -7.382  5.969   1.00 15.83 ?  121 ASP A O   1 
ATOM   960  C CB  . ASP A 1 121 ? 11.788  -8.363  2.920   1.00 15.19 ?  121 ASP A CB  1 
ATOM   961  C CG  . ASP A 1 121 ? 11.749  -9.620  2.073   1.00 19.66 ?  121 ASP A CG  1 
ATOM   962  O OD1 . ASP A 1 121 ? 11.011  -10.590 2.458   1.00 22.82 ?  121 ASP A OD1 1 
ATOM   963  O OD2 . ASP A 1 121 ? 12.272  -9.540  0.950   1.00 20.12 ?  121 ASP A OD2 1 
ATOM   964  N N   . HIS A 1 122 ? 10.706  -6.092  4.950   1.00 12.78 ?  122 HIS A N   1 
ATOM   965  C CA  . HIS A 1 122 ? 11.134  -4.837  5.606   1.00 13.05 ?  122 HIS A CA  1 
ATOM   966  C C   . HIS A 1 122 ? 10.081  -4.277  6.539   1.00 13.53 ?  122 HIS A C   1 
ATOM   967  O O   . HIS A 1 122 ? 10.401  -3.695  7.622   1.00 18.84 ?  122 HIS A O   1 
ATOM   968  C CB  . HIS A 1 122 ? 11.493  -3.820  4.533   1.00 13.49 ?  122 HIS A CB  1 
ATOM   969  C CG  . HIS A 1 122 ? 12.706  -4.147  3.766   1.00 15.21 ?  122 HIS A CG  1 
ATOM   970  N ND1 . HIS A 1 122 ? 12.731  -4.718  2.535   1.00 18.29 ?  122 HIS A ND1 1 
ATOM   971  C CD2 . HIS A 1 122 ? 13.993  -3.967  4.162   1.00 14.98 ?  122 HIS A CD2 1 
ATOM   972  C CE1 . HIS A 1 122 ? 14.003  -4.871  2.128   1.00 15.82 ?  122 HIS A CE1 1 
ATOM   973  N NE2 . HIS A 1 122 ? 14.778  -4.406  3.122   1.00 20.09 ?  122 HIS A NE2 1 
ATOM   974  N N   . LEU A 1 123 ? 8.830   -4.314  6.164   1.00 10.69 ?  123 LEU A N   1 
ATOM   975  C CA  . LEU A 1 123 ? 7.856   -3.483  6.875   1.00 11.34 ?  123 LEU A CA  1 
ATOM   976  C C   . LEU A 1 123 ? 7.087   -4.291  7.928   1.00 11.66 ?  123 LEU A C   1 
ATOM   977  O O   . LEU A 1 123 ? 6.849   -3.725  8.998   1.00 11.55 ?  123 LEU A O   1 
ATOM   978  C CB  . LEU A 1 123 ? 6.936   -2.772  5.867   1.00 11.16 ?  123 LEU A CB  1 
ATOM   979  C CG  . LEU A 1 123 ? 7.651   -1.904  4.831   1.00 11.64 ?  123 LEU A CG  1 
ATOM   980  C CD1 . LEU A 1 123 ? 6.676   -1.231  3.869   1.00 10.98 ?  123 LEU A CD1 1 
ATOM   981  C CD2 . LEU A 1 123 ? 8.535   -0.866  5.483   1.00 11.50 ?  123 LEU A CD2 1 
ATOM   982  N N   . GLU A 1 124 ? 6.576   -5.459  7.574   1.00 11.75 ?  124 GLU A N   1 
ATOM   983  C CA  . GLU A 1 124 ? 5.838   -6.284  8.547   1.00 12.61 ?  124 GLU A CA  1 
ATOM   984  C C   . GLU A 1 124 ? 6.604   -6.427  9.862   1.00 12.11 ?  124 GLU A C   1 
ATOM   985  O O   . GLU A 1 124 ? 5.986   -6.295  10.910  1.00 10.14 ?  124 GLU A O   1 
ATOM   986  C CB  . GLU A 1 124 ? 5.404   -7.612  7.951   1.00 14.99 ?  124 GLU A CB  1 
ATOM   987  C CG  . GLU A 1 124 ? 4.516   -8.418  8.899   1.00 20.59 ?  124 GLU A CG  1 
ATOM   988  C CD  . GLU A 1 124 ? 3.271   -7.737  9.505   1.00 26.55 ?  124 GLU A CD  1 
ATOM   989  O OE1 . GLU A 1 124 ? 3.021   -7.984  10.724  1.00 40.51 ?  124 GLU A OE1 1 
ATOM   990  O OE2 . GLU A 1 124 ? 2.498   -6.932  8.816   1.00 27.88 ?  124 GLU A OE2 1 
ATOM   991  N N   . PRO A 1 125 ? 7.920   -6.661  9.891   1.00 11.68 ?  125 PRO A N   1 
ATOM   992  C CA  . PRO A 1 125 ? 8.584   -6.814  11.184  1.00 11.36 ?  125 PRO A CA  1 
ATOM   993  C C   . PRO A 1 125 ? 8.515   -5.544  12.023  1.00 11.54 ?  125 PRO A C   1 
ATOM   994  O O   . PRO A 1 125 ? 8.388   -5.618  13.209  1.00 12.90 ?  125 PRO A O   1 
ATOM   995  C CB  . PRO A 1 125 ? 10.022  -7.220  10.787  1.00 13.11 ?  125 PRO A CB  1 
ATOM   996  C CG  . PRO A 1 125 ? 9.797   -7.937  9.471   1.00 13.96 ?  125 PRO A CG  1 
ATOM   997  C CD  . PRO A 1 125 ? 8.766   -7.107  8.757   1.00 12.81 ?  125 PRO A CD  1 
ATOM   998  N N   . TRP A 1 126 ? 8.590   -4.380  11.421  1.00 9.60  ?  126 TRP A N   1 
ATOM   999  C CA  . TRP A 1 126 ? 8.399   -3.096  12.133  1.00 8.63  ?  126 TRP A CA  1 
ATOM   1000 C C   . TRP A 1 126 ? 6.954   -2.968  12.593  1.00 9.01  ?  126 TRP A C   1 
ATOM   1001 O O   . TRP A 1 126 ? 6.722   -2.550  13.731  1.00 9.81  ?  126 TRP A O   1 
ATOM   1002 C CB  . TRP A 1 126 ? 8.789   -1.933  11.226  1.00 9.01  ?  126 TRP A CB  1 
ATOM   1003 C CG  . TRP A 1 126 ? 8.646   -0.595  11.843  1.00 8.22  ?  126 TRP A CG  1 
ATOM   1004 C CD1 . TRP A 1 126 ? 9.566   0.106   12.553  1.00 8.58  ?  126 TRP A CD1 1 
ATOM   1005 C CD2 . TRP A 1 126 ? 7.461   0.220   11.870  1.00 8.35  ?  126 TRP A CD2 1 
ATOM   1006 N NE1 . TRP A 1 126 ? 9.092   1.303   12.976  1.00 8.39  ?  126 TRP A NE1 1 
ATOM   1007 C CE2 . TRP A 1 126 ? 7.781   1.393   12.581  1.00 8.79  ?  126 TRP A CE2 1 
ATOM   1008 C CE3 . TRP A 1 126 ? 6.185   0.099   11.318  1.00 9.07  ?  126 TRP A CE3 1 
ATOM   1009 C CZ2 . TRP A 1 126 ? 6.849   2.403   12.778  1.00 9.34  ?  126 TRP A CZ2 1 
ATOM   1010 C CZ3 . TRP A 1 126 ? 5.244   1.078   11.525  1.00 9.27  ?  126 TRP A CZ3 1 
ATOM   1011 C CH2 . TRP A 1 126 ? 5.579   2.218   12.251  1.00 9.45  ?  126 TRP A CH2 1 
ATOM   1012 N N   . ILE A 1 127 ? 6.016   -3.261  11.724  1.00 8.89  ?  127 ILE A N   1 
ATOM   1013 C CA  . ILE A 1 127 ? 4.582   -3.110  12.050  1.00 9.74  ?  127 ILE A CA  1 
ATOM   1014 C C   . ILE A 1 127 ? 4.275   -3.957  13.275  1.00 10.83 ?  127 ILE A C   1 
ATOM   1015 O O   . ILE A 1 127 ? 3.546   -3.464  14.168  1.00 11.42 ?  127 ILE A O   1 
ATOM   1016 C CB  . ILE A 1 127 ? 3.729   -3.489  10.846  1.00 10.47 ?  127 ILE A CB  1 
ATOM   1017 C CG1 . ILE A 1 127 ? 3.892   -2.463  9.724   1.00 10.87 ?  127 ILE A CG1 1 
ATOM   1018 C CG2 . ILE A 1 127 ? 2.269   -3.712  11.255  1.00 11.67 ?  127 ILE A CG2 1 
ATOM   1019 C CD1 . ILE A 1 127 ? 3.248   -2.908  8.400   1.00 13.72 ?  127 ILE A CD1 1 
ATOM   1020 N N   . GLN A 1 128 ? 4.766   -5.174  13.345  1.00 10.89 ?  128 GLN A N   1 
ATOM   1021 C CA  . GLN A 1 128 ? 4.428   -6.071  14.480  1.00 14.21 ?  128 GLN A CA  1 
ATOM   1022 C C   . GLN A 1 128 ? 5.022   -5.551  15.801  1.00 15.28 ?  128 GLN A C   1 
ATOM   1023 O O   . GLN A 1 128 ? 4.626   -6.019  16.870  1.00 18.29 ?  128 GLN A O   1 
ATOM   1024 C CB  . GLN A 1 128 ? 4.878   -7.484  14.145  1.00 17.36 ?  128 GLN A CB  1 
ATOM   1025 C CG  . GLN A 1 128 ? 6.354   -7.679  14.351  1.00 28.02 ?  128 GLN A CG  1 
ATOM   1026 C CD  . GLN A 1 128 ? 6.921   -9.071  14.146  1.00 40.74 ?  128 GLN A CD  1 
ATOM   1027 O OE1 . GLN A 1 128 ? 7.728   -9.549  14.954  1.00 44.19 ?  128 GLN A OE1 1 
ATOM   1028 N NE2 . GLN A 1 128 ? 6.531   -9.709  13.046  1.00 45.31 ?  128 GLN A NE2 1 
ATOM   1029 N N   . GLU A 1 129 ? 6.011   -4.657  15.821  1.00 11.78 ?  129 GLU A N   1 
ATOM   1030 C CA  . GLU A 1 129 ? 6.576   -4.064  17.057  1.00 12.31 ?  129 GLU A CA  1 
ATOM   1031 C C   . GLU A 1 129 ? 6.065   -2.671  17.302  1.00 12.14 ?  129 GLU A C   1 
ATOM   1032 O O   . GLU A 1 129 ? 6.526   -2.008  18.200  1.00 13.40 ?  129 GLU A O   1 
ATOM   1033 C CB  . GLU A 1 129 ? 8.111   -4.026  16.995  1.00 13.92 ?  129 GLU A CB  1 
ATOM   1034 C CG  . GLU A 1 129 ? 8.699   -5.417  17.008  1.00 15.61 ?  129 GLU A CG  1 
ATOM   1035 C CD  . GLU A 1 129 ? 10.230  -5.471  17.053  1.00 18.17 ?  129 GLU A CD  1 
ATOM   1036 O OE1 . GLU A 1 129 ? 10.813  -4.527  17.536  1.00 21.87 ?  129 GLU A OE1 1 
ATOM   1037 O OE2 . GLU A 1 129 ? 10.752  -6.511  16.633  1.00 24.07 ?  129 GLU A OE2 1 
ATOM   1038 N N   . ASN A 1 130 ? 5.168   -2.177  16.428  1.00 11.77 ?  130 ASN A N   1 
ATOM   1039 C CA  . ASN A 1 130 ? 4.712   -0.769  16.548  1.00 11.98 ?  130 ASN A CA  1 
ATOM   1040 C C   . ASN A 1 130 ? 3.190   -0.665  16.585  1.00 13.05 ?  130 ASN A C   1 
ATOM   1041 O O   . ASN A 1 130 ? 2.659   0.390   16.230  1.00 14.57 ?  130 ASN A O   1 
ATOM   1042 C CB  . ASN A 1 130 ? 5.365   0.073   15.443  1.00 11.62 ?  130 ASN A CB  1 
ATOM   1043 C CG  . ASN A 1 130 ? 6.805   0.368   15.771  1.00 13.51 ?  130 ASN A CG  1 
ATOM   1044 O OD1 . ASN A 1 130 ? 7.751   -0.276  15.350  1.00 14.40 ?  130 ASN A OD1 1 
ATOM   1045 N ND2 . ASN A 1 130 ? 6.991   1.317   16.641  1.00 13.69 ?  130 ASN A ND2 1 
ATOM   1046 N N   . GLY A 1 131 ? 2.539   -1.709  17.039  1.00 11.82 ?  131 GLY A N   1 
ATOM   1047 C CA  . GLY A 1 131 ? 1.088   -1.609  17.350  1.00 13.70 ?  131 GLY A CA  1 
ATOM   1048 C C   . GLY A 1 131 ? 0.232   -2.246  16.293  1.00 12.29 ?  131 GLY A C   1 
ATOM   1049 O O   . GLY A 1 131 ? -1.000  -2.200  16.466  1.00 12.90 ?  131 GLY A O   1 
ATOM   1050 N N   . GLY A 1 132 ? 0.789   -2.863  15.258  1.00 11.71 ?  132 GLY A N   1 
ATOM   1051 C CA  . GLY A 1 132 ? 0.014   -3.524  14.201  1.00 11.64 ?  132 GLY A CA  1 
ATOM   1052 C C   . GLY A 1 132 ? -0.697  -2.562  13.266  1.00 10.34 ?  132 GLY A C   1 
ATOM   1053 O O   . GLY A 1 132 ? -0.790  -1.361  13.504  1.00 10.39 ?  132 GLY A O   1 
ATOM   1054 N N   . TRP A 1 133 ? -1.370  -3.139  12.276  1.00 11.54 ?  133 TRP A N   1 
ATOM   1055 C CA  . TRP A 1 133 ? -2.253  -2.340  11.409  1.00 11.38 ?  133 TRP A CA  1 
ATOM   1056 C C   . TRP A 1 133 ? -3.416  -1.737  12.201  1.00 11.16 ?  133 TRP A C   1 
ATOM   1057 O O   . TRP A 1 133 ? -3.896  -0.677  11.796  1.00 11.30 ?  133 TRP A O   1 
ATOM   1058 C CB  . TRP A 1 133 ? -2.769  -3.144  10.206  1.00 11.98 ?  133 TRP A CB  1 
ATOM   1059 C CG  . TRP A 1 133 ? -1.740  -3.352  9.128   1.00 12.01 ?  133 TRP A CG  1 
ATOM   1060 C CD1 . TRP A 1 133 ? -1.164  -4.535  8.758   1.00 15.13 ?  133 TRP A CD1 1 
ATOM   1061 C CD2 . TRP A 1 133 ? -1.246  -2.361  8.218   1.00 11.12 ?  133 TRP A CD2 1 
ATOM   1062 N NE1 . TRP A 1 133 ? -0.270  -4.284  7.752   1.00 15.23 ?  133 TRP A NE1 1 
ATOM   1063 C CE2 . TRP A 1 133 ? -0.313  -2.989  7.351   1.00 13.13 ?  133 TRP A CE2 1 
ATOM   1064 C CE3 . TRP A 1 133 ? -1.487  -1.000  8.043   1.00 12.08 ?  133 TRP A CE3 1 
ATOM   1065 C CZ2 . TRP A 1 133 ? 0.314   -2.268  6.345   1.00 12.79 ?  133 TRP A CZ2 1 
ATOM   1066 C CZ3 . TRP A 1 133 ? -0.864  -0.283  7.036   1.00 12.53 ?  133 TRP A CZ3 1 
ATOM   1067 C CH2 . TRP A 1 133 ? 0.056   -0.932  6.212   1.00 13.26 ?  133 TRP A CH2 1 
ATOM   1068 N N   . ASP A 1 134 ? -3.769  -2.304  13.323  1.00 11.74 ?  134 ASP A N   1 
ATOM   1069 C CA  . ASP A 1 134 ? -4.852  -1.670  14.104  1.00 12.30 ?  134 ASP A CA  1 
ATOM   1070 C C   . ASP A 1 134 ? -4.403  -0.330  14.670  1.00 11.52 ?  134 ASP A C   1 
ATOM   1071 O O   . ASP A 1 134 ? -5.227  0.564   14.805  1.00 11.97 ?  134 ASP A O   1 
ATOM   1072 C CB  . ASP A 1 134 ? -5.322  -2.629  15.179  1.00 15.27 ?  134 ASP A CB  1 
ATOM   1073 C CG  . ASP A 1 134 ? -6.174  -3.769  14.620  1.00 19.70 ?  134 ASP A CG  1 
ATOM   1074 O OD1 . ASP A 1 134 ? -6.674  -3.688  13.502  1.00 21.64 ?  134 ASP A OD1 1 
ATOM   1075 O OD2 . ASP A 1 134 ? -6.224  -4.786  15.273  1.00 27.36 ?  134 ASP A OD2 1 
ATOM   1076 N N   . THR A 1 135 ? -3.117  -0.144  14.976  1.00 10.77 ?  135 THR A N   1 
ATOM   1077 C CA  . THR A 1 135 ? -2.642  1.183   15.390  1.00 10.58 ?  135 THR A CA  1 
ATOM   1078 C C   . THR A 1 135 ? -2.698  2.158   14.215  1.00 9.79  ?  135 THR A C   1 
ATOM   1079 O O   . THR A 1 135 ? -3.073  3.289   14.401  1.00 10.52 ?  135 THR A O   1 
ATOM   1080 C CB  . THR A 1 135 ? -1.249  1.055   16.004  1.00 12.02 ?  135 THR A CB  1 
ATOM   1081 O OG1 . THR A 1 135 ? -1.399  0.333   17.233  1.00 12.88 ?  135 THR A OG1 1 
ATOM   1082 C CG2 . THR A 1 135 ? -0.560  2.372   16.231  1.00 12.72 ?  135 THR A CG2 1 
ATOM   1083 N N   . PHE A 1 136 ? -2.267  1.717   13.033  1.00 9.20  ?  136 PHE A N   1 
ATOM   1084 C CA  . PHE A 1 136 ? -2.459  2.537   11.812  1.00 9.36  ?  136 PHE A CA  1 
ATOM   1085 C C   . PHE A 1 136 ? -3.916  3.019   11.676  1.00 10.23 ?  136 PHE A C   1 
ATOM   1086 O O   . PHE A 1 136 ? -4.135  4.190   11.384  1.00 11.27 ?  136 PHE A O   1 
ATOM   1087 C CB  . PHE A 1 136 ? -1.977  1.748   10.591  1.00 9.90  ?  136 PHE A CB  1 
ATOM   1088 C CG  . PHE A 1 136 ? -2.222  2.505   9.306   1.00 10.17 ?  136 PHE A CG  1 
ATOM   1089 C CD1 . PHE A 1 136 ? -1.394  3.551   8.927   1.00 10.49 ?  136 PHE A CD1 1 
ATOM   1090 C CD2 . PHE A 1 136 ? -3.329  2.197   8.526   1.00 10.57 ?  136 PHE A CD2 1 
ATOM   1091 C CE1 . PHE A 1 136 ? -1.626  4.253   7.747   1.00 11.88 ?  136 PHE A CE1 1 
ATOM   1092 C CE2 . PHE A 1 136 ? -3.556  2.890   7.343   1.00 10.51 ?  136 PHE A CE2 1 
ATOM   1093 C CZ  . PHE A 1 136 ? -2.714  3.915   6.983   1.00 11.64 ?  136 PHE A CZ  1 
ATOM   1094 N N   . VAL A 1 137 ? -4.859  2.099   11.775  1.00 11.68 ?  137 VAL A N   1 
ATOM   1095 C CA  . VAL A 1 137 ? -6.287  2.461   11.621  1.00 11.69 ?  137 VAL A CA  1 
ATOM   1096 C C   . VAL A 1 137 ? -6.660  3.505   12.667  1.00 12.82 ?  137 VAL A C   1 
ATOM   1097 O O   . VAL A 1 137 ? -7.337  4.478   12.310  1.00 15.19 ?  137 VAL A O   1 
ATOM   1098 C CB  . VAL A 1 137 ? -7.175  1.231   11.714  1.00 12.38 ?  137 VAL A CB  1 
ATOM   1099 C CG1 . VAL A 1 137 ? -8.638  1.660   11.806  1.00 12.47 ?  137 VAL A CG1 1 
ATOM   1100 C CG2 . VAL A 1 137 ? -6.940  0.297   10.563  1.00 12.04 ?  137 VAL A CG2 1 
ATOM   1101 N N   . ASP A 1 138 ? -6.219  3.353   13.928  1.00 12.55 ?  138 ASP A N   1 
ATOM   1102 C CA  . ASP A 1 138 ? -6.576  4.357   14.962  1.00 12.87 ?  138 ASP A CA  1 
ATOM   1103 C C   . ASP A 1 138 ? -5.900  5.692   14.623  1.00 14.09 ?  138 ASP A C   1 
ATOM   1104 O O   . ASP A 1 138 ? -6.484  6.761   14.868  1.00 17.09 ?  138 ASP A O   1 
ATOM   1105 C CB  . ASP A 1 138 ? -6.255  3.779   16.339  1.00 15.14 ?  138 ASP A CB  1 
ATOM   1106 C CG  . ASP A 1 138 ? -6.925  4.454   17.523  1.00 20.44 ?  138 ASP A CG  1 
ATOM   1107 O OD1 . ASP A 1 138 ? -7.668  5.427   17.308  1.00 25.42 ?  138 ASP A OD1 1 
ATOM   1108 O OD2 . ASP A 1 138 ? -6.635  4.051   18.665  1.00 20.10 ?  138 ASP A OD2 1 
ATOM   1109 N N   . LEU A 1 139 ? -4.654  5.699   14.163  1.00 13.86 ?  139 LEU A N   1 
ATOM   1110 C CA  . LEU A 1 139 ? -3.950  6.963   13.822  1.00 15.42 ?  139 LEU A CA  1 
ATOM   1111 C C   . LEU A 1 139 ? -4.572  7.621   12.586  1.00 17.89 ?  139 LEU A C   1 
ATOM   1112 O O   . LEU A 1 139 ? -4.612  8.846   12.621  1.00 21.23 ?  139 LEU A O   1 
ATOM   1113 C CB  . LEU A 1 139 ? -2.465  6.647   13.573  1.00 15.29 ?  139 LEU A CB  1 
ATOM   1114 C CG  . LEU A 1 139 ? -1.640  6.295   14.793  1.00 16.05 ?  139 LEU A CG  1 
ATOM   1115 C CD1 . LEU A 1 139 ? -0.260  5.753   14.344  1.00 17.38 ?  139 LEU A CD1 1 
ATOM   1116 C CD2 . LEU A 1 139 ? -1.462  7.530   15.677  1.00 18.91 ?  139 LEU A CD2 1 
ATOM   1117 N N   . TYR A 1 140 ? -4.915  6.898   11.504  1.00 19.37 ?  140 TYR A N   1 
ATOM   1118 C CA  . TYR A 1 140 ? -5.190  7.422   10.109  1.00 20.51 ?  140 TYR A CA  1 
ATOM   1119 C C   . TYR A 1 140 ? -6.627  7.178   9.602   1.00 26.24 ?  140 TYR A C   1 
ATOM   1120 O O   . TYR A 1 140 ? -6.997  7.865   8.596   1.00 27.07 ?  140 TYR A O   1 
ATOM   1121 C CB  . TYR A 1 140 ? -4.262  6.803   9.050   1.00 20.36 ?  140 TYR A CB  1 
ATOM   1122 C CG  . TYR A 1 140 ? -2.853  7.325   9.096   1.00 19.00 ?  140 TYR A CG  1 
ATOM   1123 C CD1 . TYR A 1 140 ? -1.964  6.792   9.989   1.00 18.66 ?  140 TYR A CD1 1 
ATOM   1124 C CD2 . TYR A 1 140 ? -2.344  8.307   8.233   1.00 21.23 ?  140 TYR A CD2 1 
ATOM   1125 C CE1 . TYR A 1 140 ? -0.675  7.267   10.101  1.00 17.75 ?  140 TYR A CE1 1 
ATOM   1126 C CE2 . TYR A 1 140 ? -1.036  8.757   8.313   1.00 23.14 ?  140 TYR A CE2 1 
ATOM   1127 C CZ  . TYR A 1 140 ? -0.175  8.268   9.284   1.00 22.02 ?  140 TYR A CZ  1 
ATOM   1128 O OH  . TYR A 1 140 ? 1.128   8.758   9.449   1.00 23.84 ?  140 TYR A OH  1 
ATOM   1129 N N   . GLY A 1 141 ? -7.395  6.285   10.219  1.00 24.37 ?  141 GLY A N   1 
ATOM   1130 C CA  . GLY A 1 141 ? -8.746  5.887   9.762   1.00 26.53 ?  141 GLY A CA  1 
ATOM   1131 C C   . GLY A 1 141 ? -9.828  6.867   10.204  1.00 30.25 ?  141 GLY A C   1 
ATOM   1132 O O   . GLY A 1 141 ? -9.613  7.620   11.177  1.00 28.73 ?  141 GLY A O   1 
ATOM   1133 N N   . PRO B 2 1   ? 15.239  10.215  11.559  1.00 11.30 ?  2   PRO B N   1 
ATOM   1134 C CA  . PRO B 2 1   ? 15.560  11.574  11.122  1.00 10.74 ?  2   PRO B CA  1 
ATOM   1135 C C   . PRO B 2 1   ? 14.516  12.071  10.125  1.00 12.47 ?  2   PRO B C   1 
ATOM   1136 O O   . PRO B 2 1   ? 14.093  11.321  9.264   1.00 12.40 ?  2   PRO B O   1 
ATOM   1137 C CB  . PRO B 2 1   ? 16.937  11.391  10.478  1.00 11.90 ?  2   PRO B CB  1 
ATOM   1138 C CG  . PRO B 2 1   ? 17.488  10.174  11.130  1.00 13.18 ?  2   PRO B CG  1 
ATOM   1139 C CD  . PRO B 2 1   ? 16.307  9.258   11.344  1.00 12.27 ?  2   PRO B CD  1 
ATOM   1140 N N   . ILE B 2 2   ? 14.183  13.338  10.207  1.00 13.00 ?  3   ILE B N   1 
ATOM   1141 C CA  . ILE B 2 2   ? 13.142  13.947  9.356   1.00 13.08 ?  3   ILE B CA  1 
ATOM   1142 C C   . ILE B 2 2   ? 13.772  14.236  8.004   1.00 13.57 ?  3   ILE B C   1 
ATOM   1143 O O   . ILE B 2 2   ? 14.738  15.014  7.933   1.00 15.56 ?  3   ILE B O   1 
ATOM   1144 C CB  . ILE B 2 2   ? 12.509  15.178  10.028  1.00 15.58 ?  3   ILE B CB  1 
ATOM   1145 C CG1 . ILE B 2 2   ? 11.700  14.744  11.256  1.00 18.78 ?  3   ILE B CG1 1 
ATOM   1146 C CG2 . ILE B 2 2   ? 11.709  15.958  8.994   1.00 15.37 ?  3   ILE B CG2 1 
ATOM   1147 C CD1 . ILE B 2 2   ? 11.215  15.888  12.117  1.00 22.00 ?  3   ILE B CD1 1 
ATOM   1148 N N   . ARG B 2 3   ? 13.282  13.594  6.956   1.00 12.11 ?  4   ARG B N   1 
ATOM   1149 C CA  . ARG B 2 3   ? 13.794  13.779  5.584   1.00 12.14 ?  4   ARG B CA  1 
ATOM   1150 C C   . ARG B 2 3   ? 12.683  14.154  4.612   1.00 12.52 ?  4   ARG B C   1 
ATOM   1151 O O   . ARG B 2 3   ? 13.004  14.637  3.496   1.00 14.64 ?  4   ARG B O   1 
ATOM   1152 C CB  . ARG B 2 3   ? 14.560  12.545  5.118   1.00 12.37 ?  4   ARG B CB  1 
ATOM   1153 C CG  . ARG B 2 3   ? 15.857  12.336  5.877   1.00 12.12 ?  4   ARG B CG  1 
ATOM   1154 C CD  . ARG B 2 3   ? 16.725  11.220  5.321   1.00 11.57 ?  4   ARG B CD  1 
ATOM   1155 N NE  . ARG B 2 3   ? 16.093  9.897   5.399   1.00 11.63 ?  4   ARG B NE  1 
ATOM   1156 C CZ  . ARG B 2 3   ? 15.492  9.236   4.430   1.00 10.52 ?  4   ARG B CZ  1 
ATOM   1157 N NH1 . ARG B 2 3   ? 15.495  9.626   3.160   1.00 12.59 ?  4   ARG B NH1 1 
ATOM   1158 N NH2 . ARG B 2 3   ? 14.925  8.095   4.725   1.00 10.39 ?  4   ARG B NH2 1 
ATOM   1159 N N   . TYR B 2 4   ? 11.433  13.917  4.953   1.00 11.64 ?  5   TYR B N   1 
ATOM   1160 C CA  . TYR B 2 4   ? 10.283  14.137  4.072   1.00 11.25 ?  5   TYR B CA  1 
ATOM   1161 C C   . TYR B 2 4   ? 9.212   14.887  4.836   1.00 11.46 ?  5   TYR B C   1 
ATOM   1162 O O   . TYR B 2 4   ? 9.137   14.793  6.052   1.00 11.48 ?  5   TYR B O   1 
ATOM   1163 C CB  . TYR B 2 4   ? 9.689   12.800  3.628   1.00 9.62  ?  5   TYR B CB  1 
ATOM   1164 C CG  . TYR B 2 4   ? 10.648  11.844  3.006   1.00 9.90  ?  5   TYR B CG  1 
ATOM   1165 C CD1 . TYR B 2 4   ? 10.987  11.963  1.670   1.00 10.35 ?  5   TYR B CD1 1 
ATOM   1166 C CD2 . TYR B 2 4   ? 11.183  10.802  3.763   1.00 9.72  ?  5   TYR B CD2 1 
ATOM   1167 C CE1 . TYR B 2 4   ? 11.886  11.111  1.056   1.00 10.64 ?  5   TYR B CE1 1 
ATOM   1168 C CE2 . TYR B 2 4   ? 12.029  9.915   3.143   1.00 10.11 ?  5   TYR B CE2 1 
ATOM   1169 C CZ  . TYR B 2 4   ? 12.405  10.083  1.819   1.00 10.23 ?  5   TYR B CZ  1 
ATOM   1170 O OH  . TYR B 2 4   ? 13.286  9.212   1.242   1.00 11.92 ?  5   TYR B OH  1 
ATOM   1171 N N   . PRO B 2 5   ? 8.322   15.626  4.136   1.00 12.51 ?  6   PRO B N   1 
ATOM   1172 C CA  . PRO B 2 5   ? 7.301   16.349  4.890   1.00 13.68 ?  6   PRO B CA  1 
ATOM   1173 C C   . PRO B 2 5   ? 6.309   15.475  5.654   1.00 13.20 ?  6   PRO B C   1 
ATOM   1174 O O   . PRO B 2 5   ? 5.800   15.857  6.675   1.00 15.22 ?  6   PRO B O   1 
ATOM   1175 C CB  . PRO B 2 5   ? 6.661   17.189  3.774   1.00 14.32 ?  6   PRO B CB  1 
ATOM   1176 C CG  . PRO B 2 5   ? 6.905   16.445  2.539   1.00 15.80 ?  6   PRO B CG  1 
ATOM   1177 C CD  . PRO B 2 5   ? 8.318   15.908  2.693   1.00 14.20 ?  6   PRO B CD  1 
ATOM   1178 N N   . TRP B 2 6   ? 6.102   14.239  5.220   1.00 12.85 ?  7   TRP B N   1 
ATOM   1179 C CA  . TRP B 2 6   ? 5.244   13.260  5.904   1.00 13.10 ?  7   TRP B CA  1 
ATOM   1180 C C   . TRP B 2 6   ? 5.886   12.787  7.204   1.00 15.03 ?  7   TRP B C   1 
ATOM   1181 O O   . TRP B 2 6   ? 5.187   12.062  7.978   1.00 18.17 ?  7   TRP B O   1 
ATOM   1182 C CB  . TRP B 2 6   ? 4.879   12.100  4.985   1.00 12.29 ?  7   TRP B CB  1 
ATOM   1183 C CG  . TRP B 2 6   ? 5.985   11.467  4.191   1.00 10.94 ?  7   TRP B CG  1 
ATOM   1184 C CD1 . TRP B 2 6   ? 6.875   10.461  4.579   1.00 10.45 ?  7   TRP B CD1 1 
ATOM   1185 C CD2 . TRP B 2 6   ? 6.326   11.737  2.835   1.00 10.64 ?  7   TRP B CD2 1 
ATOM   1186 N NE1 . TRP B 2 6   ? 7.650   10.131  3.551   1.00 11.08 ?  7   TRP B NE1 1 
ATOM   1187 C CE2 . TRP B 2 6   ? 7.368   10.889  2.438   1.00 10.92 ?  7   TRP B CE2 1 
ATOM   1188 C CE3 . TRP B 2 6   ? 5.829   12.631  1.876   1.00 12.20 ?  7   TRP B CE3 1 
ATOM   1189 C CZ2 . TRP B 2 6   ? 7.906   10.900  1.170   1.00 12.44 ?  7   TRP B CZ2 1 
ATOM   1190 C CZ3 . TRP B 2 6   ? 6.382   12.656  0.618   1.00 11.55 ?  7   TRP B CZ3 1 
ATOM   1191 C CH2 . TRP B 2 6   ? 7.415   11.812  0.272   1.00 13.33 ?  7   TRP B CH2 1 
ATOM   1192 N N   . ASP B 2 7   ? 7.197   12.972  7.396   1.00 12.05 ?  8   ASP B N   1 
ATOM   1193 C CA  . ASP B 2 7   ? 7.820   12.520  8.654   1.00 12.74 ?  8   ASP B CA  1 
ATOM   1194 C C   . ASP B 2 7   ? 7.439   13.417  9.834   1.00 14.09 ?  8   ASP B C   1 
ATOM   1195 O O   . ASP B 2 7   ? 7.521   12.973  10.982  1.00 14.22 ?  8   ASP B O   1 
ATOM   1196 C CB  . ASP B 2 7   ? 9.334   12.551  8.528   1.00 11.12 ?  8   ASP B CB  1 
ATOM   1197 C CG  . ASP B 2 7   ? 9.930   11.559  7.540   1.00 10.27 ?  8   ASP B CG  1 
ATOM   1198 O OD1 . ASP B 2 7   ? 9.285   10.477  7.319   1.00 9.74  ?  8   ASP B OD1 1 
ATOM   1199 O OD2 . ASP B 2 7   ? 11.060  11.780  7.068   1.00 10.11 ?  8   ASP B OD2 1 
ATOM   1200 N N   . VAL B 2 8   ? 7.087   14.668  9.560   1.00 15.09 ?  9   VAL B N   1 
ATOM   1201 C CA  . VAL B 2 8   ? 6.851   15.669  10.634  1.00 17.64 ?  9   VAL B CA  1 
ATOM   1202 C C   . VAL B 2 8   ? 5.777   15.199  11.604  1.00 19.21 ?  9   VAL B C   1 
ATOM   1203 O O   . VAL B 2 8   ? 5.987   15.310  12.829  1.00 23.90 ?  9   VAL B O   1 
ATOM   1204 C CB  . VAL B 2 8   ? 6.551   17.025  9.978   1.00 18.52 ?  9   VAL B CB  1 
ATOM   1205 C CG1 . VAL B 2 8   ? 6.219   18.062  11.031  1.00 20.44 ?  9   VAL B CG1 1 
ATOM   1206 C CG2 . VAL B 2 8   ? 7.732   17.478  9.127   1.00 19.00 ?  9   VAL B CG2 1 
ATOM   1207 N N   . GLU B 2 9   ? 4.729   14.631  11.098  1.00 21.27 ?  10  GLU B N   1 
ATOM   1208 C CA  . GLU B 2 9   ? 3.549   14.179  11.874  1.00 25.81 ?  10  GLU B CA  1 
ATOM   1209 C C   . GLU B 2 9   ? 3.867   12.997  12.794  1.00 26.08 ?  10  GLU B C   1 
ATOM   1210 O O   . GLU B 2 9   ? 2.996   12.685  13.624  1.00 28.92 ?  10  GLU B O   1 
ATOM   1211 C CB  . GLU B 2 9   ? 2.480   13.712  10.883  1.00 28.96 ?  10  GLU B CB  1 
ATOM   1212 C CG  . GLU B 2 9   ? 2.839   12.403  10.185  1.00 38.56 ?  10  GLU B CG  1 
ATOM   1213 C CD  . GLU B 2 9   ? 1.908   11.943  9.061   1.00 50.67 ?  10  GLU B CD  1 
ATOM   1214 O OE1 . GLU B 2 9   ? 0.711   12.339  9.106   1.00 62.89 ?  10  GLU B OE1 1 
ATOM   1215 O OE2 . GLU B 2 9   ? 2.355   11.160  8.145   1.00 38.22 ?  10  GLU B OE2 1 
ATOM   1216 N N   . CYS B 2 10  ? 4.965   12.265  12.582  1.00 19.05 ?  11  CYS B N   1 
ATOM   1217 C CA  . CYS B 2 10  ? 5.253   11.048  13.392  1.00 18.35 ?  11  CYS B CA  1 
ATOM   1218 C C   . CYS B 2 10  ? 6.153   11.251  14.631  1.00 23.15 ?  11  CYS B C   1 
ATOM   1219 O O   . CYS B 2 10  ? 6.942   12.237  14.510  1.00 35.06 ?  11  CYS B O   1 
ATOM   1220 C CB  . CYS B 2 10  ? 5.910   10.047  12.456  1.00 17.10 ?  11  CYS B CB  1 
ATOM   1221 S SG  . CYS B 2 10  ? 4.816   9.449   11.152  1.00 14.12 ?  11  CYS B SG  1 
HETATM 1222 C C1  . GOL C 3 .   ? 5.627   -12.012 -1.967  1.00 20.49 ?  201 GOL A C1  1 
HETATM 1223 O O1  . GOL C 3 .   ? 5.177   -13.178 -1.281  1.00 26.74 ?  201 GOL A O1  1 
HETATM 1224 C C2  . GOL C 3 .   ? 5.345   -12.124 -3.462  1.00 21.42 ?  201 GOL A C2  1 
HETATM 1225 O O2  . GOL C 3 .   ? 5.991   -13.273 -4.037  1.00 24.19 ?  201 GOL A O2  1 
HETATM 1226 C C3  . GOL C 3 .   ? 3.877   -12.244 -3.754  1.00 21.48 ?  201 GOL A C3  1 
HETATM 1227 O O3  . GOL C 3 .   ? 3.624   -12.078 -5.139  1.00 22.82 ?  201 GOL A O3  1 
HETATM 1228 C C13 . JJ9 D 4 .   ? 6.699   6.789   15.766  1.00 15.98 ?  101 JJ9 B C13 1 
HETATM 1229 C C15 . JJ9 D 4 .   ? 13.180  7.888   10.917  1.00 11.48 ?  101 JJ9 B C15 1 
HETATM 1230 C C17 . JJ9 D 4 .   ? 11.663  7.661   12.897  1.00 12.51 ?  101 JJ9 B C17 1 
HETATM 1231 C C20 . JJ9 D 4 .   ? 3.515   8.822   12.070  1.00 13.57 ?  101 JJ9 B C20 1 
HETATM 1232 O O14 . JJ9 D 4 .   ? 6.410   5.606   16.124  1.00 16.93 ?  101 JJ9 B O14 1 
HETATM 1233 N N7  . JJ9 D 4 .   ? 5.906   7.693   15.882  1.00 14.71 ?  101 JJ9 B N7  1 
HETATM 1234 C C8  . JJ9 D 4 .   ? 4.555   7.467   16.449  1.00 13.10 ?  101 JJ9 B C8  1 
HETATM 1235 C C9  . JJ9 D 4 .   ? 3.611   6.878   15.336  1.00 12.36 ?  101 JJ9 B C9  1 
HETATM 1236 N N10 . JJ9 D 4 .   ? 3.361   7.805   14.259  1.00 12.84 ?  101 JJ9 B N10 1 
HETATM 1237 C C11 . JJ9 D 4 .   ? 3.846   7.692   13.021  1.00 11.55 ?  101 JJ9 B C11 1 
HETATM 1238 O O12 . JJ9 D 4 .   ? 4.645   6.757   12.714  1.00 11.38 ?  101 JJ9 B O12 1 
HETATM 1239 C C3  . JJ9 D 4 .   ? 8.072   7.120   15.119  1.00 13.36 ?  101 JJ9 B C3  1 
HETATM 1240 C C2  . JJ9 D 4 .   ? 8.728   8.333   15.239  1.00 14.76 ?  101 JJ9 B C2  1 
HETATM 1241 C C4  . JJ9 D 4 .   ? 8.551   6.163   14.298  1.00 12.89 ?  101 JJ9 B C4  1 
HETATM 1242 C C5  . JJ9 D 4 .   ? 9.741   6.299   13.622  1.00 12.23 ?  101 JJ9 B C5  1 
HETATM 1243 C C6  . JJ9 D 4 .   ? 10.425  7.484   13.742  1.00 11.68 ?  101 JJ9 B C6  1 
HETATM 1244 C C1  . JJ9 D 4 .   ? 9.959   8.507   14.529  1.00 13.87 ?  101 JJ9 B C1  1 
HETATM 1245 S S16 . JJ9 D 4 .   ? 11.662  7.015   11.281  1.00 11.30 ?  101 JJ9 B S16 1 
HETATM 1246 N N18 . JJ9 D 4 .   ? 12.605  8.442   13.253  1.00 11.86 ?  101 JJ9 B N18 1 
HETATM 1247 C C19 . JJ9 D 4 .   ? 13.524  8.528   12.288  1.00 11.26 ?  101 JJ9 B C19 1 
HETATM 1248 C C21 . JJ9 D 4 .   ? 14.037  9.897   12.037  1.00 11.13 ?  101 JJ9 B C21 1 
HETATM 1249 O O22 . JJ9 D 4 .   ? 13.232  10.855  12.203  1.00 13.19 ?  101 JJ9 B O22 1 
HETATM 1250 O O   . HOH E 5 .   ? -8.716  7.184   16.389  1.00 36.52 ?  301 HOH A O   1 
HETATM 1251 O O   . HOH E 5 .   ? -12.786 -0.069  1.664   1.00 39.90 ?  302 HOH A O   1 
HETATM 1252 O O   . HOH E 5 .   ? -11.222 4.886   7.816   1.00 26.54 ?  303 HOH A O   1 
HETATM 1253 O O   . HOH E 5 .   ? 8.163   3.579   16.551  1.00 18.96 ?  304 HOH A O   1 
HETATM 1254 O O   . HOH E 5 .   ? -15.253 -9.911  -2.116  1.00 30.58 ?  305 HOH A O   1 
HETATM 1255 O O   . HOH E 5 .   ? -8.537  -2.668  12.065  1.00 34.49 ?  306 HOH A O   1 
HETATM 1256 O O   . HOH E 5 .   ? 1.094   8.434   -14.640 1.00 27.77 ?  307 HOH A O   1 
HETATM 1257 O O   . HOH E 5 .   ? 7.294   -0.113  19.755  1.00 23.16 ?  308 HOH A O   1 
HETATM 1258 O O   . HOH E 5 .   ? 12.025  -3.370  9.585   1.00 22.05 ?  309 HOH A O   1 
HETATM 1259 O O   . HOH E 5 .   ? 9.561   -7.748  14.688  1.00 23.99 ?  310 HOH A O   1 
HETATM 1260 O O   . HOH E 5 .   ? 8.450   -12.459 -4.051  1.00 14.39 ?  311 HOH A O   1 
HETATM 1261 O O   . HOH E 5 .   ? -2.663  10.423  -7.083  1.00 16.07 ?  312 HOH A O   1 
HETATM 1262 O O   . HOH E 5 .   ? -8.043  13.338  1.618   1.00 15.68 ?  313 HOH A O   1 
HETATM 1263 O O   . HOH E 5 .   ? 12.834  -7.062  -0.137  1.00 18.61 ?  314 HOH A O   1 
HETATM 1264 O O   . HOH E 5 .   ? 2.867   -10.103 1.367   1.00 33.59 ?  315 HOH A O   1 
HETATM 1265 O O   . HOH E 5 .   ? 15.707  4.268   -10.708 1.00 35.17 ?  316 HOH A O   1 
HETATM 1266 O O   . HOH E 5 .   ? -4.986  -5.295  17.547  1.00 34.70 ?  317 HOH A O   1 
HETATM 1267 O O   . HOH E 5 .   ? -7.405  17.090  4.721   1.00 21.47 ?  318 HOH A O   1 
HETATM 1268 O O   . HOH E 5 .   ? -12.687 -2.049  3.392   1.00 27.09 ?  319 HOH A O   1 
HETATM 1269 O O   . HOH E 5 .   ? -8.735  -16.407 -6.262  1.00 47.09 ?  320 HOH A O   1 
HETATM 1270 O O   . HOH E 5 .   ? 16.337  -3.275  -13.198 1.00 18.43 ?  321 HOH A O   1 
HETATM 1271 O O   . HOH E 5 .   ? 2.024   17.517  6.995   1.00 35.05 ?  322 HOH A O   1 
HETATM 1272 O O   . HOH E 5 .   ? -3.424  8.724   -15.786 1.00 35.49 ?  323 HOH A O   1 
HETATM 1273 O O   . HOH E 5 .   ? -17.862 -8.403  -4.772  1.00 37.28 ?  324 HOH A O   1 
HETATM 1274 O O   . HOH E 5 .   ? -22.063 -7.907  5.706   1.00 20.60 ?  325 HOH A O   1 
HETATM 1275 O O   . HOH E 5 .   ? -23.134 -3.780  5.687   1.00 35.24 ?  326 HOH A O   1 
HETATM 1276 O O   . HOH E 5 .   ? -9.430  -21.056 6.888   1.00 44.45 ?  327 HOH A O   1 
HETATM 1277 O O   . HOH E 5 .   ? 19.043  2.322   -1.619  1.00 18.61 ?  328 HOH A O   1 
HETATM 1278 O O   . HOH E 5 .   ? -14.084 -12.779 -0.428  1.00 24.84 ?  329 HOH A O   1 
HETATM 1279 O O   . HOH E 5 .   ? 0.819   -10.251 -8.292  1.00 28.01 ?  330 HOH A O   1 
HETATM 1280 O O   . HOH E 5 .   ? -33.275 -8.013  8.173   1.00 31.23 ?  331 HOH A O   1 
HETATM 1281 O O   . HOH E 5 .   ? 7.476   -10.712 7.595   1.00 30.05 ?  332 HOH A O   1 
HETATM 1282 O O   . HOH E 5 .   ? 5.583   1.795   -15.624 1.00 17.77 ?  333 HOH A O   1 
HETATM 1283 O O   . HOH E 5 .   ? -0.016  19.074  -2.084  1.00 16.04 ?  334 HOH A O   1 
HETATM 1284 O O   . HOH E 5 .   ? 12.298  -8.477  17.788  1.00 32.08 ?  335 HOH A O   1 
HETATM 1285 O O   . HOH E 5 .   ? -10.409 9.190   0.603   1.00 17.75 ?  336 HOH A O   1 
HETATM 1286 O O   . HOH E 5 .   ? -0.424  1.211   19.661  1.00 13.40 ?  337 HOH A O   1 
HETATM 1287 O O   . HOH E 5 .   ? 0.351   19.934  3.008   1.00 20.83 ?  338 HOH A O   1 
HETATM 1288 O O   . HOH E 5 .   ? 0.649   -9.646  -15.516 1.00 27.77 ?  339 HOH A O   1 
HETATM 1289 O O   . HOH E 5 .   ? 16.066  0.440   6.870   1.00 16.98 ?  340 HOH A O   1 
HETATM 1290 O O   . HOH E 5 .   ? 9.372   16.357  -9.066  1.00 36.68 ?  341 HOH A O   1 
HETATM 1291 O O   . HOH E 5 .   ? 2.910   -10.902 -11.847 1.00 19.29 ?  342 HOH A O   1 
HETATM 1292 O O   . HOH E 5 .   ? 16.530  6.787   -8.733  1.00 36.70 ?  343 HOH A O   1 
HETATM 1293 O O   . HOH E 5 .   ? 0.225   13.867  -5.691  1.00 21.87 ?  344 HOH A O   1 
HETATM 1294 O O   . HOH E 5 .   ? -0.896  6.467   -5.798  1.00 10.80 ?  345 HOH A O   1 
HETATM 1295 O O   . HOH E 5 .   ? 2.550   14.508  -6.917  1.00 20.33 ?  346 HOH A O   1 
HETATM 1296 O O   . HOH E 5 .   ? 14.641  -0.905  -15.881 1.00 35.16 ?  347 HOH A O   1 
HETATM 1297 O O   . HOH E 5 .   ? 14.160  -9.372  5.851   1.00 28.61 ?  348 HOH A O   1 
HETATM 1298 O O   . HOH E 5 .   ? -8.797  10.850  2.456   1.00 14.69 ?  349 HOH A O   1 
HETATM 1299 O O   . HOH E 5 .   ? -2.193  10.218  4.915   1.00 18.06 ?  350 HOH A O   1 
HETATM 1300 O O   . HOH E 5 .   ? -15.554 -6.821  5.228   1.00 34.22 ?  351 HOH A O   1 
HETATM 1301 O O   . HOH E 5 .   ? 10.501  12.984  -1.818  1.00 17.98 ?  352 HOH A O   1 
HETATM 1302 O O   . HOH E 5 .   ? 14.292  5.283   12.878  1.00 10.61 ?  353 HOH A O   1 
HETATM 1303 O O   . HOH E 5 .   ? -9.948  -2.003  -4.378  1.00 31.49 ?  354 HOH A O   1 
HETATM 1304 O O   . HOH E 5 .   ? 9.527   -5.321  -14.725 1.00 14.52 ?  355 HOH A O   1 
HETATM 1305 O O   . HOH E 5 .   ? -26.289 -3.226  5.848   1.00 35.28 ?  356 HOH A O   1 
HETATM 1306 O O   . HOH E 5 .   ? -7.972  0.067   15.217  1.00 22.00 ?  357 HOH A O   1 
HETATM 1307 O O   . HOH E 5 .   ? 1.555   7.912   -11.970 1.00 17.18 ?  358 HOH A O   1 
HETATM 1308 O O   . HOH E 5 .   ? 15.060  -7.948  -14.974 1.00 12.00 ?  359 HOH A O   1 
HETATM 1309 O O   . HOH E 5 .   ? 4.475   -8.135  -16.276 1.00 29.77 ?  360 HOH A O   1 
HETATM 1310 O O   . HOH E 5 .   ? 2.665   -12.340 -0.271  1.00 38.96 ?  361 HOH A O   1 
HETATM 1311 O O   . HOH E 5 .   ? -20.835 -13.690 -4.460  1.00 15.28 ?  362 HOH A O   1 
HETATM 1312 O O   . HOH E 5 .   ? 6.582   2.984   -13.475 1.00 18.96 ?  363 HOH A O   1 
HETATM 1313 O O   . HOH E 5 .   ? 22.941  -7.615  -7.973  1.00 44.57 ?  364 HOH A O   1 
HETATM 1314 O O   . HOH E 5 .   ? -11.146 2.258   8.588   1.00 21.79 ?  365 HOH A O   1 
HETATM 1315 O O   . HOH E 5 .   ? 16.601  1.952   -9.022  1.00 27.82 ?  366 HOH A O   1 
HETATM 1316 O O   . HOH E 5 .   ? -12.237 -4.854  9.767   1.00 32.34 ?  367 HOH A O   1 
HETATM 1317 O O   . HOH E 5 .   ? -24.424 -4.954  11.710  1.00 34.50 ?  368 HOH A O   1 
HETATM 1318 O O   . HOH E 5 .   ? -10.072 4.845   13.060  1.00 40.87 ?  369 HOH A O   1 
HETATM 1319 O O   . HOH E 5 .   ? 7.178   12.376  -10.899 1.00 29.94 ?  370 HOH A O   1 
HETATM 1320 O O   . HOH E 5 .   ? 12.525  -11.874 -0.698  1.00 34.26 ?  371 HOH A O   1 
HETATM 1321 O O   . HOH E 5 .   ? 16.223  -8.535  -1.294  1.00 39.72 ?  372 HOH A O   1 
HETATM 1322 O O   . HOH E 5 .   ? -5.385  19.392  7.294   1.00 25.20 ?  373 HOH A O   1 
HETATM 1323 O O   . HOH E 5 .   ? -1.100  -7.032  -14.361 1.00 18.29 ?  374 HOH A O   1 
HETATM 1324 O O   . HOH E 5 .   ? -1.976  -2.098  -21.082 1.00 30.21 ?  375 HOH A O   1 
HETATM 1325 O O   . HOH E 5 .   ? -5.975  9.593   6.512   1.00 34.03 ?  376 HOH A O   1 
HETATM 1326 O O   . HOH E 5 .   ? -1.055  -6.013  12.159  1.00 21.87 ?  377 HOH A O   1 
HETATM 1327 O O   . HOH E 5 .   ? 18.777  -8.035  -9.487  1.00 22.05 ?  378 HOH A O   1 
HETATM 1328 O O   . HOH E 5 .   ? 5.370   18.184  -0.795  1.00 18.31 ?  379 HOH A O   1 
HETATM 1329 O O   . HOH E 5 .   ? 5.984   -7.351  19.073  1.00 38.28 ?  380 HOH A O   1 
HETATM 1330 O O   . HOH E 5 .   ? -7.611  6.144   20.436  1.00 32.58 ?  381 HOH A O   1 
HETATM 1331 O O   . HOH E 5 .   ? -5.312  5.806   -2.033  1.00 14.40 ?  382 HOH A O   1 
HETATM 1332 O O   . HOH E 5 .   ? -25.602 -5.987  0.035   1.00 17.55 ?  383 HOH A O   1 
HETATM 1333 O O   . HOH E 5 .   ? 16.113  0.672   3.872   1.00 29.32 ?  384 HOH A O   1 
HETATM 1334 O O   . HOH E 5 .   ? 10.861  -8.691  -14.764 1.00 20.89 ?  385 HOH A O   1 
HETATM 1335 O O   . HOH E 5 .   ? -2.249  16.540  -5.423  1.00 27.37 ?  386 HOH A O   1 
HETATM 1336 O O   . HOH E 5 .   ? -3.111  -4.986  14.278  1.00 20.71 ?  387 HOH A O   1 
HETATM 1337 O O   . HOH E 5 .   ? 13.816  4.223   -13.642 1.00 28.29 ?  388 HOH A O   1 
HETATM 1338 O O   . HOH E 5 .   ? 3.826   12.123  -8.327  1.00 28.67 ?  389 HOH A O   1 
HETATM 1339 O O   . HOH E 5 .   ? 3.697   20.154  -2.368  1.00 23.04 ?  390 HOH A O   1 
HETATM 1340 O O   . HOH E 5 .   ? 0.353   -8.192  -4.068  1.00 35.40 ?  391 HOH A O   1 
HETATM 1341 O O   . HOH E 5 .   ? 16.145  7.049   -4.694  1.00 35.63 ?  392 HOH A O   1 
HETATM 1342 O O   . HOH E 5 .   ? 4.518   13.890  -10.728 1.00 37.61 ?  393 HOH A O   1 
HETATM 1343 O O   . HOH E 5 .   ? 19.553  -0.300  -0.984  1.00 20.80 ?  394 HOH A O   1 
HETATM 1344 O O   . HOH E 5 .   ? 11.893  11.036  -13.821 1.00 38.16 ?  395 HOH A O   1 
HETATM 1345 O O   . HOH E 5 .   ? 10.748  -2.018  19.103  1.00 37.05 ?  396 HOH A O   1 
HETATM 1346 O O   . HOH E 5 .   ? 8.865   -12.356 0.432   1.00 27.80 ?  397 HOH A O   1 
HETATM 1347 O O   . HOH E 5 .   ? -0.357  -4.586  -21.015 1.00 31.02 ?  398 HOH A O   1 
HETATM 1348 O O   . HOH E 5 .   ? -16.847 -13.844 12.110  1.00 37.02 ?  399 HOH A O   1 
HETATM 1349 O O   . HOH E 5 .   ? 12.841  -6.501  8.770   1.00 20.65 ?  400 HOH A O   1 
HETATM 1350 O O   . HOH E 5 .   ? 12.077  3.530   12.944  1.00 16.25 ?  401 HOH A O   1 
HETATM 1351 O O   . HOH E 5 .   ? -13.179 3.607   -0.373  1.00 29.90 ?  402 HOH A O   1 
HETATM 1352 O O   . HOH E 5 .   ? 1.240   -6.804  12.900  1.00 33.33 ?  403 HOH A O   1 
HETATM 1353 O O   . HOH E 5 .   ? 17.907  -4.445  1.298   1.00 41.10 ?  404 HOH A O   1 
HETATM 1354 O O   . HOH E 5 .   ? 4.416   -10.834 -16.540 1.00 23.89 ?  405 HOH A O   1 
HETATM 1355 O O   . HOH E 5 .   ? -11.119 -7.181  3.957   1.00 29.27 ?  406 HOH A O   1 
HETATM 1356 O O   . HOH E 5 .   ? -5.968  -5.955  11.531  1.00 45.79 ?  407 HOH A O   1 
HETATM 1357 O O   . HOH E 5 .   ? -2.307  -4.747  17.734  1.00 34.44 ?  408 HOH A O   1 
HETATM 1358 O O   . HOH E 5 .   ? 11.180  -10.792 7.293   1.00 37.47 ?  409 HOH A O   1 
HETATM 1359 O O   . HOH E 5 .   ? 12.700  15.293  -9.100  1.00 43.36 ?  410 HOH A O   1 
HETATM 1360 O O   . HOH E 5 .   ? 14.254  13.140  -3.915  1.00 32.38 ?  411 HOH A O   1 
HETATM 1361 O O   . HOH E 5 .   ? 0.952   -6.124  16.499  1.00 34.46 ?  412 HOH A O   1 
HETATM 1362 O O   . HOH E 5 .   ? -7.702  10.770  5.441   1.00 39.46 ?  413 HOH A O   1 
HETATM 1363 O O   . HOH E 5 .   ? 1.309   21.087  -1.336  1.00 31.44 ?  414 HOH A O   1 
HETATM 1364 O O   . HOH E 5 .   ? 16.437  10.244  -1.004  1.00 37.05 ?  415 HOH A O   1 
HETATM 1365 O O   . HOH E 5 .   ? 11.089  -9.662  13.610  1.00 31.57 ?  416 HOH A O   1 
HETATM 1366 O O   . HOH E 5 .   ? -17.046 -8.985  0.975   1.00 45.67 ?  417 HOH A O   1 
HETATM 1367 O O   . HOH E 5 .   ? -20.815 -6.785  0.690   1.00 36.73 ?  418 HOH A O   1 
HETATM 1368 O O   . HOH E 5 .   ? 18.617  -4.479  -11.611 1.00 39.73 ?  419 HOH A O   1 
HETATM 1369 O O   . HOH E 5 .   ? -9.127  -4.618  17.573  1.00 38.46 ?  420 HOH A O   1 
HETATM 1370 O O   . HOH E 5 .   ? 12.419  11.366  -2.875  1.00 18.52 ?  421 HOH A O   1 
HETATM 1371 O O   . HOH E 5 .   ? -2.063  21.678  -5.039  1.00 30.07 ?  422 HOH A O   1 
HETATM 1372 O O   . HOH E 5 .   ? 11.586  15.217  -1.226  1.00 36.01 ?  423 HOH A O   1 
HETATM 1373 O O   . HOH E 5 .   ? -9.667  -1.291  13.446  1.00 38.77 ?  424 HOH A O   1 
HETATM 1374 O O   . HOH E 5 .   ? -11.899 -27.419 -5.170  1.00 37.44 ?  425 HOH A O   1 
HETATM 1375 O O   . HOH E 5 .   ? -1.229  8.074   -8.022  1.00 20.81 ?  426 HOH A O   1 
HETATM 1376 O O   . HOH E 5 .   ? 14.780  1.081   -13.822 1.00 44.59 ?  427 HOH A O   1 
HETATM 1377 O O   . HOH E 5 .   ? -15.223 -10.477 0.563   1.00 28.52 ?  428 HOH A O   1 
HETATM 1378 O O   . HOH E 5 .   ? 12.742  -10.008 8.984   1.00 40.82 ?  429 HOH A O   1 
HETATM 1379 O O   . HOH E 5 .   ? 9.550   -13.767 -1.988  1.00 23.29 ?  430 HOH A O   1 
HETATM 1380 O O   . HOH E 5 .   ? 17.791  14.254  3.296   1.00 36.88 ?  431 HOH A O   1 
HETATM 1381 O O   . HOH E 5 .   ? -13.079 1.987   -5.730  1.00 35.40 ?  432 HOH A O   1 
HETATM 1382 O O   . HOH E 5 .   ? 3.773   9.173   -11.835 1.00 38.05 ?  433 HOH A O   1 
HETATM 1383 O O   . HOH E 5 .   ? 14.589  -10.652 -2.369  1.00 22.72 ?  434 HOH A O   1 
HETATM 1384 O O   . HOH E 5 .   ? 4.449   20.025  2.680   1.00 46.63 ?  435 HOH A O   1 
HETATM 1385 O O   . HOH E 5 .   ? -8.466  15.730  7.313   1.00 40.14 ?  436 HOH A O   1 
HETATM 1386 O O   . HOH E 5 .   ? -4.206  10.917  6.496   1.00 33.23 ?  437 HOH A O   1 
HETATM 1387 O O   . HOH E 5 .   ? -1.009  12.419  -7.490  1.00 28.74 ?  438 HOH A O   1 
HETATM 1388 O O   . HOH E 5 .   ? -13.179 -4.582  2.246   1.00 35.13 ?  439 HOH A O   1 
HETATM 1389 O O   . HOH E 5 .   ? -0.530  8.824   -10.294 1.00 26.29 ?  440 HOH A O   1 
HETATM 1390 O O   . HOH E 5 .   ? -11.992 2.537   11.109  1.00 26.60 ?  441 HOH A O   1 
HETATM 1391 O O   . HOH E 5 .   ? 5.515   -3.932  -23.914 1.00 38.95 ?  442 HOH A O   1 
HETATM 1392 O O   . HOH E 5 .   ? -11.974 0.764   12.939  1.00 37.17 ?  443 HOH A O   1 
HETATM 1393 O O   . HOH F 5 .   ? 1.174   12.838  6.878   1.00 31.82 ?  201 HOH B O   1 
HETATM 1394 O O   . HOH F 5 .   ? 9.016   11.632  12.725  1.00 33.57 ?  202 HOH B O   1 
HETATM 1395 O O   . HOH F 5 .   ? 13.114  12.699  14.197  1.00 28.95 ?  203 HOH B O   1 
HETATM 1396 O O   . HOH F 5 .   ? 8.036   16.651  14.013  1.00 42.67 ?  204 HOH B O   1 
HETATM 1397 O O   . HOH F 5 .   ? 13.755  9.334   -1.447  1.00 15.01 ?  205 HOH B O   1 
HETATM 1398 O O   . HOH F 5 .   ? 11.636  15.988  1.438   1.00 38.64 ?  206 HOH B O   1 
HETATM 1399 O O   . HOH F 5 .   ? 5.163   18.601  6.785   1.00 28.09 ?  207 HOH B O   1 
HETATM 1400 O O   . HOH F 5 .   ? 17.431  14.715  8.744   1.00 27.32 ?  208 HOH B O   1 
HETATM 1401 O O   . HOH F 5 .   ? 13.536  8.634   15.935  1.00 13.45 ?  209 HOH B O   1 
HETATM 1402 O O   . HOH F 5 .   ? 10.603  10.478  10.988  1.00 20.90 ?  210 HOH B O   1 
HETATM 1403 O O   . HOH F 5 .   ? 15.110  14.769  12.606  1.00 22.54 ?  211 HOH B O   1 
HETATM 1404 O O   . HOH F 5 .   ? 14.933  14.065  1.306   1.00 36.10 ?  212 HOH B O   1 
HETATM 1405 O O   . HOH F 5 .   ? 16.502  12.099  1.763   1.00 22.82 ?  213 HOH B O   1 
HETATM 1406 O O   . HOH F 5 .   ? 0.528   10.018  5.781   1.00 31.49 ?  214 HOH B O   1 
HETATM 1407 O O   . HOH F 5 .   ? 7.521   11.114  17.745  1.00 27.40 ?  215 HOH B O   1 
HETATM 1408 O O   . HOH F 5 .   ? 14.679  11.179  16.023  1.00 23.51 ?  216 HOH B O   1 
# 
